data_3WVO
#
_entry.id   3WVO
#
_cell.length_a   207.304
_cell.length_b   132.529
_cell.length_c   102.962
_cell.angle_alpha   90.00
_cell.angle_beta   93.75
_cell.angle_gamma   90.00
#
_symmetry.space_group_name_H-M   'C 1 2 1'
#
loop_
_entity.id
_entity.type
_entity.pdbx_description
1 polymer 'CRISPR-associated protein, Cse1 family'
2 water water
#
_entity_poly.entity_id   1
_entity_poly.type   'polypeptide(L)'
_entity_poly.pdbx_seq_one_letter_code
;GSHMTTDAPSFNLITQPWLPVQYRDGTEKELSLLEVFKQAPLLRRLVGDVPTQEFALLRLLLAILHDAIGGPEDSDEWAE
LWTQDEAEQQLPFDCIASYLEQYYHRFDLLHPTTPFFQVADLHTQKNDVFSLDRIVADVPNGELFFTMRARGVDRLSFAE
AARWLVHAHAYDTSGIKSGAVGDPRAKGGKGYPQGVSWAGNLGGILVEGANLYETLLLNLVAFDTDNLIVTPEDRPAWRQ
PPTTAAPADDEELAQRPYGLCDLYTWQSRRIRLHYDADGVYGVLLAYGDPLAPHNKHNHEPMTAWRRSPAQEKKLKKPQV
YLPREHDPTRSAWRGLGALVAGEASGAEQRGEAAAIVRPRILDWVARLVNEGFLPEDYFIRTRLIGVSYGTQQAVIDEIV
DDHVAMAVVLLHERDSGLGRTAIKAVEDAEKAVTVLGGLAADLAKAAGADPETPRAAARDRGFGMLDGPFRTWLATLAPG
TDATERRRAWQQKAHRIISDLGRQLVAEAGEAAWNGRVIKGKNTDVWLNASRADLKFRAELKKELPMATSEQTGEAAS
;
_entity_poly.pdbx_strand_id   A,B,C
#
# COMPACT_ATOMS: atom_id res chain seq x y z
N MET A 4 -12.99 24.23 -52.83
CA MET A 4 -13.96 23.29 -52.20
C MET A 4 -13.30 22.05 -51.58
N THR A 5 -12.18 21.62 -52.18
CA THR A 5 -11.31 20.61 -51.55
C THR A 5 -10.60 21.31 -50.40
N THR A 6 -10.61 22.66 -50.41
CA THR A 6 -10.10 23.49 -49.29
C THR A 6 -10.87 23.18 -47.98
N ASP A 7 -12.17 22.87 -48.11
CA ASP A 7 -13.00 22.40 -47.00
C ASP A 7 -12.68 20.97 -46.57
N ALA A 8 -12.19 20.17 -47.52
CA ALA A 8 -11.86 18.77 -47.28
C ALA A 8 -10.60 18.54 -46.40
N PRO A 9 -9.67 19.53 -46.29
CA PRO A 9 -8.72 19.58 -45.15
C PRO A 9 -9.18 20.52 -44.03
N SER A 10 -10.48 20.60 -43.82
CA SER A 10 -11.00 21.65 -43.02
C SER A 10 -10.55 21.56 -41.57
N PHE A 11 -9.96 20.46 -41.13
CA PHE A 11 -9.80 20.31 -39.65
C PHE A 11 -8.41 20.58 -39.03
N ASN A 12 -8.12 21.87 -38.83
CA ASN A 12 -6.85 22.27 -38.26
C ASN A 12 -6.94 22.43 -36.75
N LEU A 13 -6.11 21.71 -36.03
CA LEU A 13 -6.34 21.62 -34.59
C LEU A 13 -5.95 22.88 -33.84
N ILE A 14 -5.35 23.84 -34.52
CA ILE A 14 -5.06 25.09 -33.85
C ILE A 14 -6.36 25.87 -33.61
N THR A 15 -7.32 25.75 -34.54
CA THR A 15 -8.47 26.66 -34.61
C THR A 15 -9.87 26.07 -34.30
N GLN A 16 -10.13 24.82 -34.69
CA GLN A 16 -11.41 24.17 -34.39
C GLN A 16 -11.41 23.56 -32.99
N PRO A 17 -12.61 23.48 -32.36
CA PRO A 17 -12.74 22.81 -31.07
C PRO A 17 -12.60 21.30 -31.19
N TRP A 18 -11.75 20.74 -30.33
CA TRP A 18 -11.56 19.29 -30.22
C TRP A 18 -11.12 18.80 -28.83
N LEU A 19 -10.55 19.69 -28.04
CA LEU A 19 -10.06 19.38 -26.71
C LEU A 19 -11.11 19.72 -25.65
N PRO A 20 -11.69 18.69 -25.02
CA PRO A 20 -12.78 18.87 -24.06
C PRO A 20 -12.20 19.23 -22.71
N VAL A 21 -12.75 20.31 -22.14
CA VAL A 21 -12.21 20.94 -20.96
C VAL A 21 -13.32 21.23 -19.98
N GLN A 22 -12.91 21.54 -18.76
CA GLN A 22 -13.84 21.77 -17.68
C GLN A 22 -13.49 23.03 -16.91
N TYR A 23 -14.30 24.07 -17.09
CA TYR A 23 -14.07 25.33 -16.40
C TYR A 23 -14.36 25.20 -14.93
N ARG A 24 -13.84 26.13 -14.14
CA ARG A 24 -14.01 26.04 -12.71
C ARG A 24 -15.47 26.05 -12.26
N ASP A 25 -16.27 26.94 -12.86
CA ASP A 25 -17.73 26.97 -12.63
C ASP A 25 -18.45 25.82 -13.35
N GLY A 26 -17.88 24.62 -13.31
CA GLY A 26 -18.57 23.43 -13.83
C GLY A 26 -18.60 23.19 -15.34
N THR A 27 -18.94 24.24 -16.11
CA THR A 27 -19.07 24.23 -17.60
C THR A 27 -18.12 23.30 -18.38
N GLU A 28 -18.67 22.60 -19.36
CA GLU A 28 -17.86 21.76 -20.25
C GLU A 28 -18.07 22.12 -21.74
N LYS A 29 -16.98 22.06 -22.50
CA LYS A 29 -16.87 22.65 -23.82
C LYS A 29 -15.66 22.00 -24.44
N GLU A 30 -15.62 21.87 -25.76
CA GLU A 30 -14.37 21.48 -26.45
C GLU A 30 -13.72 22.75 -26.97
N LEU A 31 -12.40 22.80 -27.02
CA LEU A 31 -11.71 24.00 -27.51
C LEU A 31 -10.56 23.68 -28.45
N SER A 32 -10.16 24.70 -29.22
CA SER A 32 -8.97 24.66 -30.10
C SER A 32 -7.72 24.64 -29.26
N LEU A 33 -6.58 24.43 -29.89
CA LEU A 33 -5.34 24.59 -29.17
C LEU A 33 -5.18 26.03 -28.72
N LEU A 34 -5.34 26.95 -29.65
CA LEU A 34 -5.22 28.37 -29.36
C LEU A 34 -5.92 28.72 -28.09
N GLU A 35 -7.18 28.32 -27.98
CA GLU A 35 -7.97 28.86 -26.91
C GLU A 35 -7.62 28.25 -25.58
N VAL A 36 -7.29 26.97 -25.59
CA VAL A 36 -6.85 26.30 -24.38
C VAL A 36 -5.71 27.08 -23.73
N PHE A 37 -4.76 27.50 -24.56
CA PHE A 37 -3.66 28.27 -24.05
C PHE A 37 -4.15 29.61 -23.50
N LYS A 38 -5.02 30.28 -24.25
CA LYS A 38 -5.60 31.54 -23.81
C LYS A 38 -6.33 31.37 -22.46
N GLN A 39 -7.18 30.36 -22.34
CA GLN A 39 -8.09 30.27 -21.22
C GLN A 39 -7.54 29.49 -20.02
N ALA A 40 -6.47 28.72 -20.23
CA ALA A 40 -5.86 27.85 -19.21
C ALA A 40 -6.09 28.18 -17.71
N PRO A 41 -5.92 29.47 -17.30
CA PRO A 41 -6.07 29.76 -15.86
C PRO A 41 -7.51 29.65 -15.36
N LEU A 42 -8.42 29.37 -16.30
CA LEU A 42 -9.84 29.39 -16.02
C LEU A 42 -10.43 27.98 -16.04
N LEU A 43 -9.62 27.02 -16.44
CA LEU A 43 -10.05 25.65 -16.54
C LEU A 43 -9.43 24.92 -15.41
N ARG A 44 -10.13 24.01 -14.72
CA ARG A 44 -9.37 23.11 -13.82
C ARG A 44 -8.60 22.06 -14.64
N ARG A 45 -9.28 21.38 -15.55
CA ARG A 45 -8.58 20.36 -16.31
C ARG A 45 -9.13 20.12 -17.68
N LEU A 46 -8.50 19.15 -18.35
CA LEU A 46 -9.03 18.51 -19.55
C LEU A 46 -9.89 17.35 -19.10
N VAL A 47 -10.77 16.92 -19.99
CA VAL A 47 -11.70 15.87 -19.74
C VAL A 47 -11.41 14.94 -20.92
N GLY A 48 -10.53 13.97 -20.73
CA GLY A 48 -10.25 13.02 -21.80
C GLY A 48 -11.42 12.06 -21.89
N ASP A 49 -11.75 11.62 -23.11
CA ASP A 49 -12.65 10.49 -23.33
C ASP A 49 -12.30 9.31 -22.43
N VAL A 50 -11.06 9.36 -21.93
CA VAL A 50 -10.41 8.31 -21.14
C VAL A 50 -9.09 8.91 -20.57
N PRO A 51 -8.86 8.77 -19.27
CA PRO A 51 -7.77 9.31 -18.43
C PRO A 51 -6.37 9.30 -19.06
N THR A 52 -6.15 8.34 -19.90
CA THR A 52 -4.90 8.17 -20.54
C THR A 52 -4.71 9.25 -21.62
N GLN A 53 -5.79 9.51 -22.37
CA GLN A 53 -5.93 10.71 -23.17
C GLN A 53 -5.44 11.99 -22.47
N GLU A 54 -5.97 12.33 -21.29
CA GLU A 54 -5.53 13.52 -20.52
C GLU A 54 -4.01 13.59 -20.38
N PHE A 55 -3.39 12.44 -20.08
CA PHE A 55 -1.92 12.36 -19.96
C PHE A 55 -1.22 12.72 -21.28
N ALA A 56 -1.55 11.99 -22.35
CA ALA A 56 -0.96 12.14 -23.69
C ALA A 56 -1.14 13.52 -24.27
N LEU A 57 -2.33 14.09 -24.11
CA LEU A 57 -2.64 15.45 -24.56
C LEU A 57 -1.83 16.45 -23.79
N LEU A 58 -1.81 16.35 -22.47
CA LEU A 58 -1.00 17.22 -21.65
C LEU A 58 0.43 17.30 -22.16
N ARG A 59 0.93 16.13 -22.53
CA ARG A 59 2.28 16.01 -23.04
C ARG A 59 2.41 16.73 -24.39
N LEU A 60 1.40 16.55 -25.23
CA LEU A 60 1.34 17.29 -26.48
C LEU A 60 1.34 18.79 -26.20
N LEU A 61 0.65 19.24 -25.16
CA LEU A 61 0.66 20.66 -24.83
C LEU A 61 2.04 21.11 -24.37
N LEU A 62 2.66 20.30 -23.50
CA LEU A 62 3.97 20.62 -22.96
C LEU A 62 5.05 20.70 -24.04
N ALA A 63 4.96 19.79 -25.01
CA ALA A 63 5.84 19.87 -26.17
C ALA A 63 5.65 21.18 -26.89
N ILE A 64 4.40 21.61 -27.08
CA ILE A 64 4.18 22.89 -27.73
C ILE A 64 4.82 24.05 -26.95
N LEU A 65 4.39 24.19 -25.69
CA LEU A 65 5.03 25.06 -24.70
C LEU A 65 6.55 25.03 -24.76
N HIS A 66 7.12 23.86 -24.44
CA HIS A 66 8.56 23.70 -24.46
C HIS A 66 9.16 24.33 -25.68
N ASP A 67 8.67 23.98 -26.87
CA ASP A 67 9.23 24.53 -28.09
C ASP A 67 9.00 26.01 -28.27
N ALA A 68 7.76 26.47 -28.10
CA ALA A 68 7.37 27.89 -28.31
C ALA A 68 8.16 28.92 -27.47
N ILE A 69 8.96 28.40 -26.55
CA ILE A 69 9.79 29.21 -25.65
C ILE A 69 11.25 28.88 -25.84
N GLY A 70 11.50 27.75 -26.47
CA GLY A 70 12.79 27.11 -26.39
C GLY A 70 12.98 26.80 -24.93
N GLY A 71 11.86 26.35 -24.31
CA GLY A 71 11.74 25.71 -22.98
C GLY A 71 12.57 26.32 -21.85
N PRO A 72 12.18 26.06 -20.60
CA PRO A 72 12.91 26.74 -19.52
C PRO A 72 14.31 26.18 -19.42
N GLU A 73 15.32 27.01 -19.64
CA GLU A 73 16.71 26.56 -19.56
C GLU A 73 17.13 26.49 -18.08
N ASP A 74 16.91 27.59 -17.36
CA ASP A 74 17.09 27.68 -15.91
C ASP A 74 15.77 27.41 -15.20
N SER A 75 15.83 27.31 -13.89
CA SER A 75 14.62 27.47 -13.09
C SER A 75 14.37 28.96 -12.95
N ASP A 76 15.44 29.74 -13.04
CA ASP A 76 15.33 31.19 -13.05
C ASP A 76 14.49 31.69 -14.22
N GLU A 77 14.74 31.10 -15.38
CA GLU A 77 13.94 31.37 -16.57
C GLU A 77 12.47 30.94 -16.40
N TRP A 78 12.24 29.68 -15.99
CA TRP A 78 10.90 29.17 -15.68
C TRP A 78 10.13 30.10 -14.73
N ALA A 79 10.85 30.59 -13.74
CA ALA A 79 10.29 31.40 -12.67
C ALA A 79 9.50 32.59 -13.15
N GLU A 80 9.94 33.21 -14.26
CA GLU A 80 9.33 34.45 -14.80
C GLU A 80 7.95 34.24 -15.42
N LEU A 81 7.65 32.96 -15.66
CA LEU A 81 6.38 32.55 -16.22
C LEU A 81 5.27 32.34 -15.21
N TRP A 82 5.58 32.46 -13.93
CA TRP A 82 4.78 31.86 -12.86
C TRP A 82 4.45 32.77 -11.69
N THR A 83 3.17 33.15 -11.51
CA THR A 83 2.69 33.64 -10.20
C THR A 83 1.59 32.76 -9.70
N GLN A 84 1.37 32.89 -8.41
CA GLN A 84 0.28 32.25 -7.80
C GLN A 84 -0.88 33.22 -7.79
N ASP A 85 -0.59 34.48 -8.03
CA ASP A 85 -1.64 35.46 -8.10
C ASP A 85 -2.74 35.05 -9.09
N GLU A 86 -3.90 34.74 -8.53
CA GLU A 86 -5.07 34.22 -9.24
C GLU A 86 -5.49 35.17 -10.33
N ALA A 87 -5.43 36.47 -10.03
CA ALA A 87 -5.82 37.53 -10.98
C ALA A 87 -4.88 37.67 -12.18
N GLU A 88 -3.62 37.25 -12.00
CA GLU A 88 -2.55 37.51 -12.95
C GLU A 88 -2.07 36.37 -13.84
N GLN A 89 -1.96 35.15 -13.31
CA GLN A 89 -1.49 34.05 -14.15
C GLN A 89 -2.00 34.13 -15.61
N GLN A 90 -1.12 34.35 -16.58
CA GLN A 90 -1.41 33.90 -17.95
C GLN A 90 -0.25 33.04 -18.41
N LEU A 91 -0.45 32.35 -19.54
CA LEU A 91 0.65 31.68 -20.21
C LEU A 91 1.26 32.74 -21.08
N PRO A 92 2.25 32.38 -21.93
CA PRO A 92 2.76 33.33 -22.93
C PRO A 92 2.03 33.23 -24.25
N PHE A 93 0.73 33.47 -24.23
CA PHE A 93 -0.11 33.33 -25.40
C PHE A 93 0.56 33.90 -26.64
N ASP A 94 1.31 35.00 -26.45
CA ASP A 94 1.96 35.67 -27.56
C ASP A 94 3.13 34.92 -28.21
N CYS A 95 4.09 34.44 -27.41
CA CYS A 95 5.08 33.51 -27.96
C CYS A 95 4.36 32.36 -28.65
N ILE A 96 3.33 31.80 -27.99
CA ILE A 96 2.57 30.60 -28.44
C ILE A 96 1.85 30.72 -29.78
N ALA A 97 0.92 31.67 -29.88
CA ALA A 97 0.25 32.00 -31.14
C ALA A 97 1.24 32.06 -32.31
N SER A 98 2.31 32.84 -32.13
CA SER A 98 3.38 33.01 -33.12
C SER A 98 4.03 31.71 -33.53
N TYR A 99 4.35 30.89 -32.53
CA TYR A 99 4.87 29.56 -32.78
C TYR A 99 3.90 28.75 -33.66
N LEU A 100 2.64 28.67 -33.25
CA LEU A 100 1.62 27.93 -34.01
C LEU A 100 1.30 28.55 -35.36
N GLU A 101 1.28 29.88 -35.44
CA GLU A 101 1.17 30.59 -36.71
C GLU A 101 2.12 30.01 -37.75
N GLN A 102 3.37 29.75 -37.35
CA GLN A 102 4.37 29.17 -38.24
C GLN A 102 4.00 27.81 -38.79
N TYR A 103 3.51 26.93 -37.94
CA TYR A 103 3.34 25.57 -38.39
C TYR A 103 1.91 25.25 -38.63
N TYR A 104 1.19 26.23 -39.17
CA TYR A 104 -0.23 26.06 -39.36
C TYR A 104 -0.51 24.75 -40.10
N HIS A 105 0.33 24.47 -41.09
CA HIS A 105 0.01 23.44 -42.07
C HIS A 105 0.29 21.99 -41.66
N ARG A 106 1.11 21.83 -40.63
CA ARG A 106 1.38 20.50 -40.05
C ARG A 106 0.31 20.06 -39.04
N PHE A 107 -0.41 21.02 -38.47
CA PHE A 107 -1.47 20.78 -37.49
C PHE A 107 -2.84 20.52 -38.10
N ASP A 108 -2.89 20.45 -39.43
CA ASP A 108 -4.11 20.05 -40.06
C ASP A 108 -4.20 18.56 -40.10
N LEU A 109 -5.27 18.05 -39.50
CA LEU A 109 -5.53 16.63 -39.41
C LEU A 109 -5.86 16.10 -40.80
N LEU A 110 -6.69 16.82 -41.54
CA LEU A 110 -7.08 16.35 -42.85
C LEU A 110 -6.18 16.82 -44.03
N HIS A 111 -4.96 17.24 -43.72
CA HIS A 111 -4.02 17.75 -44.70
C HIS A 111 -3.65 16.69 -45.72
N PRO A 112 -3.74 17.07 -47.03
CA PRO A 112 -3.43 16.36 -48.28
C PRO A 112 -2.10 15.63 -48.30
N THR A 113 -1.01 16.23 -47.81
CA THR A 113 0.19 15.41 -47.52
C THR A 113 0.79 15.50 -46.09
N THR A 114 0.87 16.69 -45.52
CA THR A 114 1.47 16.81 -44.20
C THR A 114 0.40 16.71 -43.08
N PRO A 115 -0.35 15.60 -43.03
CA PRO A 115 -1.42 15.73 -42.10
C PRO A 115 -0.85 15.39 -40.76
N PHE A 116 -1.58 15.78 -39.73
CA PHE A 116 -1.09 15.74 -38.39
C PHE A 116 -0.96 14.31 -37.92
N PHE A 117 0.20 13.95 -37.38
CA PHE A 117 0.37 12.64 -36.72
C PHE A 117 0.04 11.39 -37.53
N GLN A 118 0.02 11.56 -38.85
CA GLN A 118 -0.24 10.49 -39.78
C GLN A 118 0.55 10.56 -41.10
N VAL A 119 0.75 9.40 -41.71
CA VAL A 119 1.31 9.33 -43.04
C VAL A 119 0.15 9.42 -44.02
N ALA A 120 0.13 10.46 -44.85
CA ALA A 120 -0.96 10.71 -45.78
C ALA A 120 -1.18 9.53 -46.73
N ASP A 121 -0.14 8.70 -46.87
CA ASP A 121 -0.01 7.76 -47.98
C ASP A 121 -0.13 6.27 -47.63
N LEU A 122 -0.55 5.99 -46.42
CA LEU A 122 -0.49 4.64 -45.93
C LEU A 122 -1.58 3.78 -46.54
N HIS A 123 -1.17 2.62 -47.03
CA HIS A 123 -2.12 1.58 -47.42
C HIS A 123 -1.50 0.22 -47.10
N THR A 124 -2.36 -0.78 -46.95
CA THR A 124 -1.92 -2.16 -46.98
C THR A 124 -1.93 -2.48 -48.47
N GLN A 125 -1.60 -3.70 -48.84
CA GLN A 125 -1.56 -3.99 -50.25
C GLN A 125 -2.91 -3.91 -50.93
N LYS A 126 -3.97 -4.30 -50.23
CA LYS A 126 -5.32 -4.21 -50.80
C LYS A 126 -6.05 -2.93 -50.44
N ASN A 127 -5.33 -1.92 -49.95
CA ASN A 127 -5.94 -0.71 -49.36
C ASN A 127 -7.09 -1.06 -48.44
N ASP A 128 -6.83 -1.93 -47.47
CA ASP A 128 -7.85 -2.32 -46.49
C ASP A 128 -7.98 -1.23 -45.47
N VAL A 129 -9.22 -0.85 -45.20
CA VAL A 129 -9.55 0.19 -44.25
C VAL A 129 -10.18 -0.43 -43.00
N PHE A 130 -9.45 -0.38 -41.90
CA PHE A 130 -9.94 -0.97 -40.68
C PHE A 130 -10.83 -0.04 -39.88
N SER A 131 -11.70 -0.65 -39.09
CA SER A 131 -12.65 0.06 -38.26
C SER A 131 -11.88 0.78 -37.14
N LEU A 132 -12.57 1.56 -36.31
CA LEU A 132 -11.83 2.40 -35.38
C LEU A 132 -11.61 1.76 -34.00
N ASP A 133 -12.14 0.56 -33.77
CA ASP A 133 -11.85 -0.23 -32.55
C ASP A 133 -10.35 -0.24 -32.29
N ARG A 134 -9.68 -0.10 -33.44
CA ARG A 134 -8.24 0.08 -33.58
C ARG A 134 -7.61 1.24 -32.81
N ILE A 135 -8.25 2.39 -32.75
CA ILE A 135 -7.71 3.54 -32.03
C ILE A 135 -8.43 3.75 -30.69
N VAL A 136 -9.76 3.60 -30.73
CA VAL A 136 -10.63 3.64 -29.56
C VAL A 136 -10.25 2.54 -28.56
N ALA A 137 -10.01 2.98 -27.32
CA ALA A 137 -9.44 2.13 -26.29
C ALA A 137 -10.41 1.28 -25.45
N ASP A 138 -11.58 1.82 -25.10
CA ASP A 138 -12.59 0.99 -24.42
C ASP A 138 -13.29 0.05 -25.39
N VAL A 139 -12.83 0.03 -26.65
CA VAL A 139 -13.35 -0.88 -27.66
C VAL A 139 -12.29 -1.78 -28.30
N PRO A 140 -12.49 -3.10 -28.15
CA PRO A 140 -11.76 -4.23 -28.74
C PRO A 140 -11.97 -4.43 -30.23
N ASN A 141 -11.03 -5.10 -30.90
CA ASN A 141 -11.14 -5.31 -32.36
C ASN A 141 -12.27 -6.27 -32.66
N GLY A 142 -13.23 -5.84 -33.46
CA GLY A 142 -14.38 -6.70 -33.78
C GLY A 142 -13.97 -8.09 -34.23
N GLU A 143 -12.92 -8.14 -35.03
CA GLU A 143 -12.26 -9.36 -35.47
C GLU A 143 -12.21 -10.48 -34.42
N LEU A 144 -12.11 -10.08 -33.15
CA LEU A 144 -11.72 -10.97 -32.09
C LEU A 144 -12.94 -11.57 -31.45
N PHE A 145 -14.04 -10.82 -31.57
CA PHE A 145 -15.36 -11.23 -31.11
C PHE A 145 -16.30 -11.61 -32.23
N PHE A 146 -15.94 -11.29 -33.46
CA PHE A 146 -16.72 -11.68 -34.62
C PHE A 146 -18.00 -10.83 -34.71
N THR A 147 -17.90 -9.52 -34.53
CA THR A 147 -19.13 -8.70 -34.47
C THR A 147 -19.44 -7.84 -35.69
N MET A 148 -20.61 -8.12 -36.26
CA MET A 148 -21.31 -7.24 -37.21
C MET A 148 -22.09 -6.18 -36.40
N ARG A 149 -22.64 -6.60 -35.26
CA ARG A 149 -23.14 -5.74 -34.17
C ARG A 149 -22.32 -4.43 -34.01
N ALA A 150 -22.90 -3.30 -34.41
CA ALA A 150 -22.23 -1.97 -34.35
C ALA A 150 -22.07 -1.44 -32.89
N ARG A 151 -20.98 -0.71 -32.58
CA ARG A 151 -20.76 -0.25 -31.17
C ARG A 151 -20.38 1.22 -30.96
N GLY A 152 -20.99 2.12 -31.72
CA GLY A 152 -20.75 3.57 -31.57
C GLY A 152 -19.41 4.02 -32.13
N VAL A 153 -18.76 3.10 -32.84
CA VAL A 153 -17.38 3.24 -33.27
C VAL A 153 -17.28 3.04 -34.77
N ASP A 154 -18.43 2.97 -35.43
CA ASP A 154 -18.45 2.96 -36.87
C ASP A 154 -18.00 4.32 -37.39
N ARG A 155 -18.51 5.37 -36.76
CA ARG A 155 -18.21 6.78 -37.10
C ARG A 155 -17.74 7.52 -35.84
N LEU A 156 -16.71 8.36 -35.98
CA LEU A 156 -16.32 9.29 -34.90
C LEU A 156 -16.26 10.68 -35.45
N SER A 157 -16.36 11.66 -34.55
CA SER A 157 -16.25 13.06 -34.97
C SER A 157 -14.79 13.39 -35.21
N PHE A 158 -14.56 14.29 -36.16
CA PHE A 158 -13.22 14.79 -36.42
C PHE A 158 -12.50 15.11 -35.12
N ALA A 159 -13.22 15.74 -34.20
CA ALA A 159 -12.66 16.08 -32.92
C ALA A 159 -12.22 14.82 -32.16
N GLU A 160 -13.15 13.93 -31.87
CA GLU A 160 -12.86 12.77 -31.04
C GLU A 160 -11.82 11.88 -31.68
N ALA A 161 -11.90 11.72 -33.01
CA ALA A 161 -10.88 11.01 -33.77
C ALA A 161 -9.47 11.56 -33.46
N ALA A 162 -9.28 12.88 -33.56
CA ALA A 162 -7.98 13.51 -33.24
C ALA A 162 -7.42 13.09 -31.90
N ARG A 163 -8.26 13.18 -30.86
CA ARG A 163 -7.98 12.71 -29.50
C ARG A 163 -7.34 11.33 -29.45
N TRP A 164 -8.13 10.34 -29.87
CA TRP A 164 -7.69 8.97 -29.97
C TRP A 164 -6.41 8.83 -30.77
N LEU A 165 -6.29 9.60 -31.88
CA LEU A 165 -5.08 9.52 -32.72
C LEU A 165 -3.82 9.78 -31.89
N VAL A 166 -3.81 10.92 -31.18
CA VAL A 166 -2.74 11.27 -30.24
C VAL A 166 -2.58 10.21 -29.18
N HIS A 167 -3.70 9.82 -28.58
CA HIS A 167 -3.68 8.78 -27.61
C HIS A 167 -2.99 7.48 -28.10
N ALA A 168 -3.40 6.99 -29.26
CA ALA A 168 -2.85 5.80 -29.84
C ALA A 168 -1.30 5.78 -29.93
N HIS A 169 -0.72 6.94 -30.19
CA HIS A 169 0.71 7.01 -30.44
C HIS A 169 1.46 6.80 -29.15
N ALA A 170 0.70 7.01 -28.08
CA ALA A 170 1.20 7.07 -26.70
C ALA A 170 1.09 5.71 -26.10
N TYR A 171 -0.07 5.10 -26.39
CA TYR A 171 -0.64 4.07 -25.60
C TYR A 171 -1.19 2.98 -26.51
N ASP A 172 -0.43 2.03 -26.99
CA ASP A 172 -1.11 1.11 -27.90
C ASP A 172 -0.48 -0.26 -27.86
N THR A 173 -1.35 -1.26 -27.97
CA THR A 173 -0.99 -2.63 -27.76
C THR A 173 0.09 -3.10 -28.71
N SER A 174 0.81 -4.12 -28.26
CA SER A 174 1.84 -4.72 -29.03
C SER A 174 1.31 -5.91 -29.85
N GLY A 175 0.19 -5.68 -30.55
CA GLY A 175 -0.37 -6.69 -31.45
C GLY A 175 0.52 -7.12 -32.63
N ILE A 176 0.04 -8.09 -33.39
CA ILE A 176 0.44 -8.16 -34.77
C ILE A 176 -0.45 -7.11 -35.39
N LYS A 177 0.11 -6.07 -35.96
CA LYS A 177 -0.75 -5.09 -36.60
C LYS A 177 -0.70 -5.32 -38.08
N SER A 178 -1.45 -4.54 -38.85
CA SER A 178 -1.46 -4.70 -40.30
C SER A 178 -0.20 -4.08 -40.87
N GLY A 179 0.27 -4.61 -42.00
CA GLY A 179 1.51 -4.14 -42.63
C GLY A 179 1.43 -3.00 -43.63
N ALA A 180 2.15 -1.92 -43.31
CA ALA A 180 2.26 -0.77 -44.19
C ALA A 180 3.11 -1.13 -45.42
N VAL A 181 2.61 -0.75 -46.59
CA VAL A 181 3.40 -0.88 -47.80
C VAL A 181 4.51 0.13 -47.68
N GLY A 182 5.72 -0.27 -48.06
CA GLY A 182 6.88 0.62 -47.96
C GLY A 182 7.52 0.48 -46.59
N ASP A 183 6.89 -0.31 -45.72
CA ASP A 183 7.47 -0.70 -44.44
C ASP A 183 8.43 -1.86 -44.71
N PRO A 184 9.74 -1.67 -44.45
CA PRO A 184 10.68 -2.73 -44.78
C PRO A 184 10.61 -3.87 -43.78
N ARG A 185 9.56 -3.87 -42.95
CA ARG A 185 9.32 -4.91 -41.95
C ARG A 185 8.06 -5.70 -42.25
N ALA A 186 7.12 -5.09 -42.99
CA ALA A 186 5.93 -5.79 -43.46
C ALA A 186 6.25 -7.09 -44.19
N LYS A 187 6.67 -8.07 -43.39
CA LYS A 187 6.55 -9.47 -43.73
C LYS A 187 5.11 -9.80 -44.15
N GLY A 188 4.92 -10.00 -45.47
CA GLY A 188 3.64 -10.36 -46.06
C GLY A 188 2.44 -9.62 -45.48
N GLY A 189 2.46 -8.29 -45.56
CA GLY A 189 1.29 -7.48 -45.21
C GLY A 189 0.93 -7.42 -43.74
N LYS A 190 1.78 -7.97 -42.89
CA LYS A 190 1.56 -7.79 -41.48
C LYS A 190 2.75 -7.18 -40.77
N GLY A 191 2.49 -6.66 -39.59
CA GLY A 191 3.54 -6.14 -38.77
C GLY A 191 3.67 -6.97 -37.53
N TYR A 192 4.79 -7.66 -37.37
CA TYR A 192 4.85 -8.56 -36.24
C TYR A 192 5.14 -7.72 -35.01
N PRO A 193 4.88 -8.28 -33.80
CA PRO A 193 4.83 -7.42 -32.62
C PRO A 193 6.12 -6.63 -32.44
N GLN A 194 6.00 -5.34 -32.20
CA GLN A 194 7.18 -4.52 -31.95
C GLN A 194 7.15 -3.80 -30.57
N GLY A 195 6.34 -4.27 -29.64
CA GLY A 195 6.18 -3.58 -28.35
C GLY A 195 5.12 -2.48 -28.31
N VAL A 196 4.56 -2.29 -27.10
CA VAL A 196 3.63 -1.18 -26.80
C VAL A 196 4.17 0.22 -27.10
N SER A 197 3.32 1.17 -27.49
CA SER A 197 3.83 2.54 -27.74
C SER A 197 4.39 3.22 -26.49
N TRP A 198 5.12 4.34 -26.62
CA TRP A 198 6.06 4.71 -25.57
C TRP A 198 5.44 4.92 -24.19
N ALA A 199 4.40 5.74 -24.11
CA ALA A 199 3.82 6.10 -22.83
C ALA A 199 3.26 4.89 -22.13
N GLY A 200 3.01 3.84 -22.91
CA GLY A 200 2.54 2.61 -22.38
C GLY A 200 3.61 1.86 -21.62
N ASN A 201 4.88 2.29 -21.68
CA ASN A 201 5.90 1.63 -20.87
C ASN A 201 5.97 2.26 -19.52
N LEU A 202 5.29 3.37 -19.33
CA LEU A 202 5.50 4.12 -18.11
C LEU A 202 4.39 3.96 -17.11
N GLY A 203 4.80 3.71 -15.87
CA GLY A 203 3.95 4.10 -14.74
C GLY A 203 3.97 5.62 -14.63
N GLY A 204 3.11 6.27 -15.42
CA GLY A 204 3.20 7.70 -15.69
C GLY A 204 2.84 8.56 -14.52
N ILE A 205 3.43 9.76 -14.47
CA ILE A 205 3.28 10.70 -13.35
C ILE A 205 3.30 12.19 -13.77
N LEU A 206 2.17 12.91 -13.68
CA LEU A 206 2.12 14.37 -13.86
C LEU A 206 1.84 15.02 -12.57
N VAL A 207 2.06 16.33 -12.53
CA VAL A 207 1.67 17.15 -11.38
C VAL A 207 0.43 18.01 -11.73
N GLU A 208 -0.51 18.15 -10.80
CA GLU A 208 -1.72 18.90 -11.09
C GLU A 208 -1.80 20.01 -10.06
N GLY A 209 -2.26 21.18 -10.52
CA GLY A 209 -2.60 22.33 -9.68
C GLY A 209 -4.10 22.57 -9.65
N ALA A 210 -4.51 23.76 -9.22
CA ALA A 210 -5.93 24.11 -9.12
C ALA A 210 -6.57 24.44 -10.46
N ASN A 211 -5.78 24.98 -11.39
CA ASN A 211 -6.26 25.19 -12.73
C ASN A 211 -5.33 24.53 -13.73
N LEU A 212 -5.63 24.72 -15.01
CA LEU A 212 -4.83 24.12 -16.04
C LEU A 212 -3.49 24.84 -16.18
N TYR A 213 -3.53 26.17 -16.05
CA TYR A 213 -2.33 26.97 -16.12
C TYR A 213 -1.28 26.40 -15.16
N GLU A 214 -1.64 26.28 -13.89
CA GLU A 214 -0.75 25.73 -12.89
C GLU A 214 -0.30 24.30 -13.29
N THR A 215 -1.26 23.43 -13.60
CA THR A 215 -0.92 22.09 -14.08
C THR A 215 0.21 22.14 -15.14
N LEU A 216 0.05 22.99 -16.16
CA LEU A 216 1.03 23.05 -17.23
C LEU A 216 2.41 23.44 -16.78
N LEU A 217 2.48 24.55 -16.05
CA LEU A 217 3.79 25.08 -15.66
C LEU A 217 4.52 24.15 -14.73
N LEU A 218 3.79 23.56 -13.78
CA LEU A 218 4.41 22.74 -12.80
C LEU A 218 5.13 21.58 -13.47
N ASN A 219 4.69 21.20 -14.66
CA ASN A 219 5.25 20.06 -15.35
C ASN A 219 6.23 20.46 -16.38
N LEU A 220 6.54 21.75 -16.42
CA LEU A 220 7.43 22.25 -17.46
C LEU A 220 8.90 22.30 -16.99
N VAL A 221 9.54 21.15 -16.99
CA VAL A 221 10.90 20.98 -16.45
C VAL A 221 11.99 21.87 -17.08
N ALA A 222 12.85 22.46 -16.28
CA ALA A 222 14.02 23.13 -16.84
C ALA A 222 15.05 22.12 -17.40
N PHE A 223 15.59 22.44 -18.56
CA PHE A 223 16.52 21.54 -19.23
C PHE A 223 17.83 21.28 -18.45
N ASP A 224 18.20 22.22 -17.58
CA ASP A 224 19.38 22.04 -16.77
C ASP A 224 19.18 21.02 -15.62
N THR A 225 17.95 20.55 -15.36
CA THR A 225 17.70 19.70 -14.18
C THR A 225 18.66 18.50 -14.12
N ASP A 226 19.20 18.22 -12.94
CA ASP A 226 20.14 17.11 -12.71
C ASP A 226 19.67 15.87 -13.43
N ASN A 227 20.48 15.28 -14.29
CA ASN A 227 20.13 13.98 -14.91
C ASN A 227 18.88 14.00 -15.83
N LEU A 228 18.92 14.97 -16.74
CA LEU A 228 17.96 15.13 -17.81
C LEU A 228 18.75 15.42 -19.03
N ILE A 229 18.26 14.96 -20.17
CA ILE A 229 19.04 15.08 -21.37
C ILE A 229 18.28 15.79 -22.50
N VAL A 230 18.67 17.02 -22.80
CA VAL A 230 17.97 17.81 -23.80
C VAL A 230 18.96 18.41 -24.79
N THR A 231 19.22 17.66 -25.85
CA THR A 231 20.07 18.11 -26.93
C THR A 231 19.41 19.29 -27.64
N PRO A 232 20.22 20.31 -27.99
CA PRO A 232 19.76 21.51 -28.69
C PRO A 232 18.86 21.37 -29.94
N GLU A 233 18.88 20.23 -30.63
CA GLU A 233 18.02 20.06 -31.84
C GLU A 233 16.72 19.34 -31.51
N ASP A 234 16.48 19.16 -30.22
CA ASP A 234 15.25 18.60 -29.71
C ASP A 234 14.08 19.34 -30.35
N ARG A 235 13.17 18.61 -30.98
CA ARG A 235 12.04 19.26 -31.59
C ARG A 235 10.89 18.26 -31.69
N PRO A 236 9.66 18.75 -31.70
CA PRO A 236 8.46 17.94 -31.80
C PRO A 236 8.38 17.24 -33.13
N ALA A 237 7.69 16.08 -33.16
CA ALA A 237 7.54 15.30 -34.40
C ALA A 237 7.18 16.14 -35.64
N TRP A 238 6.20 17.03 -35.49
CA TRP A 238 5.80 17.98 -36.56
C TRP A 238 6.85 19.04 -36.92
N ARG A 239 8.02 18.97 -36.31
CA ARG A 239 9.11 19.87 -36.63
C ARG A 239 10.33 19.03 -37.01
N GLN A 240 10.01 17.85 -37.54
CA GLN A 240 10.93 16.91 -38.18
C GLN A 240 10.29 16.45 -39.49
N PRO A 241 11.11 16.04 -40.49
CA PRO A 241 10.59 15.62 -41.80
C PRO A 241 9.41 14.63 -41.67
N PRO A 242 8.29 14.89 -42.40
CA PRO A 242 7.05 14.09 -42.27
C PRO A 242 7.30 12.62 -42.46
N THR A 243 6.86 11.76 -41.53
CA THR A 243 7.23 10.31 -41.56
C THR A 243 6.53 9.47 -42.63
N THR A 244 7.18 8.38 -43.03
CA THR A 244 6.52 7.44 -43.94
C THR A 244 6.29 6.14 -43.24
N ALA A 245 6.03 5.10 -44.03
CA ALA A 245 5.69 3.79 -43.52
C ALA A 245 6.88 3.17 -42.76
N ALA A 246 8.09 3.44 -43.28
CA ALA A 246 9.34 3.00 -42.70
C ALA A 246 9.61 3.74 -41.39
N PRO A 247 10.24 3.04 -40.41
CA PRO A 247 10.76 3.72 -39.22
C PRO A 247 12.02 4.43 -39.64
N ALA A 248 12.45 5.42 -38.85
CA ALA A 248 13.70 6.15 -39.12
C ALA A 248 14.89 5.21 -39.03
N ASP A 249 15.86 5.35 -39.92
CA ASP A 249 17.00 4.45 -39.88
C ASP A 249 17.76 4.56 -38.55
N ASP A 250 18.40 3.45 -38.18
CA ASP A 250 18.94 3.24 -36.84
C ASP A 250 19.93 4.31 -36.44
N GLU A 251 20.75 4.74 -37.38
CA GLU A 251 21.70 5.81 -37.15
C GLU A 251 21.04 7.16 -36.79
N GLU A 252 19.81 7.42 -37.23
CA GLU A 252 19.08 8.58 -36.71
C GLU A 252 18.53 8.25 -35.34
N LEU A 253 17.96 7.07 -35.23
CA LEU A 253 17.41 6.61 -33.98
C LEU A 253 18.50 6.55 -32.94
N ALA A 254 19.75 6.64 -33.40
CA ALA A 254 20.91 6.46 -32.54
C ALA A 254 20.96 7.54 -31.47
N GLN A 255 20.94 8.82 -31.85
CA GLN A 255 20.83 9.89 -30.84
C GLN A 255 19.41 10.41 -30.84
N ARG A 256 18.50 9.60 -30.33
CA ARG A 256 17.08 9.92 -30.26
C ARG A 256 16.50 9.17 -29.08
N PRO A 257 15.53 9.77 -28.39
CA PRO A 257 14.93 11.06 -28.69
C PRO A 257 15.94 12.18 -28.47
N TYR A 258 15.73 13.30 -29.19
CA TYR A 258 16.50 14.53 -29.02
C TYR A 258 16.20 15.17 -27.67
N GLY A 259 15.02 14.87 -27.13
CA GLY A 259 14.66 15.37 -25.83
C GLY A 259 13.18 15.36 -25.61
N LEU A 260 12.69 16.40 -24.92
CA LEU A 260 11.33 16.41 -24.41
C LEU A 260 10.29 16.68 -25.46
N CYS A 261 10.55 17.61 -26.37
CA CYS A 261 9.64 17.82 -27.46
C CYS A 261 9.58 16.59 -28.30
N ASP A 262 10.73 16.02 -28.63
CA ASP A 262 10.77 14.87 -29.52
C ASP A 262 9.99 13.72 -28.90
N LEU A 263 10.27 13.51 -27.62
CA LEU A 263 9.77 12.40 -26.83
C LEU A 263 8.31 12.54 -26.54
N TYR A 264 7.88 13.69 -26.02
CA TYR A 264 6.45 13.88 -25.76
C TYR A 264 5.64 13.90 -27.06
N THR A 265 6.26 13.56 -28.20
CA THR A 265 5.57 13.57 -29.48
C THR A 265 5.88 12.30 -30.23
N TRP A 266 6.70 11.44 -29.65
CA TRP A 266 7.23 10.30 -30.36
C TRP A 266 6.19 9.56 -31.19
N GLN A 267 6.57 9.21 -32.40
CA GLN A 267 5.63 8.59 -33.33
C GLN A 267 5.82 7.08 -33.24
N SER A 268 5.17 6.46 -32.27
CA SER A 268 5.40 5.03 -32.05
C SER A 268 4.67 4.23 -33.07
N ARG A 269 3.68 4.84 -33.69
CA ARG A 269 2.87 4.15 -34.68
C ARG A 269 2.96 4.91 -35.97
N ARG A 270 2.27 4.39 -36.98
CA ARG A 270 2.03 5.05 -38.27
C ARG A 270 0.55 4.90 -38.58
N ILE A 271 -0.17 6.03 -38.58
CA ILE A 271 -1.62 6.00 -38.67
C ILE A 271 -2.07 6.86 -39.82
N ARG A 272 -3.23 6.55 -40.39
CA ARG A 272 -3.86 7.33 -41.44
C ARG A 272 -5.37 7.18 -41.30
N LEU A 273 -6.06 8.29 -41.17
CA LEU A 273 -7.52 8.24 -41.00
C LEU A 273 -8.26 8.17 -42.31
N HIS A 274 -9.34 7.41 -42.33
CA HIS A 274 -10.26 7.43 -43.47
C HIS A 274 -11.56 8.12 -43.09
N TYR A 275 -11.98 9.04 -43.95
CA TYR A 275 -12.95 10.04 -43.55
C TYR A 275 -13.66 10.67 -44.73
N ASP A 276 -14.50 11.65 -44.43
CA ASP A 276 -15.36 12.24 -45.40
C ASP A 276 -15.78 13.60 -44.91
N ALA A 277 -16.48 14.33 -45.80
CA ALA A 277 -17.08 15.64 -45.55
C ALA A 277 -17.38 15.96 -44.07
N ASP A 278 -17.88 14.99 -43.31
CA ASP A 278 -18.23 15.30 -41.93
C ASP A 278 -17.84 14.25 -40.89
N GLY A 279 -17.42 13.08 -41.33
CA GLY A 279 -17.01 12.08 -40.34
C GLY A 279 -15.62 11.48 -40.46
N VAL A 280 -15.40 10.46 -39.65
CA VAL A 280 -14.26 9.61 -39.77
C VAL A 280 -14.85 8.22 -39.59
N TYR A 281 -14.60 7.36 -40.58
CA TYR A 281 -15.18 6.01 -40.55
C TYR A 281 -14.16 4.85 -40.35
N GLY A 282 -12.90 5.08 -40.73
CA GLY A 282 -11.92 4.00 -40.73
C GLY A 282 -10.48 4.40 -40.53
N VAL A 283 -9.62 3.39 -40.29
CA VAL A 283 -8.21 3.63 -40.05
C VAL A 283 -7.31 2.61 -40.67
N LEU A 284 -6.05 3.01 -40.86
CA LEU A 284 -4.99 2.05 -40.99
C LEU A 284 -4.03 2.34 -39.86
N LEU A 285 -3.87 1.39 -38.93
CA LEU A 285 -2.87 1.50 -37.85
C LEU A 285 -1.82 0.44 -38.05
N ALA A 286 -0.57 0.92 -38.13
CA ALA A 286 0.63 0.11 -38.40
C ALA A 286 1.74 0.50 -37.42
N TYR A 287 2.77 -0.34 -37.30
CA TYR A 287 3.93 0.01 -36.46
C TYR A 287 4.70 1.26 -36.90
N GLY A 288 5.16 2.02 -35.91
CA GLY A 288 5.96 3.22 -36.15
C GLY A 288 7.36 3.02 -35.61
N ASP A 289 7.81 3.96 -34.82
CA ASP A 289 9.21 3.99 -34.42
C ASP A 289 9.44 3.31 -33.10
N PRO A 290 10.23 2.24 -33.12
CA PRO A 290 10.54 1.58 -31.88
C PRO A 290 11.40 2.43 -30.97
N LEU A 291 11.04 2.46 -29.69
CA LEU A 291 11.91 3.05 -28.68
C LEU A 291 11.75 2.35 -27.33
N ALA A 292 12.81 1.67 -26.94
CA ALA A 292 12.74 0.75 -25.83
C ALA A 292 13.08 1.40 -24.48
N PRO A 293 12.42 0.94 -23.39
CA PRO A 293 12.41 1.73 -22.17
C PRO A 293 13.62 1.49 -21.27
N HIS A 294 14.60 0.72 -21.74
CA HIS A 294 15.73 0.35 -20.92
C HIS A 294 16.58 1.58 -20.72
N ASN A 295 16.98 1.88 -19.49
CA ASN A 295 17.89 2.99 -19.22
C ASN A 295 17.53 4.30 -19.91
N LYS A 296 16.25 4.66 -19.85
CA LYS A 296 15.82 5.93 -20.40
C LYS A 296 15.57 6.96 -19.27
N HIS A 297 15.91 6.57 -18.03
CA HIS A 297 15.69 7.37 -16.82
C HIS A 297 16.28 8.75 -16.84
N ASN A 298 17.22 8.96 -17.76
CA ASN A 298 17.78 10.27 -17.95
C ASN A 298 17.05 11.05 -19.01
N HIS A 299 16.07 10.43 -19.66
CA HIS A 299 15.26 11.12 -20.66
C HIS A 299 13.76 11.31 -20.26
N GLU A 300 13.19 10.37 -19.51
CA GLU A 300 11.76 10.40 -19.27
C GLU A 300 11.42 10.80 -17.83
N PRO A 301 10.98 12.04 -17.68
CA PRO A 301 10.75 12.59 -16.36
C PRO A 301 9.45 12.12 -15.73
N MET A 302 8.51 11.62 -16.52
CA MET A 302 7.16 11.27 -16.04
C MET A 302 7.00 9.85 -15.47
N THR A 303 8.09 9.17 -15.11
CA THR A 303 7.96 7.84 -14.50
C THR A 303 8.94 7.66 -13.43
N ALA A 304 8.58 6.74 -12.52
CA ALA A 304 9.47 6.21 -11.52
C ALA A 304 10.21 5.07 -12.18
N TRP A 305 11.41 4.80 -11.69
CA TRP A 305 12.25 3.77 -12.29
C TRP A 305 12.52 2.65 -11.30
N ARG A 306 12.84 1.49 -11.84
CA ARG A 306 13.26 0.49 -10.96
C ARG A 306 14.35 -0.23 -11.68
N ARG A 307 15.30 -0.75 -10.91
CA ARG A 307 16.40 -1.47 -11.50
C ARG A 307 16.07 -2.97 -11.67
N SER A 308 16.58 -3.59 -12.72
CA SER A 308 16.17 -4.96 -13.04
C SER A 308 17.34 -5.88 -13.32
N PRO A 309 17.73 -6.66 -12.31
CA PRO A 309 18.90 -7.52 -12.47
C PRO A 309 18.68 -8.59 -13.56
N ALA A 310 17.42 -9.00 -13.74
CA ALA A 310 17.07 -10.01 -14.72
C ALA A 310 17.56 -9.56 -16.09
N GLN A 311 17.15 -8.33 -16.44
CA GLN A 311 17.53 -7.72 -17.71
C GLN A 311 19.02 -7.46 -17.84
N GLU A 312 19.66 -7.20 -16.71
CA GLU A 312 21.09 -7.01 -16.66
C GLU A 312 21.76 -8.28 -17.09
N LYS A 313 21.37 -9.39 -16.44
CA LYS A 313 21.93 -10.69 -16.79
C LYS A 313 21.65 -11.04 -18.23
N LYS A 314 20.40 -10.81 -18.65
CA LYS A 314 19.97 -11.10 -20.01
C LYS A 314 20.66 -10.29 -21.12
N LEU A 315 20.84 -8.98 -20.92
CA LEU A 315 21.44 -8.14 -21.96
C LEU A 315 22.96 -7.94 -21.81
N LYS A 316 23.55 -8.65 -20.84
CA LYS A 316 25.00 -8.60 -20.52
C LYS A 316 25.56 -7.16 -20.40
N LYS A 317 24.76 -6.30 -19.76
CA LYS A 317 25.10 -4.91 -19.41
C LYS A 317 25.05 -4.80 -17.88
N PRO A 318 25.92 -3.95 -17.29
CA PRO A 318 26.09 -3.87 -15.83
C PRO A 318 24.86 -3.34 -15.10
N GLN A 319 24.34 -2.19 -15.54
CA GLN A 319 23.21 -1.52 -14.90
C GLN A 319 22.04 -1.43 -15.90
N VAL A 320 20.82 -1.76 -15.47
CA VAL A 320 19.61 -1.56 -16.29
C VAL A 320 18.34 -1.13 -15.52
N TYR A 321 17.89 0.08 -15.79
CA TYR A 321 16.69 0.62 -15.17
C TYR A 321 15.53 0.58 -16.13
N LEU A 322 14.32 0.58 -15.58
CA LEU A 322 13.11 0.42 -16.36
C LEU A 322 11.99 1.11 -15.64
N PRO A 323 10.99 1.55 -16.41
CA PRO A 323 9.92 2.25 -15.75
C PRO A 323 9.32 1.32 -14.73
N ARG A 324 9.17 1.78 -13.49
CA ARG A 324 8.33 1.06 -12.51
C ARG A 324 6.88 1.36 -12.88
N GLU A 325 6.09 0.33 -13.18
CA GLU A 325 4.72 0.55 -13.74
C GLU A 325 3.69 0.64 -12.64
N HIS A 326 2.51 1.18 -12.90
CA HIS A 326 1.53 1.29 -11.81
C HIS A 326 0.86 -0.07 -11.54
N ASP A 327 0.37 -0.34 -10.33
CA ASP A 327 -0.26 -1.65 -10.11
C ASP A 327 -1.70 -1.47 -9.67
N PRO A 328 -2.67 -1.76 -10.57
CA PRO A 328 -4.10 -1.53 -10.34
C PRO A 328 -4.72 -2.08 -9.01
N THR A 329 -4.31 -3.26 -8.54
CA THR A 329 -4.51 -3.74 -7.18
C THR A 329 -4.28 -2.72 -6.05
N ARG A 330 -3.18 -1.97 -6.06
CA ARG A 330 -2.79 -1.11 -4.92
C ARG A 330 -3.21 0.35 -5.04
N SER A 331 -3.62 1.03 -3.97
CA SER A 331 -3.90 2.47 -4.19
C SER A 331 -2.60 3.27 -4.17
N ALA A 332 -2.60 4.38 -4.90
CA ALA A 332 -1.41 5.20 -5.13
C ALA A 332 -0.55 5.41 -3.89
N TRP A 333 -1.19 5.77 -2.79
CA TRP A 333 -0.45 6.13 -1.62
C TRP A 333 0.41 4.96 -1.11
N ARG A 334 0.09 3.74 -1.50
CA ARG A 334 0.90 2.61 -1.04
C ARG A 334 2.34 2.59 -1.51
N GLY A 335 2.64 3.35 -2.54
CA GLY A 335 4.01 3.51 -2.98
C GLY A 335 4.52 4.94 -2.94
N LEU A 336 4.11 5.72 -1.92
CA LEU A 336 4.78 7.00 -1.61
C LEU A 336 6.27 6.77 -1.57
N GLY A 337 6.66 5.64 -0.98
CA GLY A 337 8.05 5.31 -0.78
C GLY A 337 8.82 5.72 -2.02
N ALA A 338 8.35 5.23 -3.16
CA ALA A 338 9.03 5.50 -4.42
C ALA A 338 8.91 6.97 -4.87
N LEU A 339 7.71 7.55 -4.76
CA LEU A 339 7.50 8.94 -5.20
C LEU A 339 8.21 10.04 -4.41
N VAL A 340 8.23 9.93 -3.09
CA VAL A 340 8.78 10.94 -2.19
C VAL A 340 10.28 10.81 -2.10
N ALA A 341 10.80 9.59 -2.01
CA ALA A 341 12.19 9.40 -1.72
C ALA A 341 12.88 8.39 -2.60
N GLY A 342 12.15 7.79 -3.54
CA GLY A 342 12.71 6.78 -4.45
C GLY A 342 13.05 5.49 -3.76
N GLU A 343 12.14 5.03 -2.90
CA GLU A 343 12.33 3.79 -2.17
C GLU A 343 11.29 2.67 -2.44
N ALA A 344 11.79 1.49 -2.78
CA ALA A 344 10.95 0.37 -3.16
C ALA A 344 11.44 -0.83 -2.39
N SER A 345 10.55 -1.75 -2.06
CA SER A 345 10.91 -2.73 -1.06
C SER A 345 12.02 -3.71 -1.48
N GLY A 346 12.23 -3.88 -2.78
CA GLY A 346 13.33 -4.72 -3.25
C GLY A 346 14.70 -4.10 -3.00
N ALA A 347 14.76 -2.79 -3.30
CA ALA A 347 15.85 -1.87 -2.93
C ALA A 347 17.25 -2.48 -3.02
N GLU A 348 17.98 -2.26 -1.94
CA GLU A 348 18.99 -3.14 -1.36
C GLU A 348 19.46 -4.25 -2.26
N GLN A 349 18.61 -5.25 -2.43
CA GLN A 349 19.03 -6.44 -3.15
C GLN A 349 19.34 -6.18 -4.61
N ARG A 350 18.49 -5.42 -5.34
CA ARG A 350 18.77 -5.09 -6.77
C ARG A 350 19.83 -3.99 -7.00
N GLY A 351 20.13 -3.21 -5.96
CA GLY A 351 21.10 -2.14 -6.02
C GLY A 351 20.48 -0.97 -6.75
N GLU A 352 19.30 -0.54 -6.32
CA GLU A 352 18.70 0.69 -6.86
C GLU A 352 19.26 1.91 -6.18
N ALA A 353 19.30 3.03 -6.89
CA ALA A 353 19.69 4.29 -6.28
C ALA A 353 18.42 5.06 -6.23
N ALA A 354 18.05 5.51 -5.04
CA ALA A 354 16.78 6.18 -4.87
C ALA A 354 16.79 7.40 -5.74
N ALA A 355 17.99 7.95 -5.93
CA ALA A 355 18.23 9.09 -6.80
C ALA A 355 17.62 8.89 -8.19
N ILE A 356 17.77 7.71 -8.76
CA ILE A 356 17.20 7.40 -10.07
C ILE A 356 15.73 6.99 -9.96
N VAL A 357 15.37 6.28 -8.90
CA VAL A 357 14.04 5.71 -8.82
C VAL A 357 12.92 6.77 -8.84
N ARG A 358 13.13 7.85 -8.10
CA ARG A 358 12.08 8.81 -7.96
C ARG A 358 11.98 9.56 -9.26
N PRO A 359 10.76 9.83 -9.76
CA PRO A 359 10.57 10.48 -11.08
C PRO A 359 11.27 11.82 -11.17
N ARG A 360 11.98 12.08 -12.29
CA ARG A 360 12.65 13.38 -12.48
C ARG A 360 11.68 14.52 -12.25
N ILE A 361 10.44 14.33 -12.69
CA ILE A 361 9.48 15.41 -12.59
C ILE A 361 9.18 15.82 -11.11
N LEU A 362 9.13 14.85 -10.21
CA LEU A 362 9.09 15.16 -8.76
C LEU A 362 10.41 15.75 -8.29
N ASP A 363 11.51 15.26 -8.82
CA ASP A 363 12.80 15.92 -8.62
C ASP A 363 12.76 17.41 -9.01
N TRP A 364 12.13 17.71 -10.13
CA TRP A 364 12.03 19.08 -10.62
C TRP A 364 11.26 19.92 -9.62
N VAL A 365 10.11 19.43 -9.21
CA VAL A 365 9.36 20.12 -8.17
C VAL A 365 10.14 20.30 -6.83
N ALA A 366 10.73 19.22 -6.31
CA ALA A 366 11.63 19.30 -5.15
C ALA A 366 12.70 20.39 -5.30
N ARG A 367 13.26 20.50 -6.50
CA ARG A 367 14.28 21.50 -6.79
C ARG A 367 13.70 22.90 -6.66
N LEU A 368 12.50 23.09 -7.24
CA LEU A 368 11.77 24.35 -7.17
C LEU A 368 11.56 24.80 -5.75
N VAL A 369 11.15 23.86 -4.89
CA VAL A 369 11.00 24.09 -3.44
C VAL A 369 12.31 24.46 -2.79
N ASN A 370 13.32 23.59 -2.94
CA ASN A 370 14.64 23.84 -2.36
C ASN A 370 15.23 25.23 -2.72
N GLU A 371 14.93 25.71 -3.92
CA GLU A 371 15.34 27.02 -4.37
C GLU A 371 14.39 28.15 -3.96
N GLY A 372 13.25 27.83 -3.37
CA GLY A 372 12.30 28.86 -2.95
C GLY A 372 11.29 29.38 -3.97
N PHE A 373 11.35 28.94 -5.21
CA PHE A 373 10.31 29.33 -6.18
C PHE A 373 8.92 28.85 -5.81
N LEU A 374 8.84 27.86 -4.92
CA LEU A 374 7.59 27.34 -4.41
C LEU A 374 7.65 27.26 -2.89
N PRO A 375 6.54 27.60 -2.21
CA PRO A 375 6.57 27.52 -0.74
C PRO A 375 6.48 26.07 -0.30
N GLU A 376 6.97 25.79 0.90
CA GLU A 376 6.91 24.43 1.38
C GLU A 376 5.48 23.94 1.50
N ASP A 377 4.58 24.77 2.02
CA ASP A 377 3.18 24.39 2.14
C ASP A 377 2.37 24.52 0.83
N TYR A 378 3.01 24.42 -0.34
CA TYR A 378 2.25 24.33 -1.61
C TYR A 378 1.54 22.98 -1.67
N PHE A 379 0.40 22.90 -2.34
CA PHE A 379 -0.33 21.62 -2.43
C PHE A 379 -0.51 21.12 -3.87
N ILE A 380 -0.45 19.81 -4.00
CA ILE A 380 -0.34 19.20 -5.29
C ILE A 380 -1.06 17.86 -5.33
N ARG A 381 -1.75 17.62 -6.45
CA ARG A 381 -2.17 16.29 -6.84
C ARG A 381 -1.05 15.71 -7.64
N THR A 382 -0.51 14.59 -7.20
CA THR A 382 0.43 13.91 -8.06
C THR A 382 -0.35 12.82 -8.72
N ARG A 383 -0.55 12.95 -10.02
CA ARG A 383 -1.42 12.05 -10.71
C ARG A 383 -0.74 10.77 -11.25
N LEU A 384 -1.35 9.61 -11.07
CA LEU A 384 -0.71 8.39 -11.59
C LEU A 384 -1.52 7.87 -12.75
N ILE A 385 -0.91 7.86 -13.95
CA ILE A 385 -1.63 7.35 -15.15
C ILE A 385 -0.84 6.36 -15.96
N GLY A 386 -1.47 5.22 -16.21
CA GLY A 386 -0.89 4.19 -17.05
C GLY A 386 -1.96 3.36 -17.68
N VAL A 387 -1.51 2.33 -18.41
CA VAL A 387 -2.35 1.27 -18.92
C VAL A 387 -1.74 -0.03 -18.44
N SER A 388 -2.51 -0.93 -17.84
CA SER A 388 -1.96 -2.26 -17.70
C SER A 388 -2.44 -3.14 -18.88
N TYR A 389 -1.48 -3.47 -19.75
CA TYR A 389 -1.73 -4.22 -20.95
C TYR A 389 -1.96 -5.66 -20.58
N GLY A 390 -2.55 -6.39 -21.51
CA GLY A 390 -3.02 -7.70 -21.18
C GLY A 390 -2.13 -8.80 -21.60
N THR A 391 -2.79 -9.89 -22.00
CA THR A 391 -2.14 -11.10 -22.48
C THR A 391 -1.19 -10.68 -23.53
N GLN A 392 0.05 -11.08 -23.33
CA GLN A 392 1.07 -10.76 -24.28
C GLN A 392 1.07 -9.29 -24.74
N GLN A 393 0.82 -8.39 -23.81
CA GLN A 393 0.93 -7.00 -24.12
C GLN A 393 0.10 -6.56 -25.33
N ALA A 394 -0.72 -7.47 -25.87
CA ALA A 394 -1.50 -7.20 -27.10
C ALA A 394 -2.96 -6.78 -26.95
N VAL A 395 -3.48 -6.78 -25.72
CA VAL A 395 -4.83 -6.24 -25.38
C VAL A 395 -4.65 -5.26 -24.24
N ILE A 396 -5.63 -4.41 -23.99
CA ILE A 396 -5.65 -3.55 -22.79
C ILE A 396 -6.57 -4.20 -21.74
N ASP A 397 -6.09 -4.42 -20.52
CA ASP A 397 -6.97 -5.04 -19.54
C ASP A 397 -7.69 -3.92 -18.81
N GLU A 398 -6.92 -3.00 -18.25
CA GLU A 398 -7.53 -1.82 -17.72
C GLU A 398 -6.60 -0.62 -17.74
N ILE A 399 -7.13 0.52 -17.31
CA ILE A 399 -6.41 1.76 -17.23
C ILE A 399 -6.26 2.15 -15.77
N VAL A 400 -5.10 2.71 -15.44
CA VAL A 400 -4.86 3.17 -14.08
C VAL A 400 -4.93 4.68 -14.06
N ASP A 401 -5.81 5.21 -13.22
CA ASP A 401 -5.85 6.65 -12.94
C ASP A 401 -6.10 6.96 -11.47
N ASP A 402 -5.02 7.27 -10.79
CA ASP A 402 -5.07 7.54 -9.38
C ASP A 402 -4.33 8.85 -9.18
N HIS A 403 -4.19 9.26 -7.93
CA HIS A 403 -3.45 10.45 -7.58
C HIS A 403 -3.20 10.42 -6.09
N VAL A 404 -2.24 11.22 -5.62
CA VAL A 404 -1.91 11.35 -4.19
C VAL A 404 -1.83 12.82 -3.92
N ALA A 405 -2.76 13.33 -3.11
CA ALA A 405 -2.78 14.76 -2.86
C ALA A 405 -1.95 14.99 -1.63
N MET A 406 -1.03 15.96 -1.73
CA MET A 406 0.03 16.16 -0.74
C MET A 406 0.65 17.55 -0.74
N ALA A 407 1.25 17.94 0.36
CA ALA A 407 2.00 19.20 0.39
C ALA A 407 3.35 18.85 -0.11
N VAL A 408 4.02 19.85 -0.63
CA VAL A 408 5.24 19.68 -1.35
C VAL A 408 6.38 19.40 -0.35
N VAL A 409 6.26 19.96 0.87
CA VAL A 409 7.28 19.75 1.89
C VAL A 409 7.82 18.37 1.72
N LEU A 410 6.91 17.42 1.51
CA LEU A 410 7.26 15.99 1.49
C LEU A 410 8.46 15.62 0.63
N LEU A 411 8.58 16.28 -0.52
CA LEU A 411 9.62 15.96 -1.44
C LEU A 411 10.89 16.56 -0.91
N HIS A 412 10.76 17.79 -0.39
CA HIS A 412 11.90 18.46 0.17
C HIS A 412 12.42 17.60 1.33
N GLU A 413 11.52 17.00 2.12
CA GLU A 413 11.95 16.31 3.35
C GLU A 413 11.92 14.76 3.40
N ARG A 414 12.27 14.15 2.28
CA ARG A 414 12.29 12.71 2.13
C ARG A 414 13.16 11.98 3.14
N ASP A 415 14.04 12.73 3.78
CA ASP A 415 15.06 12.15 4.66
C ASP A 415 14.49 11.82 6.01
N SER A 416 14.82 12.62 7.04
CA SER A 416 14.23 12.45 8.37
C SER A 416 13.04 13.40 8.61
N GLY A 417 12.73 14.23 7.61
CA GLY A 417 11.58 15.14 7.71
C GLY A 417 10.20 14.51 7.77
N LEU A 418 9.18 15.31 7.49
CA LEU A 418 7.81 14.83 7.30
C LEU A 418 7.69 13.81 6.19
N GLY A 419 8.54 13.91 5.15
CA GLY A 419 8.65 12.85 4.13
C GLY A 419 8.76 11.50 4.81
N ARG A 420 9.78 11.36 5.65
CA ARG A 420 9.92 10.12 6.40
C ARG A 420 8.67 9.71 7.11
N THR A 421 8.04 10.64 7.82
CA THR A 421 6.89 10.28 8.60
C THR A 421 5.84 9.64 7.70
N ALA A 422 5.58 10.24 6.55
CA ALA A 422 4.54 9.72 5.68
C ALA A 422 4.88 8.35 5.15
N ILE A 423 6.11 8.14 4.70
CA ILE A 423 6.51 6.81 4.31
C ILE A 423 6.23 5.77 5.42
N LYS A 424 6.65 6.13 6.63
CA LYS A 424 6.52 5.27 7.79
C LYS A 424 5.08 5.04 8.18
N ALA A 425 4.20 6.01 7.91
CA ALA A 425 2.76 5.77 8.10
C ALA A 425 2.29 4.67 7.13
N VAL A 426 2.86 4.64 5.94
CA VAL A 426 2.42 3.67 4.97
C VAL A 426 2.87 2.32 5.40
N GLU A 427 4.10 2.24 5.87
CA GLU A 427 4.66 1.03 6.44
C GLU A 427 3.76 0.56 7.56
N ASP A 428 3.29 1.48 8.37
CA ASP A 428 2.36 1.16 9.46
C ASP A 428 1.07 0.54 8.94
N ALA A 429 0.45 1.18 7.95
CA ALA A 429 -0.76 0.61 7.37
C ALA A 429 -0.48 -0.81 6.86
N GLU A 430 0.64 -1.00 6.20
CA GLU A 430 0.86 -2.25 5.53
C GLU A 430 1.13 -3.32 6.55
N LYS A 431 1.88 -2.96 7.59
CA LYS A 431 2.06 -3.84 8.78
C LYS A 431 0.71 -4.32 9.35
N ALA A 432 -0.24 -3.39 9.43
CA ALA A 432 -1.49 -3.60 10.15
C ALA A 432 -2.40 -4.51 9.37
N VAL A 433 -2.48 -4.31 8.06
CA VAL A 433 -3.38 -5.12 7.24
C VAL A 433 -2.91 -6.57 7.27
N THR A 434 -1.59 -6.75 7.36
CA THR A 434 -0.99 -8.06 7.51
C THR A 434 -1.50 -8.76 8.76
N VAL A 435 -1.65 -8.01 9.85
CA VAL A 435 -2.21 -8.58 11.07
C VAL A 435 -3.63 -8.99 10.79
N LEU A 436 -4.33 -8.24 9.95
CA LEU A 436 -5.69 -8.62 9.53
C LEU A 436 -5.65 -9.87 8.69
N GLY A 437 -4.70 -9.95 7.77
CA GLY A 437 -4.54 -11.11 6.89
C GLY A 437 -4.41 -12.34 7.73
N GLY A 438 -3.60 -12.17 8.78
CA GLY A 438 -3.29 -13.20 9.78
C GLY A 438 -4.51 -13.81 10.39
N LEU A 439 -5.46 -12.96 10.78
CA LEU A 439 -6.74 -13.39 11.35
C LEU A 439 -7.58 -14.13 10.32
N ALA A 440 -7.58 -13.66 9.09
CA ALA A 440 -8.39 -14.33 8.08
C ALA A 440 -7.95 -15.82 7.94
N ALA A 441 -6.64 -16.03 8.07
CA ALA A 441 -6.05 -17.35 7.91
C ALA A 441 -6.36 -18.20 9.11
N ASP A 442 -6.01 -17.69 10.28
CA ASP A 442 -6.33 -18.32 11.55
C ASP A 442 -7.80 -18.78 11.66
N LEU A 443 -8.69 -17.97 11.09
CA LEU A 443 -10.13 -18.23 11.05
C LEU A 443 -10.51 -19.31 10.04
N ALA A 444 -9.95 -19.20 8.82
CA ALA A 444 -10.08 -20.24 7.81
C ALA A 444 -9.61 -21.55 8.37
N LYS A 445 -8.46 -21.55 9.03
CA LYS A 445 -7.93 -22.78 9.62
C LYS A 445 -8.84 -23.29 10.72
N ALA A 446 -9.43 -22.38 11.48
CA ALA A 446 -10.31 -22.77 12.58
C ALA A 446 -11.60 -23.39 12.09
N ALA A 447 -11.79 -23.37 10.78
CA ALA A 447 -13.04 -23.76 10.10
C ALA A 447 -12.70 -24.78 9.01
N GLY A 448 -11.50 -25.33 9.13
CA GLY A 448 -10.94 -26.26 8.16
C GLY A 448 -10.83 -25.87 6.70
N ALA A 449 -10.97 -24.59 6.38
CA ALA A 449 -10.89 -24.14 5.00
C ALA A 449 -9.47 -23.77 4.64
N ASP A 450 -9.20 -23.76 3.34
CA ASP A 450 -8.01 -23.10 2.80
C ASP A 450 -7.92 -21.61 3.24
N PRO A 451 -6.70 -21.12 3.62
CA PRO A 451 -6.45 -19.72 4.02
C PRO A 451 -6.33 -18.71 2.89
N GLU A 452 -5.85 -19.15 1.73
CA GLU A 452 -5.50 -18.26 0.61
C GLU A 452 -6.52 -17.19 0.27
N THR A 453 -7.75 -17.57 -0.02
CA THR A 453 -8.76 -16.61 -0.43
C THR A 453 -9.35 -15.82 0.72
N PRO A 454 -9.67 -16.48 1.83
CA PRO A 454 -10.15 -15.62 2.90
C PRO A 454 -9.10 -14.59 3.36
N ARG A 455 -7.82 -14.95 3.31
CA ARG A 455 -6.80 -14.02 3.71
C ARG A 455 -6.64 -12.89 2.70
N ALA A 456 -6.64 -13.24 1.42
CA ALA A 456 -6.50 -12.26 0.36
C ALA A 456 -7.72 -11.32 0.34
N ALA A 457 -8.89 -11.88 0.68
CA ALA A 457 -10.13 -11.12 0.88
C ALA A 457 -10.05 -10.07 2.02
N ALA A 458 -9.62 -10.51 3.19
CA ALA A 458 -9.51 -9.64 4.34
C ALA A 458 -8.51 -8.53 4.04
N ARG A 459 -7.46 -8.84 3.29
CA ARG A 459 -6.47 -7.84 3.01
C ARG A 459 -7.08 -6.73 2.16
N ASP A 460 -7.95 -7.07 1.20
CA ASP A 460 -8.70 -6.04 0.43
C ASP A 460 -9.58 -5.22 1.31
N ARG A 461 -10.44 -5.86 2.08
CA ARG A 461 -11.27 -5.11 3.00
C ARG A 461 -10.40 -4.20 3.88
N GLY A 462 -9.21 -4.67 4.21
CA GLY A 462 -8.30 -3.91 5.05
C GLY A 462 -7.86 -2.63 4.39
N PHE A 463 -7.15 -2.77 3.27
CA PHE A 463 -6.71 -1.60 2.52
C PHE A 463 -7.88 -0.76 2.02
N GLY A 464 -9.04 -1.39 1.87
CA GLY A 464 -10.22 -0.69 1.46
C GLY A 464 -10.57 0.30 2.54
N MET A 465 -10.67 -0.22 3.76
CA MET A 465 -11.14 0.58 4.91
C MET A 465 -10.14 1.62 5.40
N LEU A 466 -8.87 1.39 5.08
CA LEU A 466 -7.83 2.30 5.48
C LEU A 466 -7.69 3.49 4.54
N ASP A 467 -8.21 3.33 3.31
CA ASP A 467 -7.79 4.19 2.21
C ASP A 467 -8.20 5.63 2.44
N GLY A 468 -9.52 5.87 2.50
CA GLY A 468 -10.03 7.23 2.72
C GLY A 468 -9.30 7.96 3.83
N PRO A 469 -9.36 7.42 5.06
CA PRO A 469 -8.61 7.92 6.23
C PRO A 469 -7.08 8.18 6.01
N PHE A 470 -6.39 7.31 5.28
CA PHE A 470 -4.98 7.56 5.05
C PHE A 470 -4.73 8.77 4.23
N ARG A 471 -5.50 8.87 3.15
CA ARG A 471 -5.37 9.94 2.18
C ARG A 471 -5.56 11.21 2.89
N THR A 472 -6.53 11.20 3.83
CA THR A 472 -6.84 12.45 4.48
C THR A 472 -5.81 12.79 5.55
N TRP A 473 -5.23 11.78 6.19
CA TRP A 473 -4.20 12.03 7.18
C TRP A 473 -2.94 12.55 6.49
N LEU A 474 -2.73 12.06 5.28
CA LEU A 474 -1.60 12.47 4.48
C LEU A 474 -1.69 13.94 4.20
N ALA A 475 -2.89 14.38 3.84
CA ALA A 475 -3.13 15.81 3.67
C ALA A 475 -2.99 16.71 4.93
N THR A 476 -2.95 16.14 6.13
CA THR A 476 -2.72 16.96 7.32
C THR A 476 -1.26 17.39 7.41
N LEU A 477 -0.37 16.63 6.74
CA LEU A 477 1.07 16.86 6.84
C LEU A 477 1.49 18.12 6.14
N ALA A 478 2.08 19.02 6.91
CA ALA A 478 2.38 20.35 6.45
C ALA A 478 3.56 20.93 7.29
N PRO A 479 4.21 22.06 6.85
CA PRO A 479 5.38 22.49 7.57
C PRO A 479 5.21 22.67 9.05
N GLY A 480 4.07 23.20 9.51
CA GLY A 480 3.90 23.40 10.96
C GLY A 480 3.93 22.16 11.88
N THR A 481 3.39 21.06 11.35
CA THR A 481 3.04 19.86 12.12
C THR A 481 4.21 19.17 12.70
N ASP A 482 3.95 18.34 13.70
CA ASP A 482 4.95 17.50 14.34
C ASP A 482 5.06 16.09 13.76
N ALA A 483 6.29 15.56 13.75
CA ALA A 483 6.51 14.13 13.52
C ALA A 483 5.65 13.25 14.44
N THR A 484 5.97 13.25 15.74
CA THR A 484 5.33 12.34 16.65
C THR A 484 3.85 12.49 16.68
N GLU A 485 3.37 13.71 16.86
CA GLU A 485 1.94 13.94 16.90
C GLU A 485 1.18 13.29 15.74
N ARG A 486 1.65 13.41 14.51
CA ARG A 486 0.94 12.77 13.40
C ARG A 486 1.05 11.21 13.40
N ARG A 487 2.28 10.79 13.54
CA ARG A 487 2.63 9.40 13.59
C ARG A 487 1.77 8.65 14.59
N ARG A 488 1.56 9.22 15.77
CA ARG A 488 0.56 8.73 16.73
C ARG A 488 -0.83 8.80 16.12
N ALA A 489 -1.24 10.01 15.71
CA ALA A 489 -2.60 10.25 15.25
C ALA A 489 -3.02 9.18 14.26
N TRP A 490 -2.09 8.85 13.35
CA TRP A 490 -2.34 7.80 12.36
C TRP A 490 -2.45 6.40 12.92
N GLN A 491 -1.51 5.99 13.74
CA GLN A 491 -1.62 4.68 14.33
C GLN A 491 -2.94 4.49 15.10
N GLN A 492 -3.39 5.51 15.84
CA GLN A 492 -4.66 5.39 16.56
C GLN A 492 -5.73 5.04 15.57
N LYS A 493 -5.75 5.79 14.47
CA LYS A 493 -6.80 5.72 13.48
C LYS A 493 -6.87 4.33 12.85
N ALA A 494 -5.74 3.91 12.29
CA ALA A 494 -5.57 2.59 11.74
C ALA A 494 -6.00 1.52 12.75
N HIS A 495 -5.47 1.63 13.96
CA HIS A 495 -5.80 0.64 14.98
C HIS A 495 -7.30 0.52 15.16
N ARG A 496 -8.00 1.65 15.22
CA ARG A 496 -9.44 1.60 15.36
C ARG A 496 -10.06 0.97 14.14
N ILE A 497 -9.79 1.54 12.97
CA ILE A 497 -10.39 1.03 11.73
C ILE A 497 -10.31 -0.45 11.67
N ILE A 498 -9.12 -0.97 11.96
CA ILE A 498 -8.77 -2.33 11.66
C ILE A 498 -9.22 -3.30 12.70
N SER A 499 -9.12 -2.92 13.98
CA SER A 499 -9.64 -3.80 14.99
C SER A 499 -11.17 -3.88 14.88
N ASP A 500 -11.81 -2.85 14.30
CA ASP A 500 -13.26 -2.88 14.03
C ASP A 500 -13.56 -3.85 12.94
N LEU A 501 -12.82 -3.74 11.84
CA LEU A 501 -12.84 -4.71 10.73
C LEU A 501 -12.61 -6.17 11.19
N GLY A 502 -11.59 -6.36 12.03
CA GLY A 502 -11.33 -7.63 12.75
C GLY A 502 -12.57 -8.19 13.45
N ARG A 503 -13.23 -7.32 14.19
CA ARG A 503 -14.41 -7.73 14.90
C ARG A 503 -15.48 -8.22 13.94
N GLN A 504 -15.68 -7.53 12.82
CA GLN A 504 -16.74 -7.88 11.85
C GLN A 504 -16.41 -9.27 11.35
N LEU A 505 -15.13 -9.47 11.02
CA LEU A 505 -14.65 -10.74 10.47
C LEU A 505 -15.01 -11.85 11.38
N VAL A 506 -14.61 -11.72 12.65
CA VAL A 506 -14.95 -12.70 13.69
C VAL A 506 -16.44 -12.96 13.79
N ALA A 507 -17.27 -11.93 13.62
CA ALA A 507 -18.73 -12.09 13.62
C ALA A 507 -19.19 -13.00 12.47
N GLU A 508 -18.71 -12.66 11.27
CA GLU A 508 -18.90 -13.44 10.08
C GLU A 508 -18.52 -14.93 10.26
N ALA A 509 -17.52 -15.21 11.09
CA ALA A 509 -17.06 -16.58 11.29
C ALA A 509 -18.07 -17.32 12.07
N GLY A 510 -18.64 -16.66 13.08
CA GLY A 510 -19.50 -17.31 14.04
C GLY A 510 -20.89 -17.49 13.47
N GLU A 511 -21.17 -16.74 12.39
CA GLU A 511 -22.37 -16.91 11.57
C GLU A 511 -22.33 -18.26 10.86
N ALA A 512 -21.18 -18.62 10.29
CA ALA A 512 -21.01 -19.89 9.55
C ALA A 512 -20.84 -21.17 10.42
N ALA A 513 -20.41 -20.97 11.67
CA ALA A 513 -19.94 -22.00 12.62
C ALA A 513 -20.82 -23.23 12.94
N TRP A 514 -22.12 -23.11 12.68
CA TRP A 514 -23.01 -24.23 12.95
C TRP A 514 -23.68 -24.74 11.65
N ASN A 515 -23.31 -24.15 10.52
CA ASN A 515 -23.97 -24.47 9.24
C ASN A 515 -23.04 -24.73 8.05
N LYS A 520 -21.50 -33.00 15.82
CA LYS A 520 -21.50 -31.75 16.56
C LYS A 520 -20.12 -31.39 17.15
N GLY A 521 -19.10 -32.16 16.76
CA GLY A 521 -17.75 -32.03 17.27
C GLY A 521 -16.99 -30.83 16.75
N LYS A 522 -16.65 -30.86 15.46
CA LYS A 522 -15.81 -29.81 14.86
C LYS A 522 -16.52 -28.46 14.84
N ASN A 523 -17.83 -28.48 15.05
CA ASN A 523 -18.64 -27.25 15.02
C ASN A 523 -18.19 -26.22 16.08
N THR A 524 -18.59 -26.46 17.33
CA THR A 524 -18.29 -25.55 18.47
C THR A 524 -16.78 -25.31 18.65
N ASP A 525 -16.02 -25.99 17.78
CA ASP A 525 -14.58 -25.79 17.61
C ASP A 525 -14.34 -24.48 16.92
N VAL A 526 -15.10 -24.19 15.85
CA VAL A 526 -14.87 -22.90 15.21
C VAL A 526 -15.15 -21.76 16.18
N TRP A 527 -16.10 -21.90 17.10
CA TRP A 527 -16.33 -20.81 18.05
C TRP A 527 -15.18 -20.60 19.01
N LEU A 528 -14.79 -21.66 19.74
CA LEU A 528 -13.60 -21.62 20.60
C LEU A 528 -12.37 -21.15 19.84
N ASN A 529 -12.00 -21.88 18.80
CA ASN A 529 -10.80 -21.58 18.06
C ASN A 529 -10.83 -20.26 17.36
N ALA A 530 -12.00 -19.79 16.92
CA ALA A 530 -12.13 -18.44 16.34
C ALA A 530 -11.83 -17.45 17.39
N SER A 531 -12.38 -17.65 18.59
CA SER A 531 -12.16 -16.78 19.73
C SER A 531 -10.70 -16.70 20.00
N ARG A 532 -10.03 -17.84 20.04
CA ARG A 532 -8.58 -17.92 20.20
C ARG A 532 -7.83 -17.10 19.16
N ALA A 533 -8.13 -17.38 17.91
CA ALA A 533 -7.57 -16.64 16.82
C ALA A 533 -7.77 -15.12 16.97
N ASP A 534 -8.88 -14.73 17.59
CA ASP A 534 -9.24 -13.32 17.76
C ASP A 534 -8.36 -12.64 18.79
N LEU A 535 -8.33 -13.11 20.03
CA LEU A 535 -7.35 -12.58 20.99
C LEU A 535 -5.92 -12.51 20.47
N LYS A 536 -5.42 -13.56 19.83
CA LYS A 536 -4.11 -13.51 19.18
C LYS A 536 -4.03 -12.30 18.26
N PHE A 537 -5.11 -11.99 17.57
CA PHE A 537 -5.11 -10.93 16.59
C PHE A 537 -4.94 -9.57 17.24
N ARG A 538 -5.77 -9.28 18.24
CA ARG A 538 -5.69 -8.02 19.00
C ARG A 538 -4.27 -7.76 19.44
N ALA A 539 -3.73 -8.74 20.19
CA ALA A 539 -2.37 -8.71 20.73
C ALA A 539 -1.28 -8.35 19.71
N GLU A 540 -1.31 -9.03 18.56
CA GLU A 540 -0.41 -8.71 17.46
C GLU A 540 -0.72 -7.33 16.81
N LEU A 541 -1.95 -6.84 16.86
CA LEU A 541 -2.22 -5.50 16.36
C LEU A 541 -1.71 -4.41 17.31
N LYS A 542 -1.91 -4.62 18.62
CA LYS A 542 -1.28 -3.79 19.64
C LYS A 542 0.24 -3.75 19.47
N LYS A 543 0.85 -4.90 19.22
CA LYS A 543 2.28 -4.97 18.93
C LYS A 543 2.71 -4.20 17.66
N GLU A 544 2.03 -4.39 16.55
CA GLU A 544 2.43 -3.73 15.29
C GLU A 544 2.09 -2.26 15.26
N LEU A 545 1.07 -1.86 16.02
CA LEU A 545 0.72 -0.47 16.14
C LEU A 545 0.97 0.10 17.54
N PRO A 546 2.23 0.15 18.01
CA PRO A 546 2.42 0.32 19.47
C PRO A 546 2.11 1.74 20.00
N MET A 547 1.99 2.68 19.06
CA MET A 547 1.70 4.08 19.37
C MET A 547 0.24 4.33 19.72
N ALA A 548 -0.61 3.31 19.55
CA ALA A 548 -2.01 3.54 19.63
C ALA A 548 -2.53 3.25 21.00
N THR A 549 -1.90 2.29 21.70
CA THR A 549 -2.34 1.74 23.05
C THR A 549 -3.82 2.08 23.51
N SER A 550 -4.16 3.38 23.47
CA SER A 550 -5.51 3.91 23.72
C SER A 550 -6.53 3.34 22.75
N MET B 4 -52.72 -3.21 -15.18
CA MET B 4 -53.41 -4.31 -14.42
C MET B 4 -52.70 -5.63 -14.73
N THR B 5 -53.02 -6.23 -15.87
CA THR B 5 -52.13 -7.25 -16.44
C THR B 5 -50.95 -6.48 -17.06
N THR B 6 -51.19 -5.20 -17.37
CA THR B 6 -50.15 -4.20 -17.70
C THR B 6 -49.19 -4.10 -16.52
N ASP B 7 -49.77 -4.19 -15.31
CA ASP B 7 -49.03 -4.28 -14.04
C ASP B 7 -48.09 -5.49 -13.99
N ALA B 8 -48.39 -6.50 -14.81
CA ALA B 8 -47.48 -7.63 -15.05
C ALA B 8 -46.79 -7.45 -16.43
N PRO B 9 -45.81 -6.52 -16.52
CA PRO B 9 -45.05 -6.48 -17.76
C PRO B 9 -44.42 -7.85 -18.01
N SER B 10 -44.48 -8.34 -19.23
CA SER B 10 -44.03 -9.69 -19.52
C SER B 10 -43.42 -9.88 -20.90
N PHE B 11 -42.39 -10.73 -20.95
CA PHE B 11 -41.72 -11.18 -22.18
C PHE B 11 -41.46 -12.70 -22.16
N ASN B 12 -42.48 -13.52 -22.41
CA ASN B 12 -42.27 -14.96 -22.27
C ASN B 12 -41.54 -15.54 -23.46
N LEU B 13 -40.32 -16.03 -23.20
CA LEU B 13 -39.41 -16.54 -24.25
C LEU B 13 -39.96 -17.62 -25.18
N ILE B 14 -41.02 -18.29 -24.77
CA ILE B 14 -41.64 -19.30 -25.61
C ILE B 14 -42.34 -18.59 -26.78
N THR B 15 -42.91 -17.43 -26.50
CA THR B 15 -43.85 -16.80 -27.42
C THR B 15 -43.31 -15.58 -28.18
N GLN B 16 -42.43 -14.79 -27.56
CA GLN B 16 -41.94 -13.56 -28.17
C GLN B 16 -40.74 -13.80 -29.06
N PRO B 17 -40.50 -12.89 -30.05
CA PRO B 17 -39.31 -12.99 -30.93
C PRO B 17 -38.04 -12.57 -30.22
N TRP B 18 -36.96 -13.33 -30.43
CA TRP B 18 -35.67 -13.06 -29.74
C TRP B 18 -34.45 -13.92 -30.12
N LEU B 19 -34.68 -14.99 -30.86
CA LEU B 19 -33.58 -15.77 -31.44
C LEU B 19 -33.42 -15.41 -32.91
N PRO B 20 -32.30 -14.79 -33.26
CA PRO B 20 -32.11 -14.34 -34.62
C PRO B 20 -31.62 -15.51 -35.46
N VAL B 21 -32.29 -15.72 -36.59
CA VAL B 21 -32.03 -16.88 -37.37
C VAL B 21 -31.77 -16.49 -38.80
N GLN B 22 -31.30 -17.46 -39.58
CA GLN B 22 -31.06 -17.29 -40.98
C GLN B 22 -31.72 -18.43 -41.75
N TYR B 23 -32.68 -18.07 -42.61
CA TYR B 23 -33.27 -19.00 -43.56
C TYR B 23 -32.29 -19.32 -44.65
N ARG B 24 -32.59 -20.35 -45.42
CA ARG B 24 -31.72 -20.71 -46.50
C ARG B 24 -31.65 -19.61 -47.57
N ASP B 25 -32.80 -19.04 -47.91
CA ASP B 25 -32.85 -17.91 -48.82
C ASP B 25 -32.28 -16.60 -48.25
N GLY B 26 -31.15 -16.65 -47.56
CA GLY B 26 -30.59 -15.45 -46.92
C GLY B 26 -31.30 -14.82 -45.71
N THR B 27 -32.62 -14.57 -45.83
CA THR B 27 -33.41 -13.79 -44.86
C THR B 27 -33.07 -14.07 -43.38
N GLU B 28 -32.88 -12.98 -42.64
CA GLU B 28 -32.66 -13.03 -41.20
C GLU B 28 -33.87 -12.46 -40.48
N LYS B 29 -34.42 -13.22 -39.56
CA LYS B 29 -35.54 -12.75 -38.77
C LYS B 29 -35.22 -13.18 -37.35
N GLU B 30 -35.78 -12.49 -36.36
CA GLU B 30 -35.69 -12.94 -34.98
C GLU B 30 -36.92 -13.76 -34.66
N LEU B 31 -36.76 -14.83 -33.86
CA LEU B 31 -37.87 -15.77 -33.64
C LEU B 31 -38.13 -16.23 -32.21
N SER B 32 -39.36 -16.68 -31.93
CA SER B 32 -39.70 -17.30 -30.64
C SER B 32 -39.12 -18.72 -30.56
N LEU B 33 -39.23 -19.35 -29.40
CA LEU B 33 -38.73 -20.71 -29.25
C LEU B 33 -39.62 -21.60 -30.08
N LEU B 34 -40.91 -21.45 -29.85
CA LEU B 34 -41.88 -22.21 -30.60
C LEU B 34 -41.64 -22.09 -32.10
N GLU B 35 -41.50 -20.87 -32.61
CA GLU B 35 -41.30 -20.67 -34.05
C GLU B 35 -40.01 -21.29 -34.61
N VAL B 36 -38.95 -21.26 -33.80
CA VAL B 36 -37.69 -21.89 -34.17
C VAL B 36 -37.82 -23.40 -34.33
N PHE B 37 -38.31 -24.10 -33.30
CA PHE B 37 -38.57 -25.54 -33.44
C PHE B 37 -39.43 -25.88 -34.67
N LYS B 38 -40.53 -25.14 -34.88
CA LYS B 38 -41.36 -25.28 -36.08
C LYS B 38 -40.51 -25.14 -37.38
N GLN B 39 -39.77 -24.06 -37.53
CA GLN B 39 -39.16 -23.82 -38.84
C GLN B 39 -37.74 -24.34 -39.01
N ALA B 40 -37.22 -25.06 -38.00
CA ALA B 40 -35.86 -25.61 -38.03
C ALA B 40 -35.35 -26.16 -39.39
N PRO B 41 -36.20 -26.91 -40.15
CA PRO B 41 -35.72 -27.47 -41.43
C PRO B 41 -35.56 -26.39 -42.50
N LEU B 42 -36.12 -25.23 -42.21
CA LEU B 42 -36.09 -24.11 -43.15
C LEU B 42 -34.92 -23.18 -42.89
N LEU B 43 -34.41 -23.24 -41.66
CA LEU B 43 -33.39 -22.34 -41.18
C LEU B 43 -32.03 -22.93 -41.39
N ARG B 44 -31.08 -22.12 -41.88
CA ARG B 44 -29.73 -22.58 -42.05
C ARG B 44 -29.07 -22.58 -40.69
N ARG B 45 -29.17 -21.47 -39.95
CA ARG B 45 -28.48 -21.40 -38.67
C ARG B 45 -29.03 -20.37 -37.67
N LEU B 46 -28.48 -20.39 -36.46
CA LEU B 46 -28.66 -19.30 -35.52
C LEU B 46 -27.65 -18.22 -35.83
N VAL B 47 -28.03 -16.95 -35.66
CA VAL B 47 -27.07 -15.85 -35.78
C VAL B 47 -26.99 -15.20 -34.42
N GLY B 48 -26.01 -15.60 -33.64
CA GLY B 48 -25.82 -15.03 -32.31
C GLY B 48 -25.11 -13.72 -32.49
N ASP B 49 -25.30 -12.79 -31.55
CA ASP B 49 -24.57 -11.51 -31.58
C ASP B 49 -23.06 -11.74 -31.56
N VAL B 50 -22.68 -12.99 -31.33
CA VAL B 50 -21.31 -13.40 -31.16
C VAL B 50 -21.42 -14.92 -31.18
N PRO B 51 -20.46 -15.61 -31.83
CA PRO B 51 -20.60 -17.07 -32.05
C PRO B 51 -20.74 -17.90 -30.76
N THR B 52 -20.39 -17.27 -29.67
CA THR B 52 -20.43 -17.90 -28.40
C THR B 52 -21.89 -18.05 -27.97
N GLN B 53 -22.74 -17.10 -28.35
CA GLN B 53 -24.17 -17.25 -28.10
C GLN B 53 -24.69 -18.52 -28.76
N GLU B 54 -24.34 -18.69 -30.05
CA GLU B 54 -24.78 -19.85 -30.82
C GLU B 54 -24.52 -21.18 -30.13
N PHE B 55 -23.34 -21.33 -29.52
CA PHE B 55 -22.99 -22.54 -28.76
C PHE B 55 -23.92 -22.70 -27.59
N ALA B 56 -24.05 -21.65 -26.77
CA ALA B 56 -24.90 -21.72 -25.58
C ALA B 56 -26.36 -21.84 -25.97
N LEU B 57 -26.73 -21.16 -27.06
CA LEU B 57 -28.13 -21.11 -27.41
C LEU B 57 -28.57 -22.44 -27.94
N LEU B 58 -27.70 -23.12 -28.68
CA LEU B 58 -28.06 -24.45 -29.14
C LEU B 58 -28.28 -25.35 -27.95
N ARG B 59 -27.37 -25.24 -26.98
CA ARG B 59 -27.37 -26.12 -25.84
C ARG B 59 -28.70 -25.98 -25.07
N LEU B 60 -29.16 -24.73 -24.98
CA LEU B 60 -30.47 -24.43 -24.46
C LEU B 60 -31.53 -25.17 -25.28
N LEU B 61 -31.45 -25.05 -26.60
CA LEU B 61 -32.43 -25.65 -27.48
C LEU B 61 -32.35 -27.14 -27.35
N LEU B 62 -31.11 -27.62 -27.26
CA LEU B 62 -30.85 -29.03 -27.04
C LEU B 62 -31.46 -29.60 -25.74
N ALA B 63 -31.29 -28.86 -24.63
CA ALA B 63 -31.89 -29.22 -23.33
C ALA B 63 -33.40 -29.42 -23.41
N ILE B 64 -34.09 -28.39 -23.92
CA ILE B 64 -35.51 -28.47 -24.20
C ILE B 64 -35.83 -29.78 -24.94
N LEU B 65 -35.10 -30.03 -26.02
CA LEU B 65 -35.35 -31.18 -26.85
C LEU B 65 -35.23 -32.50 -26.12
N HIS B 66 -34.03 -32.79 -25.62
CA HIS B 66 -33.81 -33.95 -24.76
C HIS B 66 -34.95 -34.09 -23.78
N ASP B 67 -35.19 -33.06 -22.98
CA ASP B 67 -36.21 -33.18 -21.95
C ASP B 67 -37.62 -33.45 -22.49
N ALA B 68 -37.99 -32.78 -23.58
CA ALA B 68 -39.35 -32.86 -24.16
C ALA B 68 -39.68 -34.22 -24.73
N ILE B 69 -38.66 -35.05 -24.92
CA ILE B 69 -38.92 -36.41 -25.38
C ILE B 69 -38.26 -37.50 -24.53
N GLY B 70 -38.03 -37.19 -23.27
CA GLY B 70 -37.39 -38.13 -22.35
C GLY B 70 -36.09 -38.62 -22.96
N GLY B 71 -35.45 -37.71 -23.70
CA GLY B 71 -34.20 -37.93 -24.48
C GLY B 71 -34.05 -39.25 -25.23
N PRO B 72 -33.31 -39.25 -26.35
CA PRO B 72 -33.03 -40.48 -27.11
C PRO B 72 -32.38 -41.56 -26.25
N GLU B 73 -33.07 -42.66 -26.02
CA GLU B 73 -32.52 -43.71 -25.18
C GLU B 73 -31.62 -44.64 -25.97
N ASP B 74 -32.13 -45.16 -27.08
CA ASP B 74 -31.32 -45.91 -28.04
C ASP B 74 -30.90 -44.94 -29.10
N SER B 75 -30.02 -45.43 -29.95
CA SER B 75 -29.85 -44.87 -31.27
C SER B 75 -31.09 -45.22 -32.08
N ASP B 76 -31.77 -46.31 -31.72
CA ASP B 76 -33.00 -46.67 -32.41
C ASP B 76 -34.10 -45.64 -32.21
N GLU B 77 -34.24 -45.17 -30.99
CA GLU B 77 -35.22 -44.16 -30.70
C GLU B 77 -34.84 -42.88 -31.42
N TRP B 78 -33.54 -42.57 -31.39
CA TRP B 78 -33.03 -41.42 -32.13
C TRP B 78 -33.40 -41.52 -33.59
N ALA B 79 -33.31 -42.73 -34.12
CA ALA B 79 -33.41 -42.91 -35.54
C ALA B 79 -34.82 -42.65 -36.02
N GLU B 80 -35.80 -42.89 -35.15
CA GLU B 80 -37.19 -42.65 -35.52
C GLU B 80 -37.51 -41.14 -35.63
N LEU B 81 -36.49 -40.28 -35.52
CA LEU B 81 -36.69 -38.83 -35.63
C LEU B 81 -35.97 -38.16 -36.81
N TRP B 82 -35.27 -38.96 -37.62
CA TRP B 82 -34.34 -38.44 -38.61
C TRP B 82 -34.53 -39.08 -39.97
N THR B 83 -34.72 -38.26 -41.01
CA THR B 83 -34.42 -38.67 -42.40
C THR B 83 -33.46 -37.64 -42.92
N GLN B 84 -32.89 -37.89 -44.11
CA GLN B 84 -32.19 -36.83 -44.81
C GLN B 84 -33.13 -36.15 -45.82
N ASP B 85 -34.36 -36.66 -45.91
CA ASP B 85 -35.40 -36.03 -46.72
C ASP B 85 -35.86 -34.63 -46.29
N GLU B 86 -35.12 -33.59 -46.73
CA GLU B 86 -35.56 -32.19 -46.58
C GLU B 86 -37.07 -32.02 -46.78
N ALA B 87 -37.66 -32.82 -47.65
CA ALA B 87 -39.07 -32.71 -47.94
C ALA B 87 -39.90 -33.24 -46.78
N GLU B 88 -39.27 -34.07 -45.95
CA GLU B 88 -39.94 -34.62 -44.78
C GLU B 88 -39.50 -34.06 -43.45
N GLN B 89 -38.23 -34.23 -43.11
CA GLN B 89 -37.65 -33.72 -41.87
C GLN B 89 -38.54 -32.76 -41.10
N GLN B 90 -39.37 -33.29 -40.21
CA GLN B 90 -39.95 -32.45 -39.16
C GLN B 90 -39.20 -32.78 -37.86
N LEU B 91 -39.14 -31.83 -36.94
CA LEU B 91 -38.89 -32.16 -35.54
C LEU B 91 -40.14 -32.84 -34.94
N PRO B 92 -40.14 -33.24 -33.64
CA PRO B 92 -41.46 -33.64 -33.11
C PRO B 92 -42.18 -32.48 -32.44
N PHE B 93 -42.63 -31.52 -33.26
CA PHE B 93 -43.17 -30.28 -32.75
C PHE B 93 -44.23 -30.52 -31.68
N ASP B 94 -45.01 -31.59 -31.81
CA ASP B 94 -46.12 -31.87 -30.86
C ASP B 94 -45.67 -32.21 -29.45
N CYS B 95 -44.75 -33.17 -29.33
CA CYS B 95 -44.07 -33.42 -28.07
C CYS B 95 -43.59 -32.09 -27.50
N ILE B 96 -42.91 -31.28 -28.31
CA ILE B 96 -42.37 -29.98 -27.84
C ILE B 96 -43.44 -28.95 -27.43
N ALA B 97 -44.40 -28.67 -28.33
CA ALA B 97 -45.38 -27.63 -28.12
C ALA B 97 -45.95 -27.73 -26.72
N SER B 98 -46.30 -28.95 -26.36
CA SER B 98 -46.88 -29.22 -25.07
C SER B 98 -45.84 -29.13 -23.99
N TYR B 99 -44.65 -29.68 -24.23
CA TYR B 99 -43.57 -29.64 -23.24
C TYR B 99 -43.38 -28.22 -22.72
N LEU B 100 -43.30 -27.25 -23.62
CA LEU B 100 -43.16 -25.86 -23.28
C LEU B 100 -44.41 -25.27 -22.71
N GLU B 101 -45.56 -25.57 -23.34
CA GLU B 101 -46.84 -25.07 -22.85
C GLU B 101 -46.98 -25.38 -21.37
N GLN B 102 -46.53 -26.56 -20.96
CA GLN B 102 -46.47 -26.91 -19.55
C GLN B 102 -45.62 -25.99 -18.63
N TYR B 103 -44.41 -25.62 -19.07
CA TYR B 103 -43.51 -24.81 -18.21
C TYR B 103 -43.52 -23.36 -18.62
N TYR B 104 -44.67 -22.95 -19.13
CA TYR B 104 -44.83 -21.58 -19.55
C TYR B 104 -44.35 -20.61 -18.47
N HIS B 105 -44.61 -20.92 -17.21
CA HIS B 105 -44.35 -20.00 -16.11
C HIS B 105 -42.87 -19.82 -15.74
N ARG B 106 -42.04 -20.73 -16.22
CA ARG B 106 -40.65 -20.63 -15.89
C ARG B 106 -39.87 -19.90 -16.97
N PHE B 107 -40.45 -19.81 -18.18
CA PHE B 107 -39.78 -19.23 -19.35
C PHE B 107 -40.02 -17.74 -19.62
N ASP B 108 -40.85 -17.10 -18.79
CA ASP B 108 -41.02 -15.67 -18.91
C ASP B 108 -39.86 -14.99 -18.26
N LEU B 109 -39.21 -14.17 -19.08
CA LEU B 109 -38.03 -13.40 -18.69
C LEU B 109 -38.31 -12.50 -17.53
N LEU B 110 -39.44 -11.79 -17.56
CA LEU B 110 -39.70 -10.73 -16.60
C LEU B 110 -40.65 -11.16 -15.49
N HIS B 111 -40.73 -12.46 -15.25
CA HIS B 111 -41.63 -13.02 -14.25
C HIS B 111 -41.26 -12.51 -12.87
N PRO B 112 -42.25 -11.97 -12.13
CA PRO B 112 -42.12 -11.39 -10.78
C PRO B 112 -41.42 -12.26 -9.73
N THR B 113 -41.58 -13.58 -9.81
CA THR B 113 -40.86 -14.52 -8.91
C THR B 113 -40.02 -15.60 -9.58
N THR B 114 -40.55 -16.24 -10.62
CA THR B 114 -39.78 -17.28 -11.33
C THR B 114 -39.24 -16.77 -12.69
N PRO B 115 -38.41 -15.72 -12.66
CA PRO B 115 -38.00 -15.24 -13.94
C PRO B 115 -36.96 -16.22 -14.47
N PHE B 116 -36.77 -16.19 -15.79
CA PHE B 116 -35.93 -17.17 -16.44
C PHE B 116 -34.45 -16.94 -16.16
N PHE B 117 -33.72 -18.03 -15.88
CA PHE B 117 -32.26 -18.02 -15.59
C PHE B 117 -31.78 -16.95 -14.64
N GLN B 118 -32.68 -16.40 -13.85
CA GLN B 118 -32.24 -15.43 -12.88
C GLN B 118 -32.97 -15.59 -11.56
N VAL B 119 -32.56 -14.76 -10.60
CA VAL B 119 -33.11 -14.70 -9.27
C VAL B 119 -33.82 -13.34 -9.08
N ALA B 120 -35.15 -13.41 -9.04
CA ALA B 120 -36.06 -12.25 -9.03
C ALA B 120 -35.77 -11.31 -7.88
N ASP B 121 -35.17 -11.88 -6.85
CA ASP B 121 -35.08 -11.37 -5.51
C ASP B 121 -33.75 -10.64 -5.21
N LEU B 122 -32.74 -10.90 -6.03
CA LEU B 122 -31.31 -10.54 -5.85
C LEU B 122 -30.92 -9.06 -5.61
N HIS B 123 -30.12 -8.77 -4.59
CA HIS B 123 -29.61 -7.39 -4.43
C HIS B 123 -28.23 -7.22 -3.76
N THR B 124 -27.63 -6.03 -3.92
CA THR B 124 -26.50 -5.66 -3.08
C THR B 124 -26.95 -5.17 -1.71
N GLN B 125 -26.00 -4.84 -0.86
CA GLN B 125 -26.27 -4.20 0.39
C GLN B 125 -26.87 -2.83 0.15
N LYS B 126 -26.24 -2.06 -0.73
CA LYS B 126 -26.78 -0.73 -1.07
C LYS B 126 -27.59 -0.75 -2.37
N ASN B 127 -27.85 -1.94 -2.89
CA ASN B 127 -28.69 -2.16 -4.08
C ASN B 127 -28.22 -1.38 -5.30
N ASP B 128 -27.09 -1.83 -5.82
CA ASP B 128 -26.42 -1.12 -6.91
C ASP B 128 -26.72 -1.78 -8.24
N VAL B 129 -27.05 -0.95 -9.21
CA VAL B 129 -27.42 -1.47 -10.52
C VAL B 129 -26.26 -1.21 -11.47
N PHE B 130 -25.61 -2.27 -11.87
CA PHE B 130 -24.46 -2.13 -12.71
C PHE B 130 -24.90 -2.13 -14.14
N SER B 131 -24.05 -1.54 -14.98
CA SER B 131 -24.27 -1.39 -16.41
C SER B 131 -24.28 -2.77 -17.10
N LEU B 132 -24.62 -2.82 -18.38
CA LEU B 132 -24.66 -4.15 -19.02
C LEU B 132 -23.33 -4.64 -19.66
N ASP B 133 -22.26 -3.87 -19.46
CA ASP B 133 -20.89 -4.25 -19.89
C ASP B 133 -20.61 -5.67 -19.42
N ARG B 134 -21.26 -5.97 -18.31
CA ARG B 134 -21.08 -7.18 -17.54
C ARG B 134 -21.48 -8.43 -18.29
N ILE B 135 -22.59 -8.35 -19.02
CA ILE B 135 -23.09 -9.53 -19.73
C ILE B 135 -22.85 -9.51 -21.22
N VAL B 136 -22.84 -8.32 -21.82
CA VAL B 136 -22.28 -8.11 -23.15
C VAL B 136 -20.78 -8.43 -23.20
N ALA B 137 -20.43 -9.25 -24.17
CA ALA B 137 -19.08 -9.76 -24.28
C ALA B 137 -18.16 -8.87 -25.12
N ASP B 138 -18.69 -8.18 -26.13
CA ASP B 138 -17.88 -7.26 -26.93
C ASP B 138 -17.39 -6.14 -26.04
N VAL B 139 -18.22 -5.79 -25.05
CA VAL B 139 -17.94 -4.64 -24.21
C VAL B 139 -17.43 -4.98 -22.79
N PRO B 140 -16.30 -4.34 -22.41
CA PRO B 140 -15.69 -4.49 -21.09
C PRO B 140 -16.24 -3.43 -20.12
N ASN B 141 -15.77 -3.47 -18.88
CA ASN B 141 -16.29 -2.61 -17.85
C ASN B 141 -16.04 -1.15 -18.05
N GLY B 142 -17.07 -0.34 -17.88
CA GLY B 142 -16.87 1.10 -17.84
C GLY B 142 -15.87 1.47 -16.76
N GLU B 143 -16.10 0.94 -15.56
CA GLU B 143 -15.20 1.01 -14.40
C GLU B 143 -13.71 0.88 -14.72
N LEU B 144 -13.38 0.00 -15.64
CA LEU B 144 -11.98 -0.32 -15.90
C LEU B 144 -11.32 0.73 -16.80
N PHE B 145 -12.14 1.54 -17.41
CA PHE B 145 -11.66 2.55 -18.30
C PHE B 145 -11.99 3.94 -17.78
N PHE B 146 -12.93 4.00 -16.86
CA PHE B 146 -13.41 5.27 -16.37
C PHE B 146 -14.17 5.95 -17.50
N THR B 147 -14.86 5.16 -18.31
CA THR B 147 -15.52 5.64 -19.51
C THR B 147 -16.86 6.14 -19.15
N MET B 148 -17.23 7.29 -19.73
CA MET B 148 -18.48 7.95 -19.36
C MET B 148 -19.47 8.15 -20.50
N ARG B 149 -19.08 7.71 -21.68
CA ARG B 149 -19.93 7.79 -22.83
C ARG B 149 -20.36 6.38 -23.25
N ALA B 150 -21.67 6.19 -23.40
CA ALA B 150 -22.21 4.92 -23.89
C ALA B 150 -21.43 4.47 -25.11
N ARG B 151 -21.06 3.20 -25.16
CA ARG B 151 -20.81 2.55 -26.46
C ARG B 151 -21.92 1.51 -26.71
N GLY B 152 -23.16 2.01 -26.56
CA GLY B 152 -24.42 1.34 -26.92
C GLY B 152 -24.96 0.29 -25.96
N VAL B 153 -24.69 0.45 -24.66
CA VAL B 153 -25.01 -0.61 -23.69
C VAL B 153 -25.75 -0.05 -22.48
N ASP B 154 -26.17 1.20 -22.58
CA ASP B 154 -27.03 1.80 -21.57
C ASP B 154 -28.31 1.04 -21.65
N ARG B 155 -28.68 0.69 -22.88
CA ARG B 155 -29.92 0.03 -23.19
C ARG B 155 -29.74 -1.17 -24.09
N LEU B 156 -30.41 -2.27 -23.71
CA LEU B 156 -30.71 -3.39 -24.61
C LEU B 156 -32.24 -3.69 -24.66
N SER B 157 -32.71 -4.25 -25.78
CA SER B 157 -34.08 -4.71 -25.81
C SER B 157 -34.17 -6.06 -25.13
N PHE B 158 -35.38 -6.38 -24.69
CA PHE B 158 -35.67 -7.62 -23.99
C PHE B 158 -35.02 -8.82 -24.66
N ALA B 159 -35.13 -8.86 -25.99
CA ALA B 159 -34.57 -9.92 -26.81
C ALA B 159 -33.09 -10.00 -26.57
N GLU B 160 -32.39 -8.92 -26.88
CA GLU B 160 -30.95 -9.01 -26.89
C GLU B 160 -30.40 -9.32 -25.50
N ALA B 161 -31.09 -8.74 -24.52
CA ALA B 161 -30.75 -8.96 -23.12
C ALA B 161 -30.86 -10.44 -22.80
N ALA B 162 -32.01 -11.04 -23.14
CA ALA B 162 -32.22 -12.46 -22.93
C ALA B 162 -31.05 -13.29 -23.48
N ARG B 163 -30.63 -12.98 -24.69
CA ARG B 163 -29.53 -13.67 -25.33
C ARG B 163 -28.24 -13.66 -24.48
N TRP B 164 -27.79 -12.46 -24.13
CA TRP B 164 -26.62 -12.29 -23.29
C TRP B 164 -26.73 -12.98 -21.94
N LEU B 165 -27.94 -12.97 -21.36
CA LEU B 165 -28.21 -13.64 -20.09
C LEU B 165 -27.77 -15.09 -20.14
N VAL B 166 -28.30 -15.83 -21.11
CA VAL B 166 -27.95 -17.23 -21.33
C VAL B 166 -26.46 -17.39 -21.55
N HIS B 167 -25.91 -16.51 -22.40
CA HIS B 167 -24.51 -16.53 -22.75
C HIS B 167 -23.64 -16.50 -21.49
N ALA B 168 -23.97 -15.54 -20.62
CA ALA B 168 -23.28 -15.24 -19.38
C ALA B 168 -23.13 -16.47 -18.48
N HIS B 169 -24.22 -17.21 -18.30
CA HIS B 169 -24.20 -18.45 -17.51
C HIS B 169 -23.31 -19.53 -18.06
N ALA B 170 -23.05 -19.45 -19.36
CA ALA B 170 -22.15 -20.36 -20.05
C ALA B 170 -20.71 -19.86 -19.99
N TYR B 171 -20.57 -18.55 -20.19
CA TYR B 171 -19.31 -18.04 -20.64
C TYR B 171 -18.95 -16.78 -19.92
N ASP B 172 -18.39 -16.84 -18.74
CA ASP B 172 -18.23 -15.56 -18.14
C ASP B 172 -16.99 -15.50 -17.28
N THR B 173 -16.33 -14.37 -17.36
CA THR B 173 -15.07 -14.19 -16.69
C THR B 173 -15.11 -14.45 -15.19
N SER B 174 -14.01 -15.00 -14.69
CA SER B 174 -13.79 -15.28 -13.30
C SER B 174 -13.25 -14.05 -12.63
N GLY B 175 -13.95 -12.93 -12.74
CA GLY B 175 -13.52 -11.77 -11.91
C GLY B 175 -13.57 -11.87 -10.37
N ILE B 176 -13.33 -10.74 -9.71
CA ILE B 176 -13.89 -10.49 -8.38
C ILE B 176 -15.28 -9.94 -8.74
N LYS B 177 -16.36 -10.46 -8.18
CA LYS B 177 -17.71 -9.99 -8.62
C LYS B 177 -18.54 -9.48 -7.47
N SER B 178 -19.67 -8.85 -7.78
CA SER B 178 -20.47 -8.27 -6.70
C SER B 178 -21.13 -9.35 -5.78
N GLY B 179 -21.11 -9.06 -4.48
CA GLY B 179 -21.65 -9.96 -3.48
C GLY B 179 -23.16 -9.92 -3.45
N ALA B 180 -23.80 -11.06 -3.72
CA ALA B 180 -25.23 -11.16 -3.47
C ALA B 180 -25.56 -11.19 -1.96
N VAL B 181 -26.52 -10.40 -1.53
CA VAL B 181 -27.10 -10.56 -0.18
C VAL B 181 -27.75 -11.94 -0.08
N GLY B 182 -27.47 -12.65 1.00
CA GLY B 182 -27.94 -14.03 1.13
C GLY B 182 -26.91 -15.04 0.66
N ASP B 183 -25.86 -14.57 0.00
CA ASP B 183 -24.75 -15.43 -0.40
C ASP B 183 -23.75 -15.59 0.77
N PRO B 184 -23.48 -16.85 1.20
CA PRO B 184 -22.57 -17.11 2.31
C PRO B 184 -21.11 -17.03 1.88
N ARG B 185 -20.86 -16.57 0.67
CA ARG B 185 -19.50 -16.42 0.18
C ARG B 185 -19.18 -14.93 -0.01
N ALA B 186 -20.19 -14.09 0.17
CA ALA B 186 -20.04 -12.64 0.01
C ALA B 186 -19.35 -12.01 1.20
N LYS B 187 -18.06 -12.29 1.36
CA LYS B 187 -17.24 -11.49 2.25
C LYS B 187 -17.37 -9.97 1.91
N GLY B 188 -18.25 -9.30 2.65
CA GLY B 188 -18.43 -7.84 2.57
C GLY B 188 -18.69 -7.31 1.17
N GLY B 189 -19.78 -7.77 0.58
CA GLY B 189 -20.29 -7.21 -0.66
C GLY B 189 -19.54 -7.51 -1.94
N LYS B 190 -18.52 -8.34 -1.89
CA LYS B 190 -17.83 -8.79 -3.10
C LYS B 190 -17.66 -10.29 -3.04
N GLY B 191 -17.72 -10.97 -4.18
CA GLY B 191 -17.54 -12.41 -4.22
C GLY B 191 -16.23 -12.65 -4.91
N TYR B 192 -15.25 -13.19 -4.18
CA TYR B 192 -13.90 -13.34 -4.73
C TYR B 192 -13.85 -14.43 -5.78
N PRO B 193 -12.77 -14.48 -6.58
CA PRO B 193 -12.84 -15.17 -7.87
C PRO B 193 -13.09 -16.65 -7.72
N GLN B 194 -13.91 -17.20 -8.59
CA GLN B 194 -14.40 -18.54 -8.34
C GLN B 194 -14.52 -19.29 -9.61
N GLY B 195 -13.73 -18.90 -10.61
CA GLY B 195 -13.68 -19.62 -11.90
C GLY B 195 -14.66 -19.17 -12.97
N VAL B 196 -14.30 -19.42 -14.22
CA VAL B 196 -15.11 -19.00 -15.35
C VAL B 196 -16.36 -19.85 -15.43
N SER B 197 -17.42 -19.37 -16.07
CA SER B 197 -18.66 -20.12 -16.22
C SER B 197 -18.45 -21.43 -16.96
N TRP B 198 -19.34 -22.40 -16.78
CA TRP B 198 -19.04 -23.77 -17.19
C TRP B 198 -18.47 -23.94 -18.60
N ALA B 199 -19.17 -23.39 -19.60
CA ALA B 199 -18.84 -23.58 -21.01
C ALA B 199 -17.49 -22.98 -21.34
N GLY B 200 -17.12 -21.94 -20.61
CA GLY B 200 -15.81 -21.35 -20.82
C GLY B 200 -14.69 -22.25 -20.34
N ASN B 201 -14.98 -23.47 -19.93
CA ASN B 201 -13.91 -24.38 -19.62
C ASN B 201 -13.54 -25.23 -20.81
N LEU B 202 -14.45 -25.32 -21.77
CA LEU B 202 -14.31 -26.23 -22.90
C LEU B 202 -13.82 -25.56 -24.17
N GLY B 203 -12.85 -26.20 -24.82
CA GLY B 203 -12.72 -26.08 -26.27
C GLY B 203 -13.92 -26.81 -26.82
N GLY B 204 -15.04 -26.07 -26.91
CA GLY B 204 -16.32 -26.61 -27.31
C GLY B 204 -16.35 -27.12 -28.75
N ILE B 205 -17.19 -28.14 -28.97
CA ILE B 205 -17.38 -28.81 -30.25
C ILE B 205 -18.86 -29.15 -30.46
N LEU B 206 -19.35 -28.78 -31.62
CA LEU B 206 -20.69 -29.12 -32.06
C LEU B 206 -20.60 -29.72 -33.44
N VAL B 207 -21.68 -30.31 -33.90
CA VAL B 207 -21.66 -30.95 -35.19
C VAL B 207 -22.75 -30.19 -35.96
N GLU B 208 -22.43 -29.69 -37.15
CA GLU B 208 -23.39 -28.84 -37.86
C GLU B 208 -23.95 -29.54 -39.07
N GLY B 209 -25.20 -29.23 -39.40
CA GLY B 209 -25.86 -29.76 -40.60
C GLY B 209 -26.10 -28.68 -41.62
N ALA B 210 -26.88 -28.98 -42.66
CA ALA B 210 -27.20 -27.94 -43.62
C ALA B 210 -28.33 -27.07 -43.09
N ASN B 211 -29.15 -27.62 -42.20
CA ASN B 211 -30.08 -26.76 -41.51
C ASN B 211 -30.12 -27.05 -40.02
N LEU B 212 -30.92 -26.25 -39.33
CA LEU B 212 -30.96 -26.31 -37.91
C LEU B 212 -31.57 -27.62 -37.46
N TYR B 213 -32.46 -28.17 -38.28
CA TYR B 213 -33.06 -29.47 -37.98
C TYR B 213 -31.94 -30.47 -37.78
N GLU B 214 -31.05 -30.58 -38.76
CA GLU B 214 -29.96 -31.53 -38.67
C GLU B 214 -29.04 -31.14 -37.53
N THR B 215 -28.53 -29.90 -37.56
CA THR B 215 -27.67 -29.39 -36.49
C THR B 215 -28.20 -29.84 -35.12
N LEU B 216 -29.48 -29.63 -34.85
CA LEU B 216 -30.07 -30.08 -33.58
C LEU B 216 -30.04 -31.61 -33.38
N LEU B 217 -30.62 -32.35 -34.33
CA LEU B 217 -30.75 -33.81 -34.16
C LEU B 217 -29.38 -34.44 -34.07
N LEU B 218 -28.43 -33.92 -34.82
CA LEU B 218 -27.09 -34.49 -34.85
C LEU B 218 -26.42 -34.55 -33.45
N ASN B 219 -26.70 -33.53 -32.63
CA ASN B 219 -26.05 -33.34 -31.34
C ASN B 219 -26.85 -33.92 -30.19
N LEU B 220 -27.90 -34.63 -30.54
CA LEU B 220 -28.79 -35.14 -29.53
C LEU B 220 -28.40 -36.57 -29.16
N VAL B 221 -27.40 -36.73 -28.29
CA VAL B 221 -26.81 -38.04 -27.97
C VAL B 221 -27.80 -39.02 -27.32
N ALA B 222 -27.74 -40.31 -27.68
CA ALA B 222 -28.48 -41.34 -26.96
C ALA B 222 -27.83 -41.54 -25.61
N PHE B 223 -28.62 -41.60 -24.55
CA PHE B 223 -28.09 -41.71 -23.20
C PHE B 223 -27.33 -43.03 -22.94
N ASP B 224 -27.67 -44.09 -23.67
CA ASP B 224 -26.97 -45.37 -23.50
C ASP B 224 -25.54 -45.34 -24.03
N THR B 225 -25.19 -44.25 -24.73
CA THR B 225 -23.86 -44.08 -25.29
C THR B 225 -22.78 -44.37 -24.25
N ASP B 226 -21.77 -45.13 -24.68
CA ASP B 226 -20.71 -45.58 -23.79
C ASP B 226 -20.03 -44.39 -23.18
N ASN B 227 -19.57 -44.54 -21.94
CA ASN B 227 -18.85 -43.45 -21.26
C ASN B 227 -19.69 -42.17 -21.12
N LEU B 228 -20.98 -42.31 -20.82
CA LEU B 228 -21.85 -41.16 -20.57
C LEU B 228 -22.65 -41.32 -19.32
N ILE B 229 -22.81 -40.23 -18.58
CA ILE B 229 -23.50 -40.23 -17.29
C ILE B 229 -24.75 -39.34 -17.32
N VAL B 230 -25.89 -40.01 -17.55
CA VAL B 230 -27.21 -39.38 -17.46
C VAL B 230 -28.05 -40.11 -16.41
N THR B 231 -28.12 -39.53 -15.23
CA THR B 231 -28.97 -40.05 -14.19
C THR B 231 -30.39 -39.76 -14.63
N PRO B 232 -31.30 -40.71 -14.35
CA PRO B 232 -32.75 -40.53 -14.26
C PRO B 232 -33.24 -39.18 -13.70
N GLU B 233 -32.46 -38.57 -12.79
CA GLU B 233 -32.82 -37.26 -12.22
C GLU B 233 -32.79 -36.16 -13.26
N ASP B 234 -32.07 -36.37 -14.36
CA ASP B 234 -31.69 -35.26 -15.23
C ASP B 234 -32.81 -34.32 -15.65
N ARG B 235 -32.70 -33.07 -15.24
CA ARG B 235 -33.66 -32.04 -15.64
C ARG B 235 -32.99 -30.67 -15.72
N PRO B 236 -33.50 -29.82 -16.62
CA PRO B 236 -33.08 -28.44 -16.79
C PRO B 236 -33.40 -27.55 -15.58
N ALA B 237 -32.77 -26.38 -15.54
CA ALA B 237 -32.92 -25.43 -14.44
C ALA B 237 -34.36 -25.17 -14.12
N TRP B 238 -35.21 -25.04 -15.15
CA TRP B 238 -36.62 -24.75 -14.94
C TRP B 238 -37.44 -25.95 -14.39
N ARG B 239 -36.80 -27.09 -14.22
CA ARG B 239 -37.44 -28.25 -13.56
C ARG B 239 -36.75 -28.58 -12.23
N GLN B 240 -35.99 -27.60 -11.74
CA GLN B 240 -35.38 -27.65 -10.44
C GLN B 240 -35.93 -26.45 -9.69
N PRO B 241 -35.85 -26.44 -8.35
CA PRO B 241 -36.53 -25.33 -7.70
C PRO B 241 -35.80 -24.06 -8.06
N PRO B 242 -36.50 -22.93 -8.14
CA PRO B 242 -35.79 -21.70 -8.55
C PRO B 242 -34.65 -21.34 -7.57
N THR B 243 -33.53 -20.90 -8.14
CA THR B 243 -32.27 -20.74 -7.41
C THR B 243 -32.19 -19.44 -6.57
N THR B 244 -31.29 -19.42 -5.59
CA THR B 244 -31.16 -18.28 -4.67
C THR B 244 -29.91 -17.45 -4.93
N ALA B 245 -29.71 -16.41 -4.11
CA ALA B 245 -28.44 -15.74 -4.02
C ALA B 245 -27.36 -16.77 -3.66
N ALA B 246 -27.80 -17.81 -2.94
CA ALA B 246 -26.94 -18.88 -2.42
C ALA B 246 -26.53 -19.91 -3.48
N PRO B 247 -25.43 -20.67 -3.25
CA PRO B 247 -25.16 -21.75 -4.20
C PRO B 247 -25.99 -22.91 -3.76
N ALA B 248 -26.13 -23.91 -4.62
CA ALA B 248 -26.66 -25.20 -4.20
C ALA B 248 -25.64 -25.76 -3.21
N ASP B 249 -26.11 -26.33 -2.10
CA ASP B 249 -25.20 -26.85 -1.07
C ASP B 249 -24.38 -28.01 -1.58
N ASP B 250 -23.30 -28.32 -0.88
CA ASP B 250 -22.35 -29.35 -1.29
C ASP B 250 -22.99 -30.71 -1.50
N GLU B 251 -23.90 -31.08 -0.58
CA GLU B 251 -24.52 -32.39 -0.59
C GLU B 251 -25.34 -32.66 -1.83
N GLU B 252 -25.81 -31.59 -2.48
CA GLU B 252 -26.44 -31.62 -3.81
C GLU B 252 -25.42 -31.71 -4.94
N LEU B 253 -24.54 -30.72 -5.02
CA LEU B 253 -23.56 -30.65 -6.10
C LEU B 253 -22.66 -31.87 -6.13
N ALA B 254 -22.73 -32.67 -5.06
CA ALA B 254 -22.13 -34.01 -4.96
C ALA B 254 -22.48 -34.94 -6.14
N GLN B 255 -23.75 -35.36 -6.27
CA GLN B 255 -24.17 -36.13 -7.46
C GLN B 255 -24.84 -35.18 -8.43
N ARG B 256 -24.04 -34.23 -8.87
CA ARG B 256 -24.37 -33.33 -9.97
C ARG B 256 -23.13 -33.17 -10.86
N PRO B 257 -23.33 -32.73 -12.11
CA PRO B 257 -24.61 -32.46 -12.77
C PRO B 257 -25.38 -33.75 -12.99
N TYR B 258 -26.67 -33.67 -13.32
CA TYR B 258 -27.49 -34.87 -13.44
C TYR B 258 -27.32 -35.53 -14.80
N GLY B 259 -26.86 -34.73 -15.76
CA GLY B 259 -26.75 -35.17 -17.13
C GLY B 259 -26.83 -33.94 -18.01
N LEU B 260 -27.38 -34.12 -19.21
CA LEU B 260 -27.28 -33.10 -20.24
C LEU B 260 -28.26 -31.95 -20.06
N CYS B 261 -29.48 -32.25 -19.62
CA CYS B 261 -30.45 -31.18 -19.36
C CYS B 261 -29.95 -30.34 -18.22
N ASP B 262 -29.43 -30.98 -17.18
CA ASP B 262 -28.88 -30.24 -16.04
C ASP B 262 -27.71 -29.40 -16.48
N LEU B 263 -26.77 -30.05 -17.20
CA LEU B 263 -25.50 -29.43 -17.59
C LEU B 263 -25.62 -28.33 -18.62
N TYR B 264 -26.35 -28.58 -19.72
CA TYR B 264 -26.59 -27.56 -20.75
C TYR B 264 -27.37 -26.39 -20.21
N THR B 265 -27.73 -26.44 -18.94
CA THR B 265 -28.57 -25.39 -18.40
C THR B 265 -27.93 -24.78 -17.18
N TRP B 266 -26.70 -25.20 -16.88
CA TRP B 266 -26.05 -24.94 -15.59
C TRP B 266 -26.16 -23.51 -15.10
N GLN B 267 -26.35 -23.37 -13.80
CA GLN B 267 -26.51 -22.05 -13.26
C GLN B 267 -25.18 -21.60 -12.63
N SER B 268 -24.20 -21.40 -13.51
CA SER B 268 -22.88 -20.95 -13.14
C SER B 268 -22.86 -19.55 -12.53
N ARG B 269 -23.85 -18.74 -12.86
CA ARG B 269 -23.94 -17.43 -12.22
C ARG B 269 -25.30 -17.27 -11.58
N ARG B 270 -25.47 -16.19 -10.80
CA ARG B 270 -26.79 -15.74 -10.38
C ARG B 270 -27.01 -14.31 -10.82
N ILE B 271 -28.04 -14.11 -11.63
CA ILE B 271 -28.21 -12.85 -12.36
C ILE B 271 -29.60 -12.27 -12.15
N ARG B 272 -29.70 -10.94 -12.21
CA ARG B 272 -30.99 -10.28 -12.21
C ARG B 272 -31.00 -9.04 -13.09
N LEU B 273 -31.95 -9.03 -14.03
CA LEU B 273 -32.10 -7.94 -14.97
C LEU B 273 -32.88 -6.79 -14.37
N HIS B 274 -32.42 -5.57 -14.66
CA HIS B 274 -33.13 -4.39 -14.24
C HIS B 274 -33.68 -3.66 -15.44
N TYR B 275 -35.00 -3.60 -15.50
CA TYR B 275 -35.73 -3.07 -16.66
C TYR B 275 -36.88 -2.13 -16.31
N ASP B 276 -37.27 -1.36 -17.32
CA ASP B 276 -38.49 -0.63 -17.28
C ASP B 276 -39.43 -1.34 -18.26
N ALA B 277 -40.54 -0.68 -18.60
CA ALA B 277 -41.49 -1.21 -19.59
C ALA B 277 -40.87 -1.62 -20.93
N ASP B 278 -39.82 -0.92 -21.40
CA ASP B 278 -39.39 -1.01 -22.80
C ASP B 278 -38.14 -1.83 -23.07
N GLY B 279 -37.05 -1.48 -22.40
CA GLY B 279 -35.82 -2.25 -22.54
C GLY B 279 -35.32 -2.70 -21.18
N VAL B 280 -34.07 -3.17 -21.18
CA VAL B 280 -33.34 -3.47 -19.95
C VAL B 280 -32.18 -2.46 -19.86
N TYR B 281 -32.04 -1.81 -18.69
CA TYR B 281 -31.00 -0.75 -18.50
C TYR B 281 -29.83 -1.19 -17.64
N GLY B 282 -30.09 -2.11 -16.72
CA GLY B 282 -29.08 -2.52 -15.74
C GLY B 282 -29.08 -4.01 -15.48
N VAL B 283 -28.10 -4.45 -14.70
CA VAL B 283 -27.90 -5.88 -14.36
C VAL B 283 -27.33 -6.02 -12.96
N LEU B 284 -27.58 -7.18 -12.34
CA LEU B 284 -26.75 -7.64 -11.21
C LEU B 284 -26.27 -9.08 -11.47
N LEU B 285 -24.94 -9.23 -11.46
CA LEU B 285 -24.25 -10.47 -11.81
C LEU B 285 -23.41 -10.88 -10.64
N ALA B 286 -23.68 -12.07 -10.14
CA ALA B 286 -22.97 -12.63 -8.98
C ALA B 286 -22.64 -14.10 -9.23
N TYR B 287 -21.76 -14.68 -8.42
CA TYR B 287 -21.39 -16.06 -8.63
C TYR B 287 -22.52 -17.03 -8.33
N GLY B 288 -22.63 -18.10 -9.12
CA GLY B 288 -23.63 -19.17 -8.95
C GLY B 288 -23.01 -20.49 -8.50
N ASP B 289 -23.24 -21.57 -9.21
CA ASP B 289 -22.75 -22.85 -8.77
C ASP B 289 -21.44 -23.15 -9.43
N PRO B 290 -20.42 -23.41 -8.62
CA PRO B 290 -19.16 -23.94 -9.10
C PRO B 290 -19.30 -25.29 -9.78
N LEU B 291 -18.59 -25.43 -10.90
CA LEU B 291 -18.45 -26.70 -11.57
C LEU B 291 -17.03 -26.85 -12.08
N ALA B 292 -16.26 -27.58 -11.27
CA ALA B 292 -14.87 -27.87 -11.55
C ALA B 292 -14.77 -28.92 -12.67
N PRO B 293 -13.99 -28.61 -13.72
CA PRO B 293 -13.96 -29.36 -14.95
C PRO B 293 -13.15 -30.68 -14.87
N HIS B 294 -12.54 -30.97 -13.74
CA HIS B 294 -11.73 -32.17 -13.57
C HIS B 294 -12.54 -33.46 -13.66
N ASN B 295 -11.97 -34.43 -14.38
CA ASN B 295 -12.59 -35.73 -14.59
C ASN B 295 -14.07 -35.66 -14.90
N LYS B 296 -14.45 -34.72 -15.76
CA LYS B 296 -15.83 -34.50 -16.14
C LYS B 296 -16.07 -34.92 -17.58
N HIS B 297 -15.12 -35.68 -18.11
CA HIS B 297 -15.19 -36.28 -19.46
C HIS B 297 -16.39 -37.19 -19.63
N ASN B 298 -16.90 -37.72 -18.53
CA ASN B 298 -18.03 -38.58 -18.62
C ASN B 298 -19.36 -37.86 -18.68
N HIS B 299 -19.34 -36.56 -18.53
CA HIS B 299 -20.57 -35.80 -18.48
C HIS B 299 -20.64 -34.80 -19.61
N GLU B 300 -19.49 -34.40 -20.13
CA GLU B 300 -19.47 -33.35 -21.13
C GLU B 300 -19.08 -33.82 -22.54
N PRO B 301 -20.09 -34.05 -23.39
CA PRO B 301 -19.88 -34.56 -24.73
C PRO B 301 -19.16 -33.61 -25.65
N MET B 302 -19.18 -32.32 -25.31
CA MET B 302 -18.83 -31.24 -26.24
C MET B 302 -17.41 -30.66 -26.17
N THR B 303 -16.45 -31.40 -25.62
CA THR B 303 -15.06 -31.03 -25.74
C THR B 303 -14.24 -32.26 -25.95
N ALA B 304 -13.03 -32.04 -26.47
CA ALA B 304 -11.99 -33.02 -26.36
C ALA B 304 -11.40 -32.90 -24.95
N TRP B 305 -10.85 -34.01 -24.46
CA TRP B 305 -10.33 -34.05 -23.13
C TRP B 305 -8.84 -34.13 -23.22
N ARG B 306 -8.17 -33.93 -22.09
CA ARG B 306 -6.74 -34.17 -22.03
C ARG B 306 -6.34 -34.45 -20.62
N ARG B 307 -5.42 -35.39 -20.47
CA ARG B 307 -5.00 -35.87 -19.17
C ARG B 307 -3.90 -34.96 -18.69
N SER B 308 -4.02 -34.46 -17.46
CA SER B 308 -2.98 -33.54 -17.00
C SER B 308 -2.24 -34.06 -15.78
N PRO B 309 -0.97 -34.46 -15.96
CA PRO B 309 -0.27 -34.99 -14.83
C PRO B 309 0.07 -33.93 -13.79
N ALA B 310 0.25 -32.68 -14.19
CA ALA B 310 0.66 -31.63 -13.24
C ALA B 310 -0.38 -31.57 -12.15
N GLN B 311 -1.64 -31.59 -12.58
CA GLN B 311 -2.79 -31.57 -11.73
C GLN B 311 -2.94 -32.83 -10.86
N GLU B 312 -2.55 -33.98 -11.42
CA GLU B 312 -2.57 -35.24 -10.68
C GLU B 312 -1.66 -35.11 -9.49
N LYS B 313 -0.48 -34.55 -9.74
CA LYS B 313 0.53 -34.24 -8.72
C LYS B 313 -0.09 -33.31 -7.66
N LYS B 314 -0.63 -32.19 -8.13
CA LYS B 314 -1.23 -31.18 -7.27
C LYS B 314 -2.38 -31.67 -6.41
N LEU B 315 -3.22 -32.55 -6.94
CA LEU B 315 -4.42 -32.95 -6.20
C LEU B 315 -4.28 -34.31 -5.55
N LYS B 316 -3.09 -34.89 -5.66
CA LYS B 316 -2.80 -36.22 -5.15
C LYS B 316 -3.80 -37.27 -5.65
N LYS B 317 -4.18 -37.16 -6.93
CA LYS B 317 -5.03 -38.16 -7.56
C LYS B 317 -4.22 -39.00 -8.54
N PRO B 318 -4.64 -40.27 -8.76
CA PRO B 318 -3.83 -41.02 -9.70
C PRO B 318 -4.14 -40.54 -11.12
N GLN B 319 -5.39 -40.13 -11.39
CA GLN B 319 -5.79 -39.72 -12.74
C GLN B 319 -6.62 -38.43 -12.84
N VAL B 320 -6.31 -37.55 -13.80
CA VAL B 320 -7.12 -36.34 -14.04
C VAL B 320 -7.25 -35.95 -15.50
N TYR B 321 -8.47 -35.96 -16.02
CA TYR B 321 -8.73 -35.29 -17.29
C TYR B 321 -9.36 -33.94 -17.12
N LEU B 322 -9.10 -33.12 -18.14
CA LEU B 322 -9.40 -31.71 -18.22
C LEU B 322 -9.71 -31.31 -19.66
N PRO B 323 -10.69 -30.41 -19.83
CA PRO B 323 -11.07 -30.09 -21.19
C PRO B 323 -9.87 -29.49 -21.88
N ARG B 324 -9.62 -29.91 -23.12
CA ARG B 324 -8.55 -29.38 -23.95
C ARG B 324 -9.17 -28.18 -24.58
N GLU B 325 -8.62 -26.98 -24.37
CA GLU B 325 -9.22 -25.79 -24.98
C GLU B 325 -8.65 -25.56 -26.34
N HIS B 326 -9.36 -24.71 -27.07
CA HIS B 326 -8.96 -24.38 -28.42
C HIS B 326 -7.76 -23.48 -28.42
N ASP B 327 -6.95 -23.57 -29.44
CA ASP B 327 -5.87 -22.63 -29.52
C ASP B 327 -6.13 -21.63 -30.66
N PRO B 328 -6.32 -20.33 -30.33
CA PRO B 328 -6.76 -19.30 -31.26
C PRO B 328 -5.79 -19.03 -32.37
N THR B 329 -4.48 -19.16 -32.11
CA THR B 329 -3.44 -19.10 -33.14
C THR B 329 -3.68 -19.99 -34.34
N ARG B 330 -4.11 -21.24 -34.13
CA ARG B 330 -4.06 -22.26 -35.22
C ARG B 330 -5.41 -22.60 -35.82
N SER B 331 -5.43 -23.06 -37.05
CA SER B 331 -6.71 -23.39 -37.67
C SER B 331 -7.13 -24.76 -37.16
N ALA B 332 -8.44 -25.03 -37.16
CA ALA B 332 -9.00 -26.26 -36.61
C ALA B 332 -8.35 -27.49 -37.17
N TRP B 333 -8.26 -27.52 -38.50
CA TRP B 333 -7.82 -28.71 -39.21
C TRP B 333 -6.46 -29.19 -38.70
N ARG B 334 -5.72 -28.29 -38.04
CA ARG B 334 -4.47 -28.67 -37.38
C ARG B 334 -4.74 -29.60 -36.18
N GLY B 335 -5.92 -29.53 -35.60
CA GLY B 335 -6.22 -30.33 -34.43
C GLY B 335 -6.90 -31.65 -34.72
N LEU B 336 -7.16 -31.92 -36.00
CA LEU B 336 -7.81 -33.17 -36.42
C LEU B 336 -7.41 -34.38 -35.61
N GLY B 337 -6.14 -34.51 -35.23
CA GLY B 337 -5.73 -35.68 -34.47
C GLY B 337 -6.73 -36.10 -33.39
N ALA B 338 -6.99 -35.15 -32.48
CA ALA B 338 -7.84 -35.37 -31.33
C ALA B 338 -9.26 -35.60 -31.80
N LEU B 339 -9.70 -34.81 -32.78
CA LEU B 339 -11.10 -34.87 -33.25
C LEU B 339 -11.49 -36.19 -33.94
N VAL B 340 -10.53 -36.81 -34.62
CA VAL B 340 -10.80 -38.04 -35.33
C VAL B 340 -10.51 -39.30 -34.51
N ALA B 341 -9.34 -39.33 -33.86
CA ALA B 341 -8.90 -40.55 -33.21
C ALA B 341 -8.39 -40.29 -31.83
N GLY B 342 -8.62 -39.06 -31.36
CA GLY B 342 -8.16 -38.66 -30.04
C GLY B 342 -6.65 -38.70 -29.85
N GLU B 343 -5.91 -38.41 -30.91
CA GLU B 343 -4.46 -38.41 -30.85
C GLU B 343 -3.93 -36.99 -30.80
N ALA B 344 -3.12 -36.71 -29.79
CA ALA B 344 -2.46 -35.42 -29.61
C ALA B 344 -0.99 -35.69 -29.32
N SER B 345 -0.12 -34.76 -29.63
CA SER B 345 1.32 -35.06 -29.61
C SER B 345 1.94 -35.39 -28.21
N GLY B 346 1.45 -34.77 -27.15
CA GLY B 346 1.90 -35.22 -25.83
C GLY B 346 1.55 -36.69 -25.55
N ALA B 347 0.48 -37.16 -26.20
CA ALA B 347 -0.23 -38.42 -25.87
C ALA B 347 0.49 -39.30 -24.87
N GLU B 348 1.50 -40.02 -25.36
CA GLU B 348 2.25 -41.00 -24.61
C GLU B 348 2.73 -40.52 -23.24
N GLN B 349 3.36 -39.35 -23.23
CA GLN B 349 3.99 -38.86 -22.02
C GLN B 349 3.03 -38.77 -20.86
N ARG B 350 1.80 -38.32 -21.15
CA ARG B 350 0.81 -38.02 -20.11
C ARG B 350 -0.02 -39.26 -19.73
N GLY B 351 0.12 -40.32 -20.50
CA GLY B 351 -0.66 -41.55 -20.31
C GLY B 351 -2.12 -41.27 -20.55
N GLU B 352 -2.38 -40.47 -21.61
CA GLU B 352 -3.72 -40.15 -22.09
C GLU B 352 -4.33 -41.35 -22.76
N ALA B 353 -5.59 -41.63 -22.53
CA ALA B 353 -6.29 -42.60 -23.34
C ALA B 353 -6.97 -41.85 -24.48
N ALA B 354 -6.59 -42.18 -25.72
CA ALA B 354 -7.21 -41.62 -26.93
C ALA B 354 -8.77 -41.78 -26.96
N ALA B 355 -9.23 -42.97 -26.52
CA ALA B 355 -10.63 -43.27 -26.30
C ALA B 355 -11.35 -42.18 -25.51
N ILE B 356 -10.66 -41.63 -24.51
CA ILE B 356 -11.18 -40.51 -23.70
C ILE B 356 -11.01 -39.11 -24.38
N VAL B 357 -9.90 -38.87 -25.07
CA VAL B 357 -9.66 -37.53 -25.58
C VAL B 357 -10.70 -37.08 -26.59
N ARG B 358 -11.11 -37.96 -27.49
CA ARG B 358 -12.04 -37.59 -28.58
C ARG B 358 -13.38 -37.26 -27.95
N PRO B 359 -14.01 -36.15 -28.37
CA PRO B 359 -15.26 -35.69 -27.79
C PRO B 359 -16.36 -36.75 -27.88
N ARG B 360 -17.14 -36.92 -26.81
CA ARG B 360 -18.24 -37.91 -26.87
C ARG B 360 -19.13 -37.60 -28.06
N ILE B 361 -19.24 -36.31 -28.37
CA ILE B 361 -20.12 -35.88 -29.43
C ILE B 361 -19.76 -36.54 -30.77
N LEU B 362 -18.46 -36.73 -31.03
CA LEU B 362 -18.02 -37.44 -32.23
C LEU B 362 -18.17 -38.94 -32.04
N ASP B 363 -17.73 -39.48 -30.90
CA ASP B 363 -17.98 -40.91 -30.57
C ASP B 363 -19.40 -41.34 -30.92
N TRP B 364 -20.35 -40.44 -30.61
CA TRP B 364 -21.75 -40.49 -30.99
C TRP B 364 -21.93 -40.68 -32.47
N VAL B 365 -21.53 -39.67 -33.24
CA VAL B 365 -21.58 -39.73 -34.69
C VAL B 365 -20.93 -41.03 -35.22
N ALA B 366 -19.74 -41.38 -34.69
CA ALA B 366 -19.06 -42.65 -34.98
C ALA B 366 -19.95 -43.89 -34.79
N ARG B 367 -20.62 -43.96 -33.63
CA ARG B 367 -21.50 -45.08 -33.28
C ARG B 367 -22.67 -45.14 -34.25
N LEU B 368 -23.27 -43.96 -34.47
CA LEU B 368 -24.32 -43.72 -35.44
C LEU B 368 -23.97 -44.23 -36.80
N VAL B 369 -22.76 -43.91 -37.25
CA VAL B 369 -22.27 -44.40 -38.53
C VAL B 369 -22.03 -45.89 -38.48
N ASN B 370 -21.37 -46.35 -37.41
CA ASN B 370 -21.05 -47.74 -37.26
C ASN B 370 -22.25 -48.69 -37.28
N GLU B 371 -23.39 -48.22 -36.77
CA GLU B 371 -24.68 -48.94 -36.87
C GLU B 371 -25.47 -48.63 -38.16
N GLY B 372 -24.81 -48.01 -39.12
CA GLY B 372 -25.42 -47.71 -40.41
C GLY B 372 -26.58 -46.74 -40.46
N PHE B 373 -26.81 -46.00 -39.39
CA PHE B 373 -27.87 -45.01 -39.37
C PHE B 373 -27.57 -43.76 -40.21
N LEU B 374 -26.33 -43.26 -40.13
CA LEU B 374 -25.81 -42.30 -41.10
C LEU B 374 -24.95 -43.08 -42.11
N PRO B 375 -25.00 -42.71 -43.40
CA PRO B 375 -24.21 -43.42 -44.43
C PRO B 375 -22.77 -42.98 -44.32
N GLU B 376 -21.79 -43.74 -44.75
CA GLU B 376 -20.39 -43.28 -44.61
C GLU B 376 -20.10 -41.90 -45.23
N ASP B 377 -20.53 -41.70 -46.48
CA ASP B 377 -20.31 -40.46 -47.23
C ASP B 377 -21.00 -39.20 -46.70
N TYR B 378 -21.79 -39.31 -45.64
CA TYR B 378 -22.46 -38.14 -45.07
C TYR B 378 -21.51 -37.03 -44.65
N PHE B 379 -21.90 -35.80 -44.95
CA PHE B 379 -21.07 -34.63 -44.66
C PHE B 379 -21.58 -33.80 -43.49
N ILE B 380 -20.64 -33.32 -42.65
CA ILE B 380 -20.93 -32.53 -41.43
C ILE B 380 -19.88 -31.42 -41.23
N ARG B 381 -20.29 -30.21 -40.88
CA ARG B 381 -19.28 -29.30 -40.32
C ARG B 381 -19.09 -29.58 -38.83
N THR B 382 -17.84 -29.58 -38.36
CA THR B 382 -17.53 -29.84 -36.95
C THR B 382 -17.05 -28.55 -36.43
N ARG B 383 -17.86 -27.95 -35.56
CA ARG B 383 -17.64 -26.58 -35.15
C ARG B 383 -16.77 -26.45 -33.91
N LEU B 384 -15.86 -25.49 -33.93
CA LEU B 384 -15.03 -25.22 -32.77
C LEU B 384 -15.36 -23.88 -32.15
N ILE B 385 -15.95 -23.87 -30.95
CA ILE B 385 -16.21 -22.61 -30.28
C ILE B 385 -15.63 -22.55 -28.88
N GLY B 386 -14.92 -21.47 -28.62
CA GLY B 386 -14.42 -21.18 -27.30
C GLY B 386 -14.24 -19.70 -27.04
N VAL B 387 -13.81 -19.39 -25.82
CA VAL B 387 -13.46 -18.04 -25.45
C VAL B 387 -12.08 -18.23 -24.90
N SER B 388 -11.10 -17.44 -25.34
CA SER B 388 -9.86 -17.44 -24.57
C SER B 388 -9.86 -16.27 -23.60
N TYR B 389 -9.88 -16.69 -22.33
CA TYR B 389 -10.06 -15.81 -21.23
C TYR B 389 -8.73 -15.15 -21.04
N GLY B 390 -8.76 -13.92 -20.53
CA GLY B 390 -7.60 -13.08 -20.47
C GLY B 390 -6.80 -13.24 -19.19
N THR B 391 -6.18 -12.13 -18.77
CA THR B 391 -5.41 -12.09 -17.50
C THR B 391 -6.24 -12.61 -16.34
N GLN B 392 -5.65 -13.54 -15.60
CA GLN B 392 -6.32 -14.20 -14.50
C GLN B 392 -7.75 -14.51 -14.76
N GLN B 393 -8.07 -14.92 -15.99
CA GLN B 393 -9.42 -15.39 -16.34
C GLN B 393 -10.50 -14.38 -16.06
N ALA B 394 -10.12 -13.11 -15.93
CA ALA B 394 -11.04 -12.08 -15.47
C ALA B 394 -11.53 -11.14 -16.58
N VAL B 395 -11.11 -11.42 -17.81
CA VAL B 395 -11.27 -10.59 -18.98
C VAL B 395 -11.35 -11.51 -20.21
N ILE B 396 -12.04 -11.13 -21.26
CA ILE B 396 -12.01 -12.00 -22.45
C ILE B 396 -11.13 -11.44 -23.58
N ASP B 397 -10.02 -12.12 -23.92
CA ASP B 397 -9.14 -11.67 -25.00
C ASP B 397 -9.72 -11.76 -26.38
N GLU B 398 -10.26 -12.91 -26.70
CA GLU B 398 -10.93 -13.12 -27.95
C GLU B 398 -11.76 -14.38 -27.84
N ILE B 399 -12.68 -14.50 -28.80
CA ILE B 399 -13.51 -15.69 -28.99
C ILE B 399 -12.98 -16.52 -30.17
N VAL B 400 -12.95 -17.84 -29.96
CA VAL B 400 -12.49 -18.81 -30.96
C VAL B 400 -13.68 -19.31 -31.75
N ASP B 401 -13.68 -19.21 -33.06
CA ASP B 401 -14.78 -19.82 -33.81
C ASP B 401 -14.28 -20.28 -35.16
N ASP B 402 -14.15 -21.58 -35.29
CA ASP B 402 -13.64 -22.18 -36.49
C ASP B 402 -14.51 -23.46 -36.73
N HIS B 403 -14.04 -24.37 -37.58
CA HIS B 403 -14.74 -25.60 -37.87
C HIS B 403 -13.95 -26.40 -38.88
N VAL B 404 -14.39 -27.62 -39.13
CA VAL B 404 -13.73 -28.50 -40.09
C VAL B 404 -14.82 -29.29 -40.84
N ALA B 405 -14.93 -29.05 -42.15
CA ALA B 405 -15.91 -29.77 -42.98
C ALA B 405 -15.33 -31.12 -43.35
N MET B 406 -16.12 -32.17 -43.08
CA MET B 406 -15.68 -33.52 -43.41
C MET B 406 -16.80 -34.51 -43.65
N ALA B 407 -16.47 -35.52 -44.45
CA ALA B 407 -17.29 -36.71 -44.55
C ALA B 407 -17.20 -37.48 -43.22
N VAL B 408 -18.25 -38.21 -42.90
CA VAL B 408 -18.32 -38.98 -41.69
C VAL B 408 -17.34 -40.17 -41.61
N VAL B 409 -17.08 -40.79 -42.76
CA VAL B 409 -16.08 -41.89 -42.91
C VAL B 409 -14.78 -41.68 -42.13
N LEU B 410 -14.42 -40.42 -41.91
CA LEU B 410 -13.19 -40.15 -41.19
C LEU B 410 -13.30 -40.65 -39.77
N LEU B 411 -14.49 -40.64 -39.19
CA LEU B 411 -14.59 -41.13 -37.85
C LEU B 411 -14.53 -42.65 -37.87
N HIS B 412 -14.97 -43.24 -38.97
CA HIS B 412 -14.97 -44.69 -39.16
C HIS B 412 -13.55 -45.28 -39.38
N GLU B 413 -12.96 -45.03 -40.55
CA GLU B 413 -11.65 -45.57 -40.95
C GLU B 413 -10.41 -44.97 -40.21
N ARG B 414 -10.64 -44.45 -38.99
CA ARG B 414 -9.60 -43.73 -38.20
C ARG B 414 -8.36 -44.57 -37.87
N ASP B 415 -8.47 -45.89 -38.02
CA ASP B 415 -7.36 -46.84 -37.78
C ASP B 415 -6.24 -46.63 -38.78
N SER B 416 -6.37 -47.29 -39.93
CA SER B 416 -5.36 -47.17 -41.00
C SER B 416 -5.93 -46.66 -42.34
N GLY B 417 -7.27 -46.61 -42.44
CA GLY B 417 -7.97 -46.17 -43.66
C GLY B 417 -7.85 -44.68 -43.93
N LEU B 418 -8.98 -44.05 -44.26
CA LEU B 418 -9.01 -42.64 -44.64
C LEU B 418 -8.72 -41.70 -43.47
N GLY B 419 -9.19 -42.08 -42.28
CA GLY B 419 -8.95 -41.28 -41.10
C GLY B 419 -7.46 -41.11 -40.91
N ARG B 420 -6.73 -42.23 -40.91
CA ARG B 420 -5.28 -42.16 -40.77
C ARG B 420 -4.64 -41.24 -41.80
N THR B 421 -5.05 -41.36 -43.08
CA THR B 421 -4.41 -40.54 -44.09
C THR B 421 -4.58 -39.06 -43.78
N ALA B 422 -5.79 -38.64 -43.39
CA ALA B 422 -6.04 -37.23 -43.04
C ALA B 422 -5.15 -36.77 -41.88
N ILE B 423 -5.05 -37.60 -40.84
CA ILE B 423 -4.15 -37.27 -39.72
C ILE B 423 -2.70 -37.06 -40.19
N LYS B 424 -2.19 -37.97 -41.02
CA LYS B 424 -0.82 -37.84 -41.51
C LYS B 424 -0.63 -36.66 -42.46
N ALA B 425 -1.62 -36.41 -43.31
CA ALA B 425 -1.61 -35.24 -44.19
C ALA B 425 -1.45 -33.93 -43.40
N VAL B 426 -2.07 -33.83 -42.24
CA VAL B 426 -1.82 -32.69 -41.35
C VAL B 426 -0.35 -32.69 -40.91
N GLU B 427 0.14 -33.87 -40.53
CA GLU B 427 1.47 -33.92 -39.94
C GLU B 427 2.48 -33.50 -40.98
N ASP B 428 2.16 -33.86 -42.22
CA ASP B 428 2.87 -33.39 -43.41
C ASP B 428 2.97 -31.86 -43.51
N ALA B 429 1.80 -31.21 -43.50
CA ALA B 429 1.71 -29.74 -43.46
C ALA B 429 2.64 -29.15 -42.40
N GLU B 430 2.50 -29.65 -41.15
CA GLU B 430 3.35 -29.22 -40.02
C GLU B 430 4.85 -29.40 -40.34
N LYS B 431 5.20 -30.59 -40.84
CA LYS B 431 6.57 -30.92 -41.23
C LYS B 431 7.09 -29.95 -42.26
N ALA B 432 6.20 -29.57 -43.18
CA ALA B 432 6.59 -28.76 -44.33
C ALA B 432 6.86 -27.33 -43.91
N VAL B 433 6.00 -26.80 -43.05
CA VAL B 433 6.06 -25.40 -42.72
C VAL B 433 7.31 -25.17 -41.95
N THR B 434 7.78 -26.17 -41.23
CA THR B 434 9.04 -26.02 -40.53
C THR B 434 10.21 -25.89 -41.52
N VAL B 435 10.16 -26.63 -42.63
CA VAL B 435 11.20 -26.47 -43.63
C VAL B 435 11.15 -25.05 -44.14
N LEU B 436 9.94 -24.48 -44.20
CA LEU B 436 9.81 -23.07 -44.56
C LEU B 436 10.40 -22.17 -43.49
N GLY B 437 10.08 -22.47 -42.23
CA GLY B 437 10.52 -21.67 -41.09
C GLY B 437 12.02 -21.61 -41.06
N GLY B 438 12.64 -22.78 -41.27
CA GLY B 438 14.08 -22.92 -41.31
C GLY B 438 14.68 -21.99 -42.33
N LEU B 439 14.07 -21.91 -43.51
CA LEU B 439 14.55 -21.05 -44.57
C LEU B 439 14.57 -19.63 -44.10
N ALA B 440 13.47 -19.09 -43.60
CA ALA B 440 13.46 -17.66 -43.28
C ALA B 440 14.52 -17.36 -42.23
N ALA B 441 14.73 -18.36 -41.35
CA ALA B 441 15.74 -18.30 -40.30
C ALA B 441 17.17 -18.29 -40.84
N ASP B 442 17.53 -19.28 -41.66
CA ASP B 442 18.90 -19.41 -42.23
C ASP B 442 19.25 -18.26 -43.12
N LEU B 443 18.21 -17.56 -43.57
CA LEU B 443 18.28 -16.36 -44.40
C LEU B 443 18.59 -15.16 -43.54
N ALA B 444 17.78 -14.97 -42.49
CA ALA B 444 18.06 -13.94 -41.50
C ALA B 444 19.49 -14.07 -40.96
N LYS B 445 19.93 -15.30 -40.70
CA LYS B 445 21.29 -15.55 -40.24
C LYS B 445 22.34 -15.20 -41.27
N ALA B 446 22.06 -15.49 -42.54
CA ALA B 446 23.04 -15.23 -43.62
C ALA B 446 23.22 -13.74 -43.85
N ALA B 447 22.34 -12.97 -43.21
CA ALA B 447 22.36 -11.53 -43.31
C ALA B 447 22.81 -10.96 -41.97
N GLY B 448 22.73 -11.77 -40.92
CA GLY B 448 23.10 -11.29 -39.59
C GLY B 448 21.96 -10.61 -38.88
N ALA B 449 20.72 -10.87 -39.29
CA ALA B 449 19.53 -10.40 -38.55
C ALA B 449 19.11 -11.48 -37.55
N ASP B 450 18.27 -11.09 -36.58
CA ASP B 450 17.81 -12.02 -35.57
C ASP B 450 16.89 -13.00 -36.29
N PRO B 451 17.00 -14.31 -35.99
CA PRO B 451 16.20 -15.24 -36.77
C PRO B 451 14.79 -15.45 -36.26
N GLU B 452 14.47 -14.86 -35.11
CA GLU B 452 13.23 -15.19 -34.44
C GLU B 452 11.97 -14.76 -35.13
N THR B 453 11.80 -13.48 -35.46
CA THR B 453 10.54 -13.07 -36.15
C THR B 453 10.38 -13.50 -37.60
N PRO B 454 11.47 -13.44 -38.40
CA PRO B 454 11.31 -13.99 -39.76
C PRO B 454 10.78 -15.42 -39.77
N ARG B 455 11.29 -16.26 -38.87
CA ARG B 455 10.85 -17.64 -38.79
C ARG B 455 9.41 -17.69 -38.33
N ALA B 456 9.10 -16.82 -37.38
CA ALA B 456 7.77 -16.73 -36.76
C ALA B 456 6.76 -16.36 -37.79
N ALA B 457 7.16 -15.41 -38.65
CA ALA B 457 6.32 -14.89 -39.73
C ALA B 457 6.17 -15.92 -40.78
N ALA B 458 7.29 -16.48 -41.23
CA ALA B 458 7.29 -17.41 -42.34
C ALA B 458 6.41 -18.58 -42.02
N ARG B 459 6.40 -19.00 -40.75
CA ARG B 459 5.46 -20.03 -40.33
C ARG B 459 3.99 -19.60 -40.56
N ASP B 460 3.63 -18.38 -40.14
CA ASP B 460 2.26 -17.88 -40.29
C ASP B 460 1.79 -17.89 -41.71
N ARG B 461 2.63 -17.36 -42.58
CA ARG B 461 2.30 -17.31 -43.98
C ARG B 461 2.07 -18.72 -44.52
N GLY B 462 2.93 -19.64 -44.08
CA GLY B 462 2.90 -21.05 -44.46
C GLY B 462 1.57 -21.69 -44.12
N PHE B 463 1.19 -21.64 -42.85
CA PHE B 463 -0.10 -22.20 -42.46
C PHE B 463 -1.25 -21.43 -43.05
N GLY B 464 -1.04 -20.14 -43.31
CA GLY B 464 -1.97 -19.34 -44.11
C GLY B 464 -2.18 -19.95 -45.48
N MET B 465 -1.10 -20.18 -46.20
CA MET B 465 -1.18 -20.67 -47.58
C MET B 465 -1.57 -22.13 -47.70
N LEU B 466 -1.65 -22.86 -46.60
CA LEU B 466 -2.01 -24.29 -46.65
C LEU B 466 -3.43 -24.52 -46.22
N ASP B 467 -4.01 -23.52 -45.58
CA ASP B 467 -5.30 -23.68 -44.93
C ASP B 467 -6.35 -23.89 -46.00
N GLY B 468 -6.52 -22.89 -46.86
CA GLY B 468 -7.45 -22.97 -48.00
C GLY B 468 -7.42 -24.33 -48.68
N PRO B 469 -6.30 -24.66 -49.35
CA PRO B 469 -6.20 -25.92 -50.08
C PRO B 469 -6.36 -27.15 -49.19
N PHE B 470 -5.88 -27.10 -47.95
CA PHE B 470 -5.97 -28.28 -47.13
C PHE B 470 -7.41 -28.70 -46.87
N ARG B 471 -8.22 -27.71 -46.48
CA ARG B 471 -9.62 -27.91 -46.13
C ARG B 471 -10.29 -28.51 -47.34
N THR B 472 -9.92 -28.03 -48.53
CA THR B 472 -10.56 -28.59 -49.70
C THR B 472 -10.00 -29.98 -50.05
N TRP B 473 -8.76 -30.24 -49.66
CA TRP B 473 -8.25 -31.59 -49.83
C TRP B 473 -8.96 -32.53 -48.91
N LEU B 474 -9.40 -32.02 -47.77
CA LEU B 474 -9.98 -32.89 -46.78
C LEU B 474 -11.31 -33.39 -47.30
N ALA B 475 -12.12 -32.45 -47.81
CA ALA B 475 -13.43 -32.77 -48.37
C ALA B 475 -13.39 -33.74 -49.58
N THR B 476 -12.20 -34.02 -50.10
CA THR B 476 -11.96 -35.08 -51.10
C THR B 476 -12.20 -36.46 -50.55
N LEU B 477 -11.82 -36.65 -49.30
CA LEU B 477 -11.88 -37.98 -48.69
C LEU B 477 -13.33 -38.45 -48.48
N ALA B 478 -13.82 -39.29 -49.40
CA ALA B 478 -15.14 -39.93 -49.31
C ALA B 478 -14.94 -41.43 -49.52
N PRO B 479 -15.88 -42.27 -49.02
CA PRO B 479 -15.70 -43.73 -48.98
C PRO B 479 -15.07 -44.30 -50.24
N GLY B 480 -15.49 -43.81 -51.40
CA GLY B 480 -14.94 -44.28 -52.67
C GLY B 480 -13.42 -44.21 -52.83
N THR B 481 -12.78 -43.23 -52.19
CA THR B 481 -11.39 -42.81 -52.51
C THR B 481 -10.28 -43.80 -52.12
N ASP B 482 -9.05 -43.48 -52.55
CA ASP B 482 -7.86 -44.26 -52.27
C ASP B 482 -6.92 -43.50 -51.32
N ALA B 483 -6.55 -44.16 -50.22
CA ALA B 483 -5.76 -43.54 -49.14
C ALA B 483 -4.42 -42.98 -49.62
N THR B 484 -3.60 -43.88 -50.14
CA THR B 484 -2.31 -43.54 -50.72
C THR B 484 -2.46 -42.46 -51.78
N GLU B 485 -3.32 -42.72 -52.76
CA GLU B 485 -3.55 -41.79 -53.85
C GLU B 485 -3.81 -40.37 -53.32
N ARG B 486 -4.61 -40.22 -52.27
CA ARG B 486 -4.88 -38.90 -51.72
C ARG B 486 -3.67 -38.31 -51.00
N ARG B 487 -3.04 -39.11 -50.15
CA ARG B 487 -1.83 -38.73 -49.42
C ARG B 487 -0.78 -38.10 -50.34
N ARG B 488 -0.40 -38.83 -51.42
CA ARG B 488 0.40 -38.29 -52.54
C ARG B 488 -0.15 -36.96 -53.00
N ALA B 489 -1.39 -36.97 -53.46
CA ALA B 489 -1.98 -35.76 -54.03
C ALA B 489 -1.75 -34.55 -53.14
N TRP B 490 -1.91 -34.75 -51.83
CA TRP B 490 -1.75 -33.68 -50.85
C TRP B 490 -0.31 -33.25 -50.72
N GLN B 491 0.57 -34.22 -50.51
CA GLN B 491 2.00 -33.94 -50.51
C GLN B 491 2.49 -33.16 -51.78
N GLN B 492 2.08 -33.59 -52.98
CA GLN B 492 2.30 -32.79 -54.20
C GLN B 492 1.82 -31.36 -53.98
N LYS B 493 0.56 -31.21 -53.57
CA LYS B 493 -0.01 -29.86 -53.39
C LYS B 493 0.79 -29.01 -52.40
N ALA B 494 1.07 -29.55 -51.22
CA ALA B 494 1.90 -28.88 -50.22
C ALA B 494 3.24 -28.42 -50.80
N HIS B 495 3.93 -29.35 -51.44
CA HIS B 495 5.22 -29.05 -52.03
C HIS B 495 5.19 -27.85 -52.99
N ARG B 496 4.22 -27.86 -53.94
CA ARG B 496 3.91 -26.73 -54.85
C ARG B 496 3.72 -25.48 -54.04
N ILE B 497 2.68 -25.46 -53.20
CA ILE B 497 2.30 -24.30 -52.39
C ILE B 497 3.50 -23.70 -51.70
N ILE B 498 4.19 -24.55 -50.92
CA ILE B 498 5.23 -24.12 -49.99
C ILE B 498 6.55 -23.71 -50.67
N SER B 499 6.87 -24.42 -51.76
CA SER B 499 8.06 -24.09 -52.51
C SER B 499 7.85 -22.74 -53.21
N ASP B 500 6.61 -22.37 -53.48
CA ASP B 500 6.31 -21.06 -54.05
C ASP B 500 6.51 -19.97 -53.04
N LEU B 501 5.89 -20.13 -51.88
CA LEU B 501 6.17 -19.30 -50.75
C LEU B 501 7.70 -19.15 -50.46
N GLY B 502 8.46 -20.23 -50.66
CA GLY B 502 9.91 -20.21 -50.50
C GLY B 502 10.52 -19.17 -51.45
N ARG B 503 10.14 -19.29 -52.71
CA ARG B 503 10.57 -18.35 -53.73
C ARG B 503 10.26 -16.91 -53.40
N GLN B 504 9.05 -16.60 -52.92
CA GLN B 504 8.80 -15.23 -52.48
C GLN B 504 9.68 -14.87 -51.33
N LEU B 505 9.96 -15.78 -50.40
CA LEU B 505 10.84 -15.37 -49.29
C LEU B 505 12.25 -15.02 -49.74
N VAL B 506 12.84 -15.92 -50.50
CA VAL B 506 14.07 -15.63 -51.21
C VAL B 506 14.02 -14.31 -52.03
N ALA B 507 12.89 -14.05 -52.71
CA ALA B 507 12.68 -12.82 -53.48
C ALA B 507 12.75 -11.64 -52.56
N GLU B 508 11.91 -11.63 -51.55
CA GLU B 508 11.83 -10.54 -50.60
C GLU B 508 13.13 -10.20 -49.90
N ALA B 509 14.01 -11.19 -49.68
CA ALA B 509 15.30 -10.91 -49.04
C ALA B 509 16.17 -10.14 -50.05
N GLY B 510 16.09 -10.57 -51.31
CA GLY B 510 16.79 -9.90 -52.39
C GLY B 510 16.13 -8.60 -52.82
N GLU B 511 14.89 -8.35 -52.36
CA GLU B 511 14.11 -7.17 -52.78
C GLU B 511 14.89 -5.96 -52.42
N ALA B 512 15.43 -6.00 -51.19
CA ALA B 512 16.47 -5.09 -50.73
C ALA B 512 17.24 -4.40 -51.91
N ALA B 513 18.12 -5.16 -52.57
CA ALA B 513 18.92 -4.61 -53.63
C ALA B 513 18.54 -5.13 -55.01
N TRP B 514 17.28 -5.53 -55.20
CA TRP B 514 16.72 -5.84 -56.53
C TRP B 514 16.36 -4.55 -57.28
N ASN B 515 15.93 -3.55 -56.49
CA ASN B 515 15.52 -2.21 -56.94
C ASN B 515 16.62 -1.18 -56.67
N GLY B 516 17.88 -1.59 -56.85
CA GLY B 516 19.05 -0.72 -56.65
C GLY B 516 19.18 0.01 -55.32
N ARG B 517 19.31 -0.75 -54.22
CA ARG B 517 19.35 -0.20 -52.83
C ARG B 517 20.18 -1.02 -51.79
N VAL B 518 21.52 -0.93 -51.86
CA VAL B 518 22.48 -1.43 -50.79
C VAL B 518 23.96 -1.16 -51.16
N ASN B 523 32.10 -8.67 -48.30
CA ASN B 523 31.11 -9.57 -47.74
C ASN B 523 30.06 -10.10 -48.73
N THR B 524 30.52 -10.97 -49.62
CA THR B 524 29.65 -11.84 -50.44
C THR B 524 28.79 -12.74 -49.52
N ASP B 525 29.25 -12.86 -48.27
CA ASP B 525 28.81 -13.93 -47.44
C ASP B 525 27.30 -13.90 -47.27
N VAL B 526 26.67 -12.79 -47.68
CA VAL B 526 25.21 -12.73 -47.75
C VAL B 526 24.71 -13.53 -48.96
N TRP B 527 25.13 -13.12 -50.15
CA TRP B 527 24.74 -13.78 -51.40
C TRP B 527 25.06 -15.25 -51.36
N LEU B 528 26.33 -15.54 -51.03
CA LEU B 528 26.82 -16.92 -50.97
C LEU B 528 25.97 -17.73 -50.05
N ASN B 529 25.80 -17.26 -48.82
CA ASN B 529 25.12 -18.05 -47.80
C ASN B 529 23.64 -18.14 -48.01
N ALA B 530 23.04 -17.02 -48.41
CA ALA B 530 21.62 -16.99 -48.76
C ALA B 530 21.33 -17.92 -49.94
N SER B 531 22.23 -18.00 -50.92
CA SER B 531 22.07 -18.96 -52.00
C SER B 531 22.04 -20.39 -51.46
N ARG B 532 22.99 -20.70 -50.57
CA ARG B 532 23.07 -22.02 -49.89
C ARG B 532 21.79 -22.33 -49.14
N ALA B 533 21.34 -21.39 -48.32
CA ALA B 533 20.08 -21.53 -47.60
C ALA B 533 18.89 -21.86 -48.49
N ASP B 534 18.86 -21.30 -49.69
CA ASP B 534 17.75 -21.58 -50.59
C ASP B 534 17.80 -23.04 -51.07
N LEU B 535 18.98 -23.47 -51.55
CA LEU B 535 19.16 -24.83 -52.08
C LEU B 535 18.83 -25.87 -51.03
N LYS B 536 19.32 -25.63 -49.82
CA LYS B 536 19.04 -26.45 -48.67
C LYS B 536 17.56 -26.61 -48.35
N PHE B 537 16.84 -25.50 -48.20
CA PHE B 537 15.40 -25.61 -47.93
C PHE B 537 14.70 -26.39 -49.06
N ARG B 538 15.09 -26.15 -50.31
CA ARG B 538 14.52 -26.92 -51.41
C ARG B 538 14.77 -28.41 -51.24
N ALA B 539 16.04 -28.75 -50.99
CA ALA B 539 16.49 -30.09 -50.67
C ALA B 539 15.72 -30.77 -49.54
N GLU B 540 15.61 -30.12 -48.39
CA GLU B 540 14.94 -30.78 -47.27
C GLU B 540 13.41 -30.79 -47.37
N LEU B 541 12.84 -29.84 -48.10
CA LEU B 541 11.44 -29.88 -48.39
C LEU B 541 11.18 -31.06 -49.32
N LYS B 542 12.14 -31.44 -50.12
CA LYS B 542 11.93 -32.65 -50.88
C LYS B 542 11.95 -33.86 -49.97
N LYS B 543 12.87 -33.87 -49.00
CA LYS B 543 13.02 -34.97 -48.04
C LYS B 543 11.78 -35.10 -47.17
N GLU B 544 11.27 -34.01 -46.64
CA GLU B 544 10.09 -34.08 -45.78
C GLU B 544 8.80 -34.42 -46.48
N LEU B 545 8.74 -34.27 -47.79
CA LEU B 545 7.51 -34.62 -48.48
C LEU B 545 7.86 -35.57 -49.62
N PRO B 546 8.41 -36.76 -49.27
CA PRO B 546 9.04 -37.65 -50.25
C PRO B 546 8.12 -38.15 -51.35
N MET B 547 6.80 -38.05 -51.20
CA MET B 547 5.89 -38.50 -52.23
C MET B 547 5.59 -37.44 -53.30
N ALA B 548 6.48 -36.46 -53.48
CA ALA B 548 6.16 -35.21 -54.21
C ALA B 548 6.22 -35.15 -55.77
N THR B 549 7.29 -35.66 -56.39
CA THR B 549 7.29 -35.89 -57.86
C THR B 549 7.18 -37.38 -58.17
N MET C 4 30.55 20.79 2.57
CA MET C 4 31.44 21.41 3.60
C MET C 4 30.98 21.24 5.08
N THR C 5 30.40 20.08 5.45
CA THR C 5 30.18 19.72 6.87
C THR C 5 31.56 19.60 7.54
N THR C 6 32.61 19.66 6.70
CA THR C 6 34.03 19.81 7.08
C THR C 6 34.23 20.99 8.06
N ASP C 7 33.54 22.09 7.77
CA ASP C 7 33.55 23.28 8.63
C ASP C 7 32.42 23.20 9.65
N ALA C 8 31.23 22.76 9.22
CA ALA C 8 30.07 22.60 10.08
C ALA C 8 30.32 21.57 11.23
N PRO C 9 30.75 22.05 12.43
CA PRO C 9 31.07 21.06 13.44
C PRO C 9 29.77 20.62 14.03
N SER C 10 29.75 19.44 14.59
CA SER C 10 28.53 18.95 15.16
C SER C 10 28.82 17.94 16.23
N PHE C 11 27.91 17.94 17.20
CA PHE C 11 27.99 17.08 18.34
C PHE C 11 26.60 16.64 18.71
N ASN C 12 26.17 15.53 18.13
CA ASN C 12 24.82 15.06 18.42
C ASN C 12 24.68 14.22 19.69
N LEU C 13 24.06 14.85 20.69
CA LEU C 13 23.69 14.28 21.99
C LEU C 13 23.05 12.89 22.03
N ILE C 14 22.36 12.52 20.97
CA ILE C 14 21.91 11.16 20.79
C ILE C 14 23.07 10.20 20.57
N THR C 15 24.00 10.56 19.71
CA THR C 15 24.94 9.55 19.20
C THR C 15 26.37 9.58 19.80
N GLN C 16 26.89 10.76 20.14
CA GLN C 16 28.23 10.90 20.74
C GLN C 16 28.18 10.71 22.26
N PRO C 17 29.31 10.31 22.86
CA PRO C 17 29.26 10.08 24.29
C PRO C 17 29.36 11.38 25.00
N TRP C 18 28.47 11.57 25.97
CA TRP C 18 28.51 12.75 26.85
C TRP C 18 28.00 12.52 28.27
N LEU C 19 27.20 11.46 28.50
CA LEU C 19 26.72 11.09 29.85
C LEU C 19 27.58 10.08 30.59
N PRO C 20 28.15 10.48 31.71
CA PRO C 20 29.07 9.54 32.35
C PRO C 20 28.35 8.57 33.29
N VAL C 21 28.69 7.30 33.17
CA VAL C 21 27.99 6.25 33.86
C VAL C 21 28.97 5.38 34.67
N GLN C 22 28.45 4.73 35.70
CA GLN C 22 29.19 3.75 36.44
C GLN C 22 28.54 2.40 36.24
N TYR C 23 29.34 1.48 35.74
CA TYR C 23 28.91 0.12 35.55
C TYR C 23 28.80 -0.63 36.87
N ARG C 24 28.10 -1.76 36.87
CA ARG C 24 27.95 -2.53 38.08
C ARG C 24 29.30 -2.97 38.48
N ASP C 25 30.12 -3.29 37.49
CA ASP C 25 31.48 -3.76 37.75
C ASP C 25 32.48 -2.62 37.92
N GLY C 26 32.12 -1.59 38.70
CA GLY C 26 33.03 -0.47 39.00
C GLY C 26 33.30 0.51 37.84
N THR C 27 33.66 0.01 36.65
CA THR C 27 34.01 0.78 35.43
C THR C 27 33.28 2.09 35.24
N GLU C 28 34.01 3.15 34.94
CA GLU C 28 33.37 4.44 34.58
C GLU C 28 33.70 4.78 33.13
N LYS C 29 32.80 5.53 32.46
CA LYS C 29 32.85 5.71 31.00
C LYS C 29 31.67 6.55 30.53
N GLU C 30 31.86 7.31 29.44
CA GLU C 30 30.79 8.20 28.94
C GLU C 30 30.05 7.58 27.76
N LEU C 31 28.73 7.71 27.78
CA LEU C 31 27.85 7.13 26.79
C LEU C 31 26.91 8.12 26.10
N SER C 32 26.50 7.72 24.89
CA SER C 32 25.50 8.46 24.10
C SER C 32 24.13 8.31 24.73
N LEU C 33 23.12 8.96 24.17
CA LEU C 33 21.77 8.77 24.66
C LEU C 33 21.34 7.36 24.38
N LEU C 34 21.49 6.99 23.12
CA LEU C 34 21.16 5.67 22.68
C LEU C 34 21.81 4.64 23.55
N GLU C 35 23.11 4.75 23.80
CA GLU C 35 23.75 3.71 24.56
C GLU C 35 23.35 3.58 26.02
N VAL C 36 22.94 4.68 26.61
CA VAL C 36 22.44 4.61 27.95
C VAL C 36 21.17 3.81 28.05
N PHE C 37 20.21 4.09 27.17
CA PHE C 37 19.00 3.25 27.13
C PHE C 37 19.33 1.79 26.86
N LYS C 38 20.14 1.54 25.82
CA LYS C 38 20.47 0.18 25.49
C LYS C 38 21.20 -0.51 26.62
N GLN C 39 22.11 0.17 27.33
CA GLN C 39 22.79 -0.51 28.47
C GLN C 39 22.24 -0.40 29.90
N ALA C 40 21.15 0.34 30.10
CA ALA C 40 20.65 0.69 31.43
C ALA C 40 20.69 -0.38 32.51
N PRO C 41 20.35 -1.62 32.13
CA PRO C 41 20.38 -2.64 33.20
C PRO C 41 21.81 -3.08 33.64
N LEU C 42 22.83 -2.58 32.95
CA LEU C 42 24.20 -2.93 33.23
C LEU C 42 24.79 -1.79 34.03
N LEU C 43 24.12 -0.66 33.96
CA LEU C 43 24.55 0.57 34.60
C LEU C 43 24.08 0.63 36.05
N ARG C 44 25.01 0.77 36.98
CA ARG C 44 24.59 1.08 38.31
C ARG C 44 23.95 2.47 38.41
N ARG C 45 24.53 3.50 37.76
CA ARG C 45 24.03 4.91 37.81
C ARG C 45 24.70 5.91 36.85
N LEU C 46 24.05 7.05 36.64
CA LEU C 46 24.72 8.21 36.07
C LEU C 46 25.57 8.91 37.12
N VAL C 47 26.73 9.37 36.72
CA VAL C 47 27.68 9.98 37.62
C VAL C 47 27.82 11.41 37.14
N GLY C 48 27.24 12.33 37.91
CA GLY C 48 27.15 13.73 37.51
C GLY C 48 28.50 14.38 37.67
N ASP C 49 28.62 15.65 37.30
CA ASP C 49 29.83 16.35 37.57
C ASP C 49 29.71 16.81 38.97
N VAL C 50 28.49 16.73 39.45
CA VAL C 50 28.04 17.30 40.67
C VAL C 50 26.66 16.61 40.76
N PRO C 51 26.23 16.20 41.96
CA PRO C 51 25.04 15.34 42.03
C PRO C 51 23.71 16.00 41.60
N THR C 52 23.71 17.28 41.39
CA THR C 52 22.50 17.86 40.86
C THR C 52 22.34 17.54 39.38
N GLN C 53 23.45 17.38 38.68
CA GLN C 53 23.36 16.97 37.32
C GLN C 53 22.56 15.67 37.22
N GLU C 54 22.79 14.73 38.14
CA GLU C 54 22.11 13.43 38.05
C GLU C 54 20.58 13.55 38.12
N PHE C 55 20.08 14.50 38.91
CA PHE C 55 18.65 14.72 39.02
C PHE C 55 18.13 15.22 37.71
N ALA C 56 18.79 16.28 37.19
CA ALA C 56 18.39 16.96 35.91
C ALA C 56 18.44 16.05 34.67
N LEU C 57 19.56 15.34 34.54
CA LEU C 57 19.76 14.27 33.58
C LEU C 57 18.72 13.17 33.65
N LEU C 58 18.43 12.61 34.83
CA LEU C 58 17.47 11.51 34.90
C LEU C 58 16.17 11.96 34.37
N ARG C 59 15.86 13.19 34.73
CA ARG C 59 14.61 13.80 34.35
C ARG C 59 14.52 13.93 32.86
N LEU C 60 15.63 14.30 32.25
CA LEU C 60 15.71 14.38 30.80
C LEU C 60 15.43 13.02 30.16
N LEU C 61 16.07 11.97 30.69
CA LEU C 61 15.86 10.63 30.18
C LEU C 61 14.39 10.23 30.29
N LEU C 62 13.77 10.64 31.41
CA LEU C 62 12.36 10.40 31.66
C LEU C 62 11.41 11.03 30.63
N ALA C 63 11.68 12.29 30.31
CA ALA C 63 11.02 13.00 29.24
C ALA C 63 11.11 12.21 27.89
N ILE C 64 12.33 11.83 27.47
CA ILE C 64 12.49 10.89 26.37
C ILE C 64 11.67 9.62 26.57
N LEU C 65 11.91 8.89 27.66
CA LEU C 65 11.18 7.65 27.89
C LEU C 65 9.66 7.76 27.82
N HIS C 66 9.10 8.58 28.74
CA HIS C 66 7.69 8.95 28.76
C HIS C 66 7.22 9.21 27.35
N ASP C 67 7.82 10.19 26.67
CA ASP C 67 7.41 10.51 25.32
C ASP C 67 7.52 9.34 24.31
N ALA C 68 8.62 8.60 24.32
CA ALA C 68 8.77 7.49 23.37
C ALA C 68 7.82 6.34 23.62
N ILE C 69 6.83 6.49 24.48
CA ILE C 69 5.82 5.46 24.67
C ILE C 69 4.44 6.07 24.52
N GLY C 70 4.39 7.35 24.87
CA GLY C 70 3.16 8.05 25.12
C GLY C 70 2.84 7.56 26.48
N GLY C 71 3.85 7.72 27.36
CA GLY C 71 3.94 7.54 28.84
C GLY C 71 3.09 6.43 29.37
N PRO C 72 3.46 5.81 30.48
CA PRO C 72 2.61 4.67 30.84
C PRO C 72 1.24 5.11 31.38
N GLU C 73 0.15 4.63 30.76
CA GLU C 73 -1.19 5.16 31.08
C GLU C 73 -1.84 4.47 32.30
N ASP C 74 -1.88 3.12 32.36
CA ASP C 74 -2.21 2.41 33.61
C ASP C 74 -0.94 1.97 34.29
N SER C 75 -1.13 1.27 35.41
CA SER C 75 -0.06 0.51 36.02
C SER C 75 0.03 -0.78 35.26
N ASP C 76 -1.08 -1.18 34.62
CA ASP C 76 -1.07 -2.39 33.79
C ASP C 76 -0.14 -2.21 32.59
N GLU C 77 -0.15 -1.03 31.97
CA GLU C 77 0.75 -0.75 30.86
C GLU C 77 2.22 -0.65 31.35
N TRP C 78 2.47 0.11 32.40
CA TRP C 78 3.77 0.14 33.08
C TRP C 78 4.31 -1.25 33.44
N ALA C 79 3.44 -2.11 33.97
CA ALA C 79 3.90 -3.40 34.46
C ALA C 79 4.41 -4.25 33.33
N GLU C 80 3.94 -3.99 32.14
CA GLU C 80 4.41 -4.77 31.03
C GLU C 80 5.77 -4.27 30.58
N LEU C 81 6.42 -3.45 31.39
CA LEU C 81 7.79 -3.05 31.10
C LEU C 81 8.78 -3.45 32.19
N TRP C 82 8.31 -4.21 33.17
CA TRP C 82 9.04 -4.48 34.39
C TRP C 82 9.16 -5.96 34.70
N THR C 83 10.36 -6.46 34.97
CA THR C 83 10.52 -7.70 35.74
C THR C 83 11.64 -7.38 36.68
N GLN C 84 11.73 -8.12 37.78
CA GLN C 84 12.87 -7.97 38.69
C GLN C 84 13.98 -8.91 38.27
N ASP C 85 13.71 -9.68 37.22
CA ASP C 85 14.64 -10.65 36.75
C ASP C 85 15.77 -9.99 35.97
N GLU C 86 16.89 -9.79 36.65
CA GLU C 86 18.07 -9.14 36.04
C GLU C 86 18.43 -9.67 34.67
N ALA C 87 18.16 -10.94 34.39
CA ALA C 87 18.59 -11.53 33.15
C ALA C 87 17.74 -11.08 31.99
N GLU C 88 16.56 -10.57 32.34
CA GLU C 88 15.61 -10.16 31.34
C GLU C 88 15.47 -8.67 31.18
N GLN C 89 15.79 -7.91 32.22
CA GLN C 89 15.59 -6.46 32.19
C GLN C 89 16.05 -5.82 30.89
N GLN C 90 15.15 -5.12 30.20
CA GLN C 90 15.50 -4.33 29.04
C GLN C 90 14.55 -3.17 28.94
N LEU C 91 15.06 -1.98 28.64
CA LEU C 91 14.16 -0.89 28.22
C LEU C 91 13.64 -1.19 26.80
N PRO C 92 12.53 -0.55 26.36
CA PRO C 92 12.06 -0.79 24.97
C PRO C 92 12.90 -0.07 23.92
N PHE C 93 14.16 -0.42 23.81
CA PHE C 93 15.13 0.33 23.02
C PHE C 93 14.66 0.73 21.58
N ASP C 94 14.02 -0.17 20.85
CA ASP C 94 13.64 0.14 19.49
C ASP C 94 12.53 1.15 19.38
N CYS C 95 11.56 1.13 20.28
CA CYS C 95 10.63 2.27 20.42
C CYS C 95 11.43 3.60 20.48
N ILE C 96 12.27 3.70 21.51
CA ILE C 96 13.15 4.83 21.80
C ILE C 96 14.06 5.22 20.61
N ALA C 97 14.78 4.24 20.10
CA ALA C 97 15.68 4.44 19.00
C ALA C 97 14.97 5.20 17.90
N SER C 98 13.78 4.72 17.53
CA SER C 98 12.98 5.32 16.46
C SER C 98 12.51 6.67 16.85
N TYR C 99 12.07 6.81 18.11
CA TYR C 99 11.61 8.11 18.61
C TYR C 99 12.68 9.15 18.43
N LEU C 100 13.91 8.88 18.89
CA LEU C 100 15.01 9.85 18.77
C LEU C 100 15.41 10.09 17.33
N GLU C 101 15.34 9.04 16.52
CA GLU C 101 15.64 9.13 15.11
C GLU C 101 14.84 10.26 14.53
N GLN C 102 13.60 10.45 14.99
CA GLN C 102 12.74 11.53 14.48
C GLN C 102 13.33 12.92 14.76
N TYR C 103 13.94 13.06 15.92
CA TYR C 103 14.35 14.37 16.40
C TYR C 103 15.86 14.54 16.43
N TYR C 104 16.51 13.84 15.52
CA TYR C 104 17.92 13.96 15.33
C TYR C 104 18.36 15.43 15.27
N HIS C 105 17.71 16.23 14.46
CA HIS C 105 18.18 17.58 14.18
C HIS C 105 17.89 18.57 15.31
N ARG C 106 17.09 18.14 16.27
CA ARG C 106 16.85 18.99 17.44
C ARG C 106 17.81 18.77 18.60
N PHE C 107 18.42 17.58 18.63
CA PHE C 107 19.37 17.11 19.65
C PHE C 107 20.84 17.37 19.28
N ASP C 108 21.08 18.26 18.32
CA ASP C 108 22.44 18.69 18.07
C ASP C 108 22.79 19.91 18.89
N LEU C 109 23.76 19.73 19.80
CA LEU C 109 24.32 20.81 20.62
C LEU C 109 24.82 21.94 19.77
N LEU C 110 25.42 21.58 18.63
CA LEU C 110 26.12 22.54 17.78
C LEU C 110 25.35 22.94 16.50
N HIS C 111 24.05 22.68 16.51
CA HIS C 111 23.23 22.93 15.35
C HIS C 111 23.20 24.44 15.09
N PRO C 112 23.34 24.84 13.81
CA PRO C 112 23.40 26.25 13.43
C PRO C 112 22.08 26.99 13.63
N THR C 113 20.94 26.30 13.47
CA THR C 113 19.62 26.91 13.66
C THR C 113 18.91 26.53 14.94
N THR C 114 18.85 25.22 15.22
CA THR C 114 18.08 24.67 16.34
C THR C 114 18.97 23.81 17.21
N PRO C 115 19.96 24.44 17.83
CA PRO C 115 20.78 23.69 18.72
C PRO C 115 19.92 23.31 19.93
N PHE C 116 20.36 22.28 20.65
CA PHE C 116 19.60 21.67 21.71
C PHE C 116 19.62 22.58 22.92
N PHE C 117 18.50 22.69 23.60
CA PHE C 117 18.41 23.52 24.82
C PHE C 117 18.96 24.96 24.78
N GLN C 118 19.20 25.47 23.57
CA GLN C 118 19.63 26.86 23.44
C GLN C 118 18.96 27.59 22.30
N VAL C 119 19.17 28.91 22.24
CA VAL C 119 18.67 29.81 21.22
C VAL C 119 19.90 30.27 20.43
N ALA C 120 20.04 29.76 19.19
CA ALA C 120 21.26 30.01 18.35
C ALA C 120 21.64 31.48 18.00
N ASP C 121 20.61 32.30 17.76
CA ASP C 121 20.69 33.74 17.46
C ASP C 121 21.06 34.63 18.65
N LEU C 122 20.82 34.12 19.86
CA LEU C 122 20.83 34.87 21.14
C LEU C 122 22.09 35.67 21.43
N HIS C 123 21.89 36.96 21.65
CA HIS C 123 23.03 37.81 21.97
C HIS C 123 22.61 38.94 22.87
N THR C 124 23.57 39.57 23.53
CA THR C 124 23.31 40.82 24.23
C THR C 124 23.43 41.95 23.22
N GLN C 125 23.10 43.15 23.67
CA GLN C 125 23.20 44.33 22.82
C GLN C 125 24.57 44.47 22.11
N LYS C 126 25.65 44.18 22.83
CA LYS C 126 26.99 44.40 22.33
C LYS C 126 27.74 43.08 22.17
N ASN C 127 26.99 41.99 22.01
CA ASN C 127 27.58 40.67 21.77
C ASN C 127 28.51 40.24 22.88
N ASP C 128 27.97 40.03 24.07
CA ASP C 128 28.86 39.79 25.19
C ASP C 128 28.94 38.33 25.54
N VAL C 129 30.09 37.75 25.23
CA VAL C 129 30.30 36.36 25.44
C VAL C 129 30.98 36.20 26.80
N PHE C 130 30.23 35.69 27.77
CA PHE C 130 30.74 35.54 29.13
C PHE C 130 31.37 34.18 29.40
N SER C 131 32.00 34.07 30.55
CA SER C 131 32.64 32.83 31.00
C SER C 131 31.66 31.70 31.34
N LEU C 132 32.19 30.50 31.51
CA LEU C 132 31.29 29.40 31.81
C LEU C 132 31.09 29.20 33.30
N ASP C 133 31.66 30.08 34.15
CA ASP C 133 31.43 29.99 35.61
C ASP C 133 29.94 30.03 35.85
N ARG C 134 29.30 30.71 34.89
CA ARG C 134 27.88 30.99 34.88
C ARG C 134 27.01 29.76 34.79
N ILE C 135 27.45 28.79 34.01
CA ILE C 135 26.79 27.48 33.93
C ILE C 135 27.37 26.46 34.93
N VAL C 136 28.68 26.50 35.14
CA VAL C 136 29.33 25.58 36.06
C VAL C 136 29.00 25.97 37.50
N ALA C 137 28.65 24.95 38.31
CA ALA C 137 28.27 25.20 39.69
C ALA C 137 29.41 25.19 40.69
N ASP C 138 30.55 24.53 40.46
CA ASP C 138 31.54 24.52 41.54
C ASP C 138 32.28 25.79 41.44
N VAL C 139 32.00 26.54 40.39
CA VAL C 139 32.75 27.73 40.14
C VAL C 139 31.77 28.87 40.09
N PRO C 140 31.95 29.76 41.06
CA PRO C 140 31.31 31.06 41.29
C PRO C 140 31.76 32.09 40.25
N ASN C 141 30.92 33.09 39.99
CA ASN C 141 31.24 34.03 38.93
C ASN C 141 32.43 34.88 39.25
N GLY C 142 33.38 34.90 38.32
CA GLY C 142 34.62 35.63 38.54
C GLY C 142 34.37 37.04 38.99
N GLU C 143 33.37 37.69 38.40
CA GLU C 143 33.05 39.09 38.67
C GLU C 143 32.84 39.39 40.15
N LEU C 144 32.39 38.41 40.89
CA LEU C 144 32.13 38.58 42.29
C LEU C 144 33.41 38.48 43.11
N PHE C 145 34.47 37.96 42.52
CA PHE C 145 35.69 37.76 43.28
C PHE C 145 36.80 38.54 42.71
N PHE C 146 36.50 39.15 41.58
CA PHE C 146 37.45 39.91 40.81
C PHE C 146 38.66 39.03 40.41
N THR C 147 38.44 37.77 40.10
CA THR C 147 39.53 36.94 39.63
C THR C 147 39.66 36.94 38.13
N MET C 148 40.89 37.17 37.68
CA MET C 148 41.29 36.88 36.30
C MET C 148 41.79 35.43 36.20
N ARG C 149 42.64 35.10 37.17
CA ARG C 149 43.00 33.74 37.61
C ARG C 149 41.93 32.77 37.20
N ALA C 150 42.11 32.15 36.04
CA ALA C 150 41.12 31.21 35.47
C ALA C 150 41.09 29.86 36.23
N ARG C 151 39.91 29.24 36.30
CA ARG C 151 39.73 28.11 37.24
C ARG C 151 39.33 26.80 36.56
N GLY C 152 39.79 26.67 35.31
CA GLY C 152 39.56 25.47 34.51
C GLY C 152 38.22 25.53 33.81
N VAL C 153 37.73 26.73 33.61
CA VAL C 153 36.40 26.95 33.12
C VAL C 153 36.49 27.86 31.86
N ASP C 154 37.72 28.05 31.37
CA ASP C 154 37.94 28.88 30.21
C ASP C 154 37.44 28.06 29.09
N ARG C 155 37.81 26.78 29.10
CA ARG C 155 37.29 25.82 28.14
C ARG C 155 36.62 24.62 28.80
N LEU C 156 35.65 24.10 28.06
CA LEU C 156 35.00 22.87 28.41
C LEU C 156 34.87 21.97 27.17
N SER C 157 34.83 20.64 27.42
CA SER C 157 34.51 19.60 26.41
C SER C 157 33.05 19.73 26.02
N PHE C 158 32.76 19.46 24.75
CA PHE C 158 31.38 19.55 24.28
C PHE C 158 30.46 18.79 25.22
N ALA C 159 30.91 17.62 25.65
CA ALA C 159 30.16 16.80 26.55
C ALA C 159 29.88 17.55 27.86
N GLU C 160 30.95 18.03 28.51
CA GLU C 160 30.77 18.67 29.79
C GLU C 160 29.87 19.90 29.72
N ALA C 161 30.03 20.67 28.65
CA ALA C 161 29.15 21.79 28.37
C ALA C 161 27.69 21.34 28.37
N ALA C 162 27.39 20.34 27.54
CA ALA C 162 26.05 19.78 27.47
C ALA C 162 25.49 19.52 28.87
N ARG C 163 26.29 18.82 29.69
CA ARG C 163 25.89 18.48 31.04
C ARG C 163 25.42 19.69 31.85
N TRP C 164 26.29 20.69 31.89
CA TRP C 164 25.98 21.93 32.54
C TRP C 164 24.84 22.64 31.79
N LEU C 165 24.74 22.49 30.47
CA LEU C 165 23.65 23.12 29.70
C LEU C 165 22.29 22.72 30.25
N VAL C 166 22.05 21.43 30.32
CA VAL C 166 20.88 20.89 31.00
C VAL C 166 20.80 21.32 32.48
N HIS C 167 21.90 21.20 33.20
CA HIS C 167 21.87 21.48 34.61
C HIS C 167 21.31 22.87 34.92
N ALA C 168 21.74 23.83 34.12
CA ALA C 168 21.48 25.24 34.34
C ALA C 168 19.98 25.56 34.26
N HIS C 169 19.34 25.07 33.18
CA HIS C 169 17.88 25.15 33.01
C HIS C 169 17.12 24.61 34.19
N ALA C 170 17.78 23.78 34.98
CA ALA C 170 17.12 23.05 36.04
C ALA C 170 17.32 23.76 37.34
N TYR C 171 18.53 24.29 37.48
CA TYR C 171 19.06 24.65 38.77
C TYR C 171 19.86 25.92 38.73
N ASP C 172 19.28 27.10 38.70
CA ASP C 172 20.17 28.22 38.48
C ASP C 172 19.76 29.42 39.27
N THR C 173 20.75 30.12 39.78
CA THR C 173 20.52 31.21 40.67
C THR C 173 19.66 32.32 40.07
N SER C 174 19.00 33.05 40.96
CA SER C 174 18.06 34.06 40.56
C SER C 174 18.78 35.38 40.61
N GLY C 175 19.88 35.52 39.90
CA GLY C 175 20.59 36.83 39.91
C GLY C 175 19.91 38.07 39.28
N ILE C 176 20.65 39.17 39.18
CA ILE C 176 20.56 40.04 38.00
C ILE C 176 21.29 39.22 36.96
N LYS C 177 20.69 38.96 35.82
CA LYS C 177 21.41 38.23 34.77
C LYS C 177 21.53 39.10 33.52
N SER C 178 22.26 38.63 32.53
CA SER C 178 22.49 39.43 31.33
C SER C 178 21.23 39.50 30.45
N GLY C 179 21.08 40.63 29.77
CA GLY C 179 19.96 40.94 28.86
C GLY C 179 19.97 40.45 27.41
N ALA C 180 19.02 39.56 27.10
CA ALA C 180 18.82 39.07 25.74
C ALA C 180 18.19 40.16 24.84
N VAL C 181 18.75 40.37 23.64
CA VAL C 181 18.09 41.23 22.64
C VAL C 181 16.82 40.53 22.18
N GLY C 182 15.72 41.24 22.08
CA GLY C 182 14.48 40.54 21.75
C GLY C 182 13.69 40.06 22.97
N ASP C 183 14.31 40.07 24.14
CA ASP C 183 13.56 39.94 25.37
C ASP C 183 12.92 41.28 25.71
N PRO C 184 11.57 41.33 25.69
CA PRO C 184 10.89 42.57 26.06
C PRO C 184 11.00 42.79 27.57
N ARG C 185 11.97 42.13 28.21
CA ARG C 185 12.17 42.23 29.64
C ARG C 185 13.52 42.84 29.99
N ALA C 186 14.38 43.00 28.99
CA ALA C 186 15.78 43.47 29.20
C ALA C 186 15.98 45.00 29.25
N LYS C 187 15.70 45.60 30.39
CA LYS C 187 15.99 47.02 30.60
C LYS C 187 17.45 47.25 31.08
N GLY C 188 18.19 48.07 30.34
CA GLY C 188 19.61 48.30 30.66
C GLY C 188 20.56 47.26 30.07
N GLY C 189 20.03 46.23 29.44
CA GLY C 189 20.86 45.13 29.02
C GLY C 189 20.99 44.16 30.20
N LYS C 190 20.03 44.22 31.11
CA LYS C 190 20.02 43.31 32.24
C LYS C 190 18.62 42.72 32.40
N GLY C 191 18.49 41.52 32.93
CA GLY C 191 17.18 41.00 33.29
C GLY C 191 17.21 40.92 34.77
N TYR C 192 16.31 41.61 35.46
CA TYR C 192 16.35 41.65 36.93
C TYR C 192 15.83 40.33 37.55
N PRO C 193 15.93 40.16 38.90
CA PRO C 193 15.66 38.81 39.44
C PRO C 193 14.28 38.36 39.06
N GLN C 194 14.24 37.15 38.53
CA GLN C 194 13.01 36.62 38.07
C GLN C 194 12.85 35.25 38.63
N GLY C 195 13.74 34.92 39.58
CA GLY C 195 13.66 33.69 40.39
C GLY C 195 14.40 32.47 39.85
N VAL C 196 14.69 31.54 40.76
CA VAL C 196 15.52 30.35 40.48
C VAL C 196 14.93 29.40 39.40
N SER C 197 15.77 28.73 38.61
CA SER C 197 15.28 27.73 37.60
C SER C 197 14.50 26.63 38.27
N TRP C 198 13.58 26.05 37.52
CA TRP C 198 12.46 25.33 38.13
C TRP C 198 12.81 24.33 39.22
N ALA C 199 13.65 23.37 38.86
CA ALA C 199 14.04 22.26 39.72
C ALA C 199 14.65 22.75 40.98
N GLY C 200 15.22 23.95 40.91
CA GLY C 200 15.84 24.57 42.07
C GLY C 200 14.82 24.92 43.12
N ASN C 201 13.55 24.76 42.83
CA ASN C 201 12.54 24.96 43.85
C ASN C 201 12.22 23.79 44.78
N LEU C 202 12.54 22.61 44.31
CA LEU C 202 12.06 21.44 44.92
C LEU C 202 13.16 20.88 45.78
N GLY C 203 12.77 20.56 47.01
CA GLY C 203 13.39 19.44 47.75
C GLY C 203 13.15 18.17 46.94
N GLY C 204 14.00 18.01 45.92
CA GLY C 204 13.81 17.02 44.86
C GLY C 204 13.87 15.60 45.37
N ILE C 205 13.01 14.73 44.82
CA ILE C 205 13.00 13.33 45.24
C ILE C 205 12.89 12.38 44.08
N LEU C 206 13.81 11.43 44.07
CA LEU C 206 13.84 10.36 43.12
C LEU C 206 13.76 9.03 43.83
N VAL C 207 13.43 7.97 43.08
CA VAL C 207 13.60 6.61 43.59
C VAL C 207 14.76 5.91 42.87
N GLU C 208 15.77 5.46 43.61
CA GLU C 208 16.92 4.72 43.03
C GLU C 208 16.70 3.19 43.12
N GLY C 209 17.02 2.48 42.04
CA GLY C 209 17.00 1.01 42.02
C GLY C 209 18.43 0.48 42.04
N ALA C 210 18.57 -0.83 41.86
CA ALA C 210 19.90 -1.38 41.99
C ALA C 210 20.68 -1.19 40.73
N ASN C 211 19.97 -0.87 39.64
CA ASN C 211 20.59 -0.47 38.39
C ASN C 211 19.85 0.68 37.70
N LEU C 212 20.36 1.09 36.55
CA LEU C 212 19.75 2.23 35.87
C LEU C 212 18.35 1.89 35.33
N TYR C 213 18.20 0.68 34.83
CA TYR C 213 16.91 0.26 34.30
C TYR C 213 15.83 0.38 35.38
N GLU C 214 16.09 -0.22 36.54
CA GLU C 214 15.16 -0.15 37.68
C GLU C 214 14.90 1.27 38.06
N THR C 215 15.95 2.06 38.27
CA THR C 215 15.74 3.48 38.59
C THR C 215 14.70 4.17 37.68
N LEU C 216 14.95 4.18 36.37
CA LEU C 216 14.08 4.82 35.39
C LEU C 216 12.65 4.32 35.47
N LEU C 217 12.47 3.00 35.49
CA LEU C 217 11.14 2.46 35.54
C LEU C 217 10.41 2.86 36.81
N LEU C 218 11.13 2.86 37.93
CA LEU C 218 10.50 3.23 39.19
C LEU C 218 9.90 4.63 39.18
N ASN C 219 10.56 5.52 38.44
CA ASN C 219 10.14 6.92 38.36
C ASN C 219 9.18 7.18 37.18
N LEU C 220 8.84 6.14 36.44
CA LEU C 220 8.04 6.40 35.28
C LEU C 220 6.56 6.34 35.67
N VAL C 221 6.05 7.41 36.28
CA VAL C 221 4.70 7.41 36.84
C VAL C 221 3.61 7.15 35.81
N ALA C 222 2.65 6.27 36.11
CA ALA C 222 1.46 6.19 35.23
C ALA C 222 0.69 7.50 35.25
N PHE C 223 0.48 8.00 34.05
CA PHE C 223 -0.35 9.16 33.81
C PHE C 223 -1.74 9.19 34.45
N ASP C 224 -2.35 8.04 34.73
CA ASP C 224 -3.63 8.06 35.39
C ASP C 224 -3.52 8.27 36.90
N THR C 225 -2.33 8.04 37.46
CA THR C 225 -2.02 8.24 38.90
C THR C 225 -2.73 9.42 39.57
N ASP C 226 -3.36 9.19 40.72
CA ASP C 226 -4.14 10.23 41.38
C ASP C 226 -3.42 11.56 41.59
N ASN C 227 -4.12 12.67 41.43
CA ASN C 227 -3.54 14.00 41.66
C ASN C 227 -2.32 14.28 40.82
N LEU C 228 -2.41 13.87 39.55
CA LEU C 228 -1.42 14.21 38.53
C LEU C 228 -2.09 14.82 37.29
N ILE C 229 -1.47 15.85 36.77
CA ILE C 229 -2.07 16.55 35.66
C ILE C 229 -1.15 16.37 34.46
N VAL C 230 -1.59 15.53 33.54
CA VAL C 230 -0.86 15.26 32.30
C VAL C 230 -1.85 15.43 31.14
N THR C 231 -1.81 16.61 30.50
CA THR C 231 -2.73 16.89 29.41
C THR C 231 -2.34 16.11 28.16
N PRO C 232 -3.34 15.86 27.30
CA PRO C 232 -3.17 15.28 25.99
C PRO C 232 -2.08 15.97 25.19
N GLU C 233 -1.60 17.11 25.67
CA GLU C 233 -0.95 18.14 24.84
C GLU C 233 0.46 18.33 25.28
N ASP C 234 0.87 17.43 26.18
CA ASP C 234 2.20 17.39 26.71
C ASP C 234 3.20 17.15 25.60
N ARG C 235 4.35 17.78 25.71
CA ARG C 235 5.37 17.67 24.70
C ARG C 235 6.66 17.98 25.41
N PRO C 236 7.73 17.24 25.11
CA PRO C 236 8.99 17.77 25.63
C PRO C 236 9.39 19.00 24.79
N ALA C 237 10.32 19.79 25.31
CA ALA C 237 10.83 21.00 24.63
C ALA C 237 11.14 20.83 23.13
N TRP C 238 11.88 19.80 22.74
CA TRP C 238 12.25 19.57 21.34
C TRP C 238 11.07 19.18 20.42
N ARG C 239 9.88 19.07 20.99
CA ARG C 239 8.72 18.76 20.19
C ARG C 239 7.83 19.98 20.25
N GLN C 240 8.34 21.09 20.78
CA GLN C 240 7.64 22.37 20.66
C GLN C 240 8.53 23.20 19.76
N PRO C 241 8.04 24.33 19.21
CA PRO C 241 8.96 25.14 18.39
C PRO C 241 10.19 25.68 19.15
N PRO C 242 11.27 26.01 18.42
CA PRO C 242 12.46 26.48 19.10
C PRO C 242 12.19 27.81 19.78
N THR C 243 12.83 28.01 20.92
CA THR C 243 12.46 29.12 21.80
C THR C 243 13.16 30.45 21.38
N THR C 244 12.66 31.62 21.75
CA THR C 244 13.42 32.83 21.44
C THR C 244 13.92 33.53 22.67
N ALA C 245 14.41 34.74 22.49
CA ALA C 245 14.80 35.54 23.62
C ALA C 245 13.57 35.82 24.48
N ALA C 246 12.40 35.74 23.87
CA ALA C 246 11.16 36.02 24.59
C ALA C 246 10.77 34.87 25.47
N PRO C 247 10.13 35.16 26.61
CA PRO C 247 9.36 34.16 27.34
C PRO C 247 8.11 33.78 26.53
N ALA C 248 7.46 32.66 26.85
CA ALA C 248 6.16 32.36 26.25
C ALA C 248 5.14 33.40 26.72
N ASP C 249 4.23 33.82 25.85
CA ASP C 249 3.17 34.72 26.27
C ASP C 249 2.40 34.09 27.42
N ASP C 250 1.87 34.92 28.29
CA ASP C 250 1.21 34.43 29.47
C ASP C 250 0.02 33.54 29.18
N GLU C 251 -0.74 33.89 28.13
CA GLU C 251 -1.90 33.08 27.76
C GLU C 251 -1.50 31.66 27.35
N GLU C 252 -0.24 31.45 26.96
CA GLU C 252 0.29 30.09 26.79
C GLU C 252 0.80 29.51 28.12
N LEU C 253 1.72 30.22 28.77
CA LEU C 253 2.20 29.80 30.09
C LEU C 253 1.05 29.55 31.08
N ALA C 254 -0.15 30.00 30.67
CA ALA C 254 -1.41 29.86 31.42
C ALA C 254 -1.71 28.43 31.87
N GLN C 255 -1.99 27.53 30.93
CA GLN C 255 -2.09 26.11 31.24
C GLN C 255 -0.81 25.43 30.78
N ARG C 256 0.25 25.62 31.57
CA ARG C 256 1.50 24.89 31.39
C ARG C 256 2.13 24.79 32.73
N PRO C 257 2.91 23.74 32.96
CA PRO C 257 3.35 22.65 32.08
C PRO C 257 2.22 21.80 31.49
N TYR C 258 2.36 21.32 30.27
CA TYR C 258 1.34 20.41 29.74
C TYR C 258 1.42 19.00 30.36
N GLY C 259 2.46 18.72 31.14
CA GLY C 259 2.62 17.42 31.78
C GLY C 259 4.08 17.15 31.96
N LEU C 260 4.43 15.90 32.17
CA LEU C 260 5.79 15.60 32.61
C LEU C 260 6.88 15.88 31.59
N CYS C 261 6.57 15.83 30.32
CA CYS C 261 7.63 15.99 29.34
C CYS C 261 8.06 17.40 29.30
N ASP C 262 7.05 18.25 29.24
CA ASP C 262 7.21 19.66 29.19
C ASP C 262 7.95 20.11 30.44
N LEU C 263 7.48 19.60 31.57
CA LEU C 263 8.00 19.94 32.89
C LEU C 263 9.41 19.44 33.11
N TYR C 264 9.67 18.17 32.81
CA TYR C 264 11.03 17.69 32.89
C TYR C 264 11.96 18.23 31.78
N THR C 265 11.45 19.07 30.87
CA THR C 265 12.35 19.72 29.91
C THR C 265 12.32 21.23 30.03
N TRP C 266 11.58 21.73 31.01
CA TRP C 266 11.29 23.16 31.07
C TRP C 266 12.47 24.12 30.74
N GLN C 267 12.20 25.15 29.94
CA GLN C 267 13.25 26.04 29.51
C GLN C 267 13.29 27.25 30.44
N SER C 268 13.81 27.07 31.64
CA SER C 268 13.79 28.14 32.61
C SER C 268 14.68 29.31 32.23
N ARG C 269 15.59 29.10 31.28
CA ARG C 269 16.55 30.11 30.90
C ARG C 269 16.65 30.11 29.42
N ARG C 270 17.50 30.98 28.89
CA ARG C 270 17.86 30.94 27.48
C ARG C 270 19.38 30.94 27.44
N ILE C 271 19.96 30.02 26.68
CA ILE C 271 21.40 29.94 26.71
C ILE C 271 21.88 29.79 25.30
N ARG C 272 23.07 30.35 25.04
CA ARG C 272 23.81 30.02 23.83
C ARG C 272 25.26 29.73 24.18
N LEU C 273 25.71 28.54 23.78
CA LEU C 273 27.11 28.21 23.91
C LEU C 273 27.95 28.85 22.79
N HIS C 274 29.11 29.42 23.16
CA HIS C 274 30.01 29.97 22.19
C HIS C 274 31.19 29.07 22.10
N TYR C 275 31.48 28.57 20.90
CA TYR C 275 32.48 27.50 20.78
C TYR C 275 33.22 27.48 19.48
N ASP C 276 34.31 26.74 19.46
CA ASP C 276 35.04 26.52 18.23
C ASP C 276 34.96 25.06 17.91
N ALA C 277 35.86 24.60 17.06
CA ALA C 277 35.74 23.26 16.54
C ALA C 277 36.04 22.24 17.58
N ASP C 278 36.93 22.51 18.56
CA ASP C 278 37.21 21.50 19.60
C ASP C 278 36.46 21.63 20.87
N GLY C 279 36.27 22.85 21.35
CA GLY C 279 35.56 23.02 22.61
C GLY C 279 34.46 24.07 22.71
N VAL C 280 34.07 24.34 23.94
CA VAL C 280 33.25 25.50 24.23
C VAL C 280 34.07 26.45 25.10
N TYR C 281 34.13 27.71 24.67
CA TYR C 281 34.82 28.75 25.42
C TYR C 281 33.91 29.71 26.15
N GLY C 282 32.76 30.02 25.61
CA GLY C 282 31.96 30.97 26.35
C GLY C 282 30.53 30.55 26.48
N VAL C 283 29.75 31.42 27.12
CA VAL C 283 28.29 31.33 27.15
C VAL C 283 27.60 32.68 27.17
N LEU C 284 26.32 32.69 26.79
CA LEU C 284 25.41 33.73 27.23
C LEU C 284 24.25 33.07 27.97
N LEU C 285 23.94 33.57 29.16
CA LEU C 285 22.82 33.05 29.92
C LEU C 285 21.87 34.15 30.34
N ALA C 286 20.71 34.22 29.68
CA ALA C 286 19.58 35.04 30.16
C ALA C 286 18.43 34.21 30.78
N TYR C 287 17.45 34.92 31.34
CA TYR C 287 16.26 34.25 31.87
C TYR C 287 15.41 33.64 30.74
N GLY C 288 14.71 32.57 31.09
CA GLY C 288 13.74 31.90 30.21
C GLY C 288 12.31 32.06 30.67
N ASP C 289 11.54 30.97 30.62
CA ASP C 289 10.12 30.97 31.05
C ASP C 289 9.98 30.73 32.53
N PRO C 290 9.41 31.75 33.20
CA PRO C 290 9.23 31.71 34.63
C PRO C 290 8.14 30.70 34.95
N LEU C 291 8.31 29.97 36.04
CA LEU C 291 7.23 29.10 36.47
C LEU C 291 7.19 29.03 38.01
N ALA C 292 6.24 29.72 38.61
CA ALA C 292 6.26 29.88 40.07
C ALA C 292 5.52 28.70 40.68
N PRO C 293 6.11 28.09 41.74
CA PRO C 293 5.80 26.77 42.21
C PRO C 293 4.59 26.72 43.16
N HIS C 294 3.81 27.78 43.16
CA HIS C 294 2.60 27.82 43.94
C HIS C 294 1.60 26.81 43.42
N ASN C 295 0.98 26.08 44.36
CA ASN C 295 0.04 25.01 44.06
C ASN C 295 0.37 24.26 42.79
N LYS C 296 1.62 23.93 42.53
CA LYS C 296 1.87 23.04 41.41
C LYS C 296 1.93 21.58 41.88
N HIS C 297 1.34 21.24 43.02
CA HIS C 297 1.52 19.90 43.60
C HIS C 297 0.87 18.79 42.78
N ASN C 298 -0.02 19.22 41.87
CA ASN C 298 -0.58 18.32 40.88
C ASN C 298 0.25 18.08 39.62
N HIS C 299 1.37 18.80 39.49
CA HIS C 299 2.20 18.78 38.28
C HIS C 299 3.56 18.21 38.55
N GLU C 300 4.06 18.37 39.77
CA GLU C 300 5.44 18.02 40.08
C GLU C 300 5.53 16.86 41.05
N PRO C 301 5.77 15.66 40.48
CA PRO C 301 5.76 14.42 41.24
C PRO C 301 7.01 14.29 42.09
N MET C 302 8.07 15.02 41.74
CA MET C 302 9.36 14.92 42.44
C MET C 302 9.66 15.84 43.68
N THR C 303 8.62 16.31 44.40
CA THR C 303 8.76 16.85 45.77
C THR C 303 7.64 16.52 46.71
N ALA C 304 7.97 16.67 47.98
CA ALA C 304 7.01 16.82 49.04
C ALA C 304 6.56 18.27 49.01
N TRP C 305 5.35 18.48 49.49
CA TRP C 305 4.70 19.77 49.52
C TRP C 305 4.45 20.23 50.94
N ARG C 306 4.45 21.53 51.11
CA ARG C 306 3.94 22.05 52.33
C ARG C 306 3.04 23.28 52.09
N ARG C 307 2.00 23.41 52.89
CA ARG C 307 1.10 24.54 52.81
C ARG C 307 1.63 25.72 53.59
N SER C 308 1.49 26.92 53.03
CA SER C 308 2.04 28.14 53.64
C SER C 308 0.95 29.16 53.90
N PRO C 309 0.64 29.38 55.17
CA PRO C 309 -0.41 30.37 55.40
C PRO C 309 0.14 31.76 55.04
N ALA C 310 1.47 31.87 55.07
CA ALA C 310 2.19 33.05 54.62
C ALA C 310 1.64 33.57 53.30
N GLN C 311 1.67 32.70 52.30
CA GLN C 311 1.30 33.06 50.94
C GLN C 311 -0.20 33.16 50.80
N GLU C 312 -0.93 32.33 51.51
CA GLU C 312 -2.38 32.44 51.49
C GLU C 312 -2.81 33.84 51.96
N LYS C 313 -2.22 34.29 53.06
CA LYS C 313 -2.42 35.65 53.57
C LYS C 313 -2.00 36.64 52.48
N LYS C 314 -0.84 36.40 51.89
CA LYS C 314 -0.20 37.41 51.07
C LYS C 314 -0.83 37.53 49.69
N LEU C 315 -1.18 36.42 49.06
CA LEU C 315 -1.87 36.43 47.75
C LEU C 315 -3.40 36.41 47.90
N LYS C 316 -3.85 36.45 49.16
CA LYS C 316 -5.28 36.46 49.49
C LYS C 316 -6.05 35.33 48.84
N LYS C 317 -5.42 34.16 48.73
CA LYS C 317 -6.06 32.95 48.21
C LYS C 317 -6.37 32.02 49.36
N PRO C 318 -7.45 31.22 49.25
CA PRO C 318 -7.78 30.31 50.37
C PRO C 318 -6.69 29.27 50.66
N GLN C 319 -6.12 28.69 49.61
CA GLN C 319 -5.21 27.58 49.75
C GLN C 319 -3.95 27.82 48.91
N VAL C 320 -2.76 27.58 49.47
CA VAL C 320 -1.50 27.56 48.69
C VAL C 320 -0.51 26.55 49.25
N TYR C 321 -0.14 25.59 48.40
CA TYR C 321 0.92 24.64 48.70
C TYR C 321 2.19 25.02 47.97
N LEU C 322 3.34 24.55 48.49
CA LEU C 322 4.66 24.97 48.02
C LEU C 322 5.65 23.87 48.23
N PRO C 323 6.66 23.76 47.35
CA PRO C 323 7.62 22.67 47.54
C PRO C 323 8.24 22.78 48.90
N ARG C 324 8.32 21.64 49.61
CA ARG C 324 9.12 21.56 50.83
C ARG C 324 10.54 21.39 50.39
N GLU C 325 11.45 22.26 50.79
CA GLU C 325 12.81 22.09 50.29
C GLU C 325 13.61 21.25 51.28
N HIS C 326 14.76 20.75 50.85
CA HIS C 326 15.62 19.96 51.73
C HIS C 326 16.37 20.85 52.70
N ASP C 327 16.86 20.33 53.80
CA ASP C 327 17.66 21.17 54.71
C ASP C 327 19.02 20.47 55.02
N PRO C 328 20.14 21.05 54.49
CA PRO C 328 21.43 20.35 54.55
C PRO C 328 21.91 20.02 55.96
N THR C 329 21.41 20.72 57.00
CA THR C 329 21.66 20.43 58.43
C THR C 329 21.37 19.01 58.85
N ARG C 330 20.22 18.49 58.41
CA ARG C 330 19.70 17.20 58.87
C ARG C 330 19.88 16.09 57.87
N SER C 331 20.14 14.89 58.38
CA SER C 331 20.19 13.71 57.52
C SER C 331 18.80 13.34 57.06
N ALA C 332 18.77 12.74 55.87
CA ALA C 332 17.56 12.38 55.15
C ALA C 332 16.43 11.77 56.00
N TRP C 333 16.79 10.73 56.76
CA TRP C 333 15.84 9.98 57.54
C TRP C 333 15.03 10.83 58.50
N ARG C 334 15.46 12.07 58.77
CA ARG C 334 14.68 12.90 59.70
C ARG C 334 13.40 13.44 59.11
N GLY C 335 13.31 13.46 57.78
CA GLY C 335 12.07 13.80 57.11
C GLY C 335 11.18 12.65 56.64
N LEU C 336 11.45 11.41 57.07
CA LEU C 336 10.55 10.27 56.85
C LEU C 336 9.08 10.63 56.97
N GLY C 337 8.76 11.41 57.99
CA GLY C 337 7.39 11.78 58.29
C GLY C 337 6.68 12.15 57.01
N ALA C 338 7.24 13.14 56.29
CA ALA C 338 6.72 13.64 55.02
C ALA C 338 6.76 12.58 53.96
N LEU C 339 7.94 11.98 53.84
CA LEU C 339 8.21 10.93 52.86
C LEU C 339 7.32 9.71 52.92
N VAL C 340 7.03 9.21 54.12
CA VAL C 340 6.27 7.98 54.22
C VAL C 340 4.77 8.22 54.34
N ALA C 341 4.38 9.20 55.16
CA ALA C 341 2.97 9.56 55.34
C ALA C 341 2.55 10.96 54.84
N GLY C 342 3.49 11.83 54.53
CA GLY C 342 3.13 13.23 54.36
C GLY C 342 2.81 13.96 55.67
N GLU C 343 3.61 13.72 56.72
CA GLU C 343 3.44 14.43 57.98
C GLU C 343 4.65 15.29 58.29
N ALA C 344 4.48 16.31 59.12
CA ALA C 344 5.52 17.32 59.31
C ALA C 344 5.11 18.14 60.52
N SER C 345 5.94 18.23 61.54
CA SER C 345 5.38 18.64 62.82
C SER C 345 4.56 19.97 62.88
N GLY C 346 4.71 20.84 61.87
CA GLY C 346 3.83 22.04 61.74
C GLY C 346 2.35 21.68 61.59
N ALA C 347 2.08 20.63 60.83
CA ALA C 347 0.78 19.93 60.74
C ALA C 347 -0.48 20.79 60.81
N GLU C 348 -1.40 20.43 61.71
CA GLU C 348 -2.69 21.11 61.84
C GLU C 348 -2.57 22.62 61.95
N GLN C 349 -1.53 23.12 62.62
CA GLN C 349 -1.18 24.53 62.60
C GLN C 349 -1.36 25.18 61.22
N ARG C 350 -0.84 24.53 60.17
CA ARG C 350 -0.86 25.06 58.81
C ARG C 350 -2.08 24.60 58.02
N GLY C 351 -2.75 23.56 58.52
CA GLY C 351 -3.87 22.91 57.83
C GLY C 351 -3.43 22.26 56.55
N GLU C 352 -2.32 21.50 56.60
CA GLU C 352 -1.76 20.74 55.47
C GLU C 352 -2.53 19.44 55.27
N ALA C 353 -2.59 18.93 54.04
CA ALA C 353 -3.16 17.59 53.79
C ALA C 353 -2.08 16.54 53.42
N ALA C 354 -2.00 15.49 54.24
CA ALA C 354 -0.91 14.54 54.17
C ALA C 354 -0.91 13.83 52.83
N ALA C 355 -2.11 13.62 52.30
CA ALA C 355 -2.36 13.14 50.95
C ALA C 355 -1.54 13.93 49.94
N ILE C 356 -1.56 15.25 50.10
CA ILE C 356 -0.85 16.21 49.23
C ILE C 356 0.67 16.34 49.54
N VAL C 357 1.02 16.44 50.83
CA VAL C 357 2.40 16.61 51.25
C VAL C 357 3.38 15.57 50.70
N ARG C 358 3.01 14.29 50.76
CA ARG C 358 3.89 13.23 50.32
C ARG C 358 4.10 13.34 48.84
N PRO C 359 5.35 13.25 48.38
CA PRO C 359 5.75 13.34 46.97
C PRO C 359 4.95 12.40 46.09
N ARG C 360 4.42 12.90 44.96
CA ARG C 360 3.54 12.03 44.11
C ARG C 360 4.26 10.78 43.71
N ILE C 361 5.54 10.95 43.45
CA ILE C 361 6.39 9.89 43.03
C ILE C 361 6.36 8.70 44.03
N LEU C 362 6.27 8.99 45.32
CA LEU C 362 6.07 7.90 46.30
C LEU C 362 4.66 7.37 46.33
N ASP C 363 3.64 8.24 46.24
CA ASP C 363 2.27 7.74 46.02
C ASP C 363 2.28 6.70 44.90
N TRP C 364 3.10 6.98 43.88
CA TRP C 364 3.25 6.15 42.70
C TRP C 364 3.79 4.76 43.09
N VAL C 365 4.94 4.74 43.75
CA VAL C 365 5.47 3.51 44.26
C VAL C 365 4.48 2.81 45.15
N ALA C 366 3.93 3.59 46.09
CA ALA C 366 2.88 3.12 46.98
C ALA C 366 1.76 2.40 46.21
N ARG C 367 1.44 2.95 45.04
CA ARG C 367 0.39 2.39 44.23
C ARG C 367 0.85 1.04 43.75
N LEU C 368 2.11 0.98 43.37
CA LEU C 368 2.62 -0.21 42.73
C LEU C 368 2.68 -1.31 43.73
N VAL C 369 3.02 -0.97 44.97
CA VAL C 369 2.99 -1.91 46.06
C VAL C 369 1.55 -2.35 46.28
N ASN C 370 0.66 -1.38 46.27
CA ASN C 370 -0.71 -1.65 46.67
C ASN C 370 -1.42 -2.61 45.71
N GLU C 371 -1.04 -2.52 44.45
CA GLU C 371 -1.62 -3.35 43.43
C GLU C 371 -0.69 -4.55 43.23
N GLY C 372 0.37 -4.63 44.03
CA GLY C 372 1.26 -5.79 44.07
C GLY C 372 2.12 -6.05 42.86
N PHE C 373 2.33 -5.03 42.02
CA PHE C 373 3.38 -5.13 41.00
C PHE C 373 4.77 -5.16 41.66
N LEU C 374 4.88 -4.52 42.84
CA LEU C 374 6.05 -4.65 43.71
C LEU C 374 5.71 -5.47 44.94
N PRO C 375 6.63 -6.37 45.35
CA PRO C 375 6.46 -7.09 46.60
C PRO C 375 6.60 -6.13 47.77
N GLU C 376 6.04 -6.52 48.93
CA GLU C 376 6.14 -5.66 50.08
C GLU C 376 7.57 -5.53 50.55
N ASP C 377 8.31 -6.62 50.63
CA ASP C 377 9.71 -6.53 51.04
C ASP C 377 10.66 -6.02 49.91
N TYR C 378 10.13 -5.37 48.87
CA TYR C 378 10.99 -4.68 47.89
C TYR C 378 11.78 -3.56 48.57
N PHE C 379 13.01 -3.32 48.16
CA PHE C 379 13.76 -2.24 48.80
C PHE C 379 14.04 -1.12 47.79
N ILE C 380 13.86 0.14 48.20
CA ILE C 380 14.24 1.29 47.36
C ILE C 380 15.17 2.27 48.09
N ARG C 381 16.02 2.96 47.35
CA ARG C 381 16.79 4.08 47.89
C ARG C 381 15.97 5.25 47.46
N THR C 382 15.66 6.11 48.40
CA THR C 382 14.89 7.29 48.07
C THR C 382 15.83 8.43 48.17
N ARG C 383 16.13 9.01 47.03
CA ARG C 383 17.16 10.01 46.94
C ARG C 383 16.66 11.43 47.23
N LEU C 384 17.39 12.20 48.04
CA LEU C 384 16.98 13.57 48.31
C LEU C 384 17.96 14.52 47.65
N ILE C 385 17.61 15.16 46.54
CA ILE C 385 18.59 16.06 45.91
C ILE C 385 18.12 17.48 45.75
N GLY C 386 19.05 18.39 46.01
CA GLY C 386 18.73 19.80 45.92
C GLY C 386 19.87 20.78 45.93
N VAL C 387 19.52 22.06 45.74
CA VAL C 387 20.47 23.14 45.86
C VAL C 387 19.91 24.03 46.94
N SER C 388 20.70 24.37 47.96
CA SER C 388 20.27 25.47 48.80
C SER C 388 21.02 26.72 48.38
N TYR C 389 20.24 27.68 47.91
CA TYR C 389 20.69 28.90 47.36
C TYR C 389 21.19 29.82 48.47
N GLY C 390 22.00 30.80 48.10
CA GLY C 390 22.57 31.71 49.07
C GLY C 390 21.71 32.92 49.24
N THR C 391 22.33 34.02 49.71
CA THR C 391 21.73 35.36 49.77
C THR C 391 20.93 35.76 48.54
N GLN C 392 19.74 36.33 48.79
CA GLN C 392 18.94 36.85 47.71
C GLN C 392 18.90 35.83 46.59
N GLN C 393 19.07 34.57 46.95
CA GLN C 393 18.93 33.43 46.05
C GLN C 393 19.77 33.48 44.81
N ALA C 394 20.93 34.15 44.88
CA ALA C 394 21.72 34.42 43.68
C ALA C 394 23.10 33.80 43.64
N VAL C 395 23.40 32.99 44.64
CA VAL C 395 24.62 32.20 44.66
C VAL C 395 24.25 30.83 45.18
N ILE C 396 25.08 29.82 44.93
CA ILE C 396 24.77 28.49 45.48
C ILE C 396 25.59 28.37 46.73
N ASP C 397 24.95 28.05 47.84
CA ASP C 397 25.66 27.89 49.11
C ASP C 397 26.24 26.50 49.14
N GLU C 398 25.36 25.52 48.93
CA GLU C 398 25.75 24.12 48.78
C GLU C 398 24.66 23.24 48.13
N ILE C 399 25.09 22.06 47.70
CA ILE C 399 24.21 21.02 47.19
C ILE C 399 23.83 20.02 48.29
N VAL C 400 22.57 19.61 48.32
CA VAL C 400 22.10 18.65 49.25
C VAL C 400 21.97 17.37 48.48
N ASP C 401 22.71 16.35 48.85
CA ASP C 401 22.52 15.04 48.23
C ASP C 401 22.53 13.95 49.25
N ASP C 402 21.35 13.44 49.60
CA ASP C 402 21.25 12.36 50.55
C ASP C 402 20.32 11.32 49.96
N HIS C 403 19.93 10.34 50.79
CA HIS C 403 18.94 9.34 50.42
C HIS C 403 18.61 8.51 51.62
N VAL C 404 17.50 7.78 51.52
CA VAL C 404 17.07 6.86 52.57
C VAL C 404 16.74 5.48 52.02
N ALA C 405 17.48 4.43 52.42
CA ALA C 405 17.15 3.06 51.98
C ALA C 405 16.10 2.44 52.85
N MET C 406 15.16 1.76 52.21
CA MET C 406 14.00 1.26 52.94
C MET C 406 13.09 0.31 52.21
N ALA C 407 12.36 -0.45 53.00
CA ALA C 407 11.42 -1.45 52.52
C ALA C 407 10.22 -0.72 52.01
N VAL C 408 9.59 -1.29 51.01
CA VAL C 408 8.48 -0.61 50.43
C VAL C 408 7.22 -0.75 51.28
N VAL C 409 7.19 -1.76 52.15
CA VAL C 409 6.13 -1.94 53.19
C VAL C 409 5.82 -0.64 53.93
N LEU C 410 6.84 0.21 54.06
CA LEU C 410 6.72 1.45 54.80
C LEU C 410 5.74 2.44 54.17
N LEU C 411 5.76 2.56 52.85
CA LEU C 411 4.75 3.35 52.12
C LEU C 411 3.38 2.74 52.29
N HIS C 412 3.34 1.42 52.31
CA HIS C 412 2.07 0.79 52.49
C HIS C 412 1.55 0.94 53.88
N GLU C 413 2.32 0.52 54.87
CA GLU C 413 1.82 0.45 56.24
C GLU C 413 1.94 1.74 57.06
N ARG C 414 1.93 2.90 56.37
CA ARG C 414 2.10 4.23 57.01
C ARG C 414 1.09 4.68 58.09
N ASP C 415 -0.19 4.35 57.95
CA ASP C 415 -1.17 4.64 59.00
C ASP C 415 -0.68 4.05 60.31
N SER C 416 -0.64 2.72 60.36
CA SER C 416 -0.43 2.00 61.62
C SER C 416 0.55 0.81 61.62
N GLY C 417 1.00 0.34 60.46
CA GLY C 417 1.93 -0.81 60.42
C GLY C 417 3.35 -0.46 60.84
N LEU C 418 4.33 -1.07 60.18
CA LEU C 418 5.74 -0.74 60.41
C LEU C 418 6.02 0.69 59.97
N GLY C 419 5.28 1.13 58.96
CA GLY C 419 5.29 2.51 58.51
C GLY C 419 5.23 3.49 59.67
N ARG C 420 4.22 3.34 60.53
CA ARG C 420 4.12 4.21 61.71
C ARG C 420 5.37 4.08 62.58
N THR C 421 5.76 2.84 62.86
CA THR C 421 6.87 2.58 63.75
C THR C 421 8.07 3.43 63.38
N ALA C 422 8.41 3.46 62.09
CA ALA C 422 9.51 4.29 61.60
C ALA C 422 9.30 5.77 61.90
N ILE C 423 8.12 6.28 61.60
CA ILE C 423 7.81 7.67 61.86
C ILE C 423 7.97 7.98 63.35
N LYS C 424 7.53 7.07 64.21
CA LYS C 424 7.67 7.26 65.63
C LYS C 424 9.09 7.11 66.13
N ALA C 425 9.80 6.12 65.58
CA ALA C 425 11.20 5.90 65.89
C ALA C 425 12.01 7.13 65.62
N VAL C 426 11.69 7.87 64.55
CA VAL C 426 12.33 9.16 64.36
C VAL C 426 11.98 10.14 65.47
N GLU C 427 10.69 10.31 65.76
CA GLU C 427 10.28 11.18 66.87
C GLU C 427 11.05 10.84 68.16
N ASP C 428 11.29 9.54 68.42
CA ASP C 428 12.13 9.09 69.55
C ASP C 428 13.52 9.65 69.39
N ALA C 429 14.09 9.53 68.19
CA ALA C 429 15.43 10.02 67.95
C ALA C 429 15.52 11.53 68.25
N GLU C 430 14.61 12.33 67.71
CA GLU C 430 14.58 13.76 68.01
C GLU C 430 14.38 14.05 69.47
N LYS C 431 13.41 13.38 70.10
CA LYS C 431 13.14 13.50 71.53
C LYS C 431 14.39 13.26 72.40
N ALA C 432 15.17 12.26 72.03
CA ALA C 432 16.38 11.95 72.77
C ALA C 432 17.48 12.99 72.61
N VAL C 433 17.65 13.53 71.40
CA VAL C 433 18.68 14.54 71.19
C VAL C 433 18.32 15.82 71.91
N THR C 434 17.05 16.22 71.90
CA THR C 434 16.60 17.32 72.74
C THR C 434 17.07 17.14 74.19
N VAL C 435 16.94 15.93 74.73
CA VAL C 435 17.40 15.71 76.12
C VAL C 435 18.90 16.04 76.22
N LEU C 436 19.63 15.75 75.14
CA LEU C 436 21.07 15.93 75.15
C LEU C 436 21.39 17.41 75.04
N GLY C 437 20.78 18.08 74.06
CA GLY C 437 20.84 19.53 73.92
C GLY C 437 20.68 20.18 75.29
N GLY C 438 19.67 19.70 76.04
CA GLY C 438 19.35 20.19 77.37
C GLY C 438 20.53 20.07 78.30
N LEU C 439 21.19 18.92 78.27
CA LEU C 439 22.32 18.66 79.15
C LEU C 439 23.51 19.54 78.83
N ALA C 440 23.67 19.87 77.55
CA ALA C 440 24.70 20.78 77.10
C ALA C 440 24.50 22.17 77.69
N ALA C 441 23.27 22.68 77.58
CA ALA C 441 22.91 24.00 78.05
C ALA C 441 23.00 24.06 79.54
N ASP C 442 22.38 23.07 80.19
CA ASP C 442 22.49 22.88 81.65
C ASP C 442 23.97 23.05 82.09
N LEU C 443 24.87 22.58 81.24
CA LEU C 443 26.29 22.48 81.58
C LEU C 443 27.00 23.79 81.32
N ALA C 444 26.67 24.42 80.20
CA ALA C 444 27.16 25.77 79.93
C ALA C 444 26.63 26.72 81.03
N LYS C 445 25.33 26.63 81.31
CA LYS C 445 24.75 27.42 82.38
C LYS C 445 25.38 27.15 83.72
N ALA C 446 25.81 25.92 83.96
CA ALA C 446 26.41 25.49 85.22
C ALA C 446 27.78 26.14 85.48
N ALA C 447 28.39 26.59 84.37
CA ALA C 447 29.67 27.28 84.37
C ALA C 447 29.56 28.69 83.76
N GLY C 448 28.34 29.19 83.63
CA GLY C 448 28.12 30.56 83.20
C GLY C 448 28.41 30.86 81.74
N ALA C 449 28.71 29.84 80.93
CA ALA C 449 28.99 30.03 79.51
C ALA C 449 27.70 30.09 78.71
N ASP C 450 27.68 30.86 77.63
CA ASP C 450 26.45 31.03 76.83
C ASP C 450 26.06 29.69 76.22
N PRO C 451 24.81 29.24 76.43
CA PRO C 451 24.48 27.84 76.15
C PRO C 451 24.32 27.50 74.68
N GLU C 452 24.42 28.51 73.82
CA GLU C 452 24.01 28.40 72.43
C GLU C 452 24.80 27.39 71.62
N THR C 453 26.12 27.53 71.56
CA THR C 453 26.96 26.56 70.87
C THR C 453 26.92 25.17 71.50
N PRO C 454 27.52 25.00 72.72
CA PRO C 454 27.36 23.75 73.49
C PRO C 454 26.06 22.95 73.17
N ARG C 455 24.91 23.63 73.06
CA ARG C 455 23.66 22.97 72.66
C ARG C 455 23.63 22.56 71.18
N ALA C 456 23.91 23.47 70.27
CA ALA C 456 23.93 23.09 68.86
C ALA C 456 25.03 22.08 68.54
N ALA C 457 26.13 22.15 69.29
CA ALA C 457 27.25 21.22 69.15
C ALA C 457 26.83 19.82 69.56
N ALA C 458 26.16 19.76 70.71
CA ALA C 458 25.73 18.50 71.27
C ALA C 458 24.70 17.85 70.33
N ARG C 459 23.83 18.68 69.76
CA ARG C 459 22.76 18.14 68.95
C ARG C 459 23.30 17.51 67.70
N ASP C 460 24.29 18.16 67.11
CA ASP C 460 25.04 17.57 66.00
C ASP C 460 25.69 16.27 66.38
N ARG C 461 26.53 16.31 67.40
CA ARG C 461 27.12 15.07 67.91
C ARG C 461 26.02 13.99 68.16
N GLY C 462 24.86 14.44 68.59
CA GLY C 462 23.78 13.51 68.90
C GLY C 462 23.27 12.75 67.70
N PHE C 463 22.85 13.49 66.68
CA PHE C 463 22.32 12.86 65.50
C PHE C 463 23.42 12.13 64.77
N GLY C 464 24.66 12.55 64.96
CA GLY C 464 25.81 11.93 64.35
C GLY C 464 25.96 10.51 64.83
N MET C 465 26.04 10.34 66.15
CA MET C 465 26.05 9.03 66.78
C MET C 465 24.79 8.18 66.53
N LEU C 466 23.66 8.84 66.26
CA LEU C 466 22.41 8.13 66.00
C LEU C 466 22.21 7.81 64.53
N ASP C 467 22.77 8.64 63.64
CA ASP C 467 22.49 8.54 62.20
C ASP C 467 22.78 7.15 61.67
N GLY C 468 24.05 6.76 61.76
CA GLY C 468 24.46 5.40 61.35
C GLY C 468 23.49 4.28 61.71
N PRO C 469 23.37 3.99 63.02
CA PRO C 469 22.49 3.01 63.63
C PRO C 469 21.03 3.09 63.14
N PHE C 470 20.49 4.31 63.12
CA PHE C 470 19.12 4.47 62.66
C PHE C 470 18.88 3.97 61.24
N ARG C 471 19.77 4.37 60.32
CA ARG C 471 19.75 3.86 58.95
C ARG C 471 19.59 2.33 58.91
N THR C 472 20.30 1.70 59.85
CA THR C 472 20.47 0.29 59.81
C THR C 472 19.29 -0.40 60.45
N TRP C 473 18.83 0.19 61.55
CA TRP C 473 17.57 -0.24 62.18
C TRP C 473 16.39 -0.09 61.22
N LEU C 474 16.42 0.97 60.41
CA LEU C 474 15.37 1.20 59.40
C LEU C 474 15.30 0.04 58.44
N ALA C 475 16.47 -0.40 57.97
CA ALA C 475 16.48 -1.52 57.06
C ALA C 475 16.15 -2.88 57.70
N THR C 476 16.02 -2.96 59.03
CA THR C 476 15.45 -4.14 59.70
C THR C 476 13.98 -4.38 59.41
N LEU C 477 13.23 -3.28 59.19
CA LEU C 477 11.79 -3.34 58.92
C LEU C 477 11.48 -4.01 57.57
N ALA C 478 10.82 -5.16 57.69
CA ALA C 478 10.39 -5.99 56.58
C ALA C 478 9.09 -6.68 57.00
N PRO C 479 8.25 -7.08 56.04
CA PRO C 479 6.92 -7.63 56.28
C PRO C 479 6.83 -8.55 57.48
N GLY C 480 7.79 -9.48 57.59
CA GLY C 480 7.76 -10.44 58.72
C GLY C 480 7.82 -9.84 60.13
N THR C 481 8.50 -8.70 60.27
CA THR C 481 8.87 -8.18 61.59
C THR C 481 7.70 -7.64 62.45
N ASP C 482 8.01 -7.32 63.68
CA ASP C 482 7.03 -6.94 64.66
C ASP C 482 7.23 -5.47 65.09
N ALA C 483 6.24 -4.63 64.77
CA ALA C 483 6.28 -3.20 65.11
C ALA C 483 6.67 -2.95 66.58
N THR C 484 6.02 -3.62 67.52
CA THR C 484 6.38 -3.39 68.93
C THR C 484 7.82 -3.80 69.28
N GLU C 485 8.22 -5.00 68.88
CA GLU C 485 9.59 -5.55 69.01
C GLU C 485 10.64 -4.56 68.53
N ARG C 486 10.53 -4.20 67.25
CA ARG C 486 11.43 -3.26 66.60
C ARG C 486 11.48 -1.92 67.30
N ARG C 487 10.33 -1.44 67.73
CA ARG C 487 10.28 -0.19 68.46
C ARG C 487 11.19 -0.19 69.70
N ARG C 488 11.02 -1.19 70.57
CA ARG C 488 11.85 -1.37 71.73
C ARG C 488 13.30 -1.46 71.29
N ALA C 489 13.55 -2.32 70.33
CA ALA C 489 14.89 -2.45 69.75
C ALA C 489 15.58 -1.11 69.52
N TRP C 490 14.84 -0.16 68.93
CA TRP C 490 15.38 1.17 68.62
C TRP C 490 15.67 2.01 69.84
N GLN C 491 14.67 2.21 70.66
CA GLN C 491 14.86 2.92 71.89
C GLN C 491 16.02 2.35 72.73
N GLN C 492 16.12 1.03 72.88
CA GLN C 492 17.27 0.52 73.63
C GLN C 492 18.58 0.99 72.99
N LYS C 493 18.63 0.98 71.66
CA LYS C 493 19.83 1.45 70.95
C LYS C 493 20.11 2.94 71.15
N ALA C 494 19.14 3.78 70.80
CA ALA C 494 19.20 5.22 71.05
C ALA C 494 19.62 5.56 72.49
N HIS C 495 18.92 5.01 73.47
CA HIS C 495 19.29 5.24 74.85
C HIS C 495 20.79 5.06 75.10
N ARG C 496 21.36 3.99 74.57
CA ARG C 496 22.75 3.64 74.84
C ARG C 496 23.66 4.67 74.21
N ILE C 497 23.69 4.70 72.89
CA ILE C 497 24.36 5.75 72.12
C ILE C 497 24.34 7.08 72.84
N ILE C 498 23.14 7.53 73.20
CA ILE C 498 22.96 8.90 73.63
C ILE C 498 23.35 9.15 75.05
N SER C 499 23.12 8.16 75.88
CA SER C 499 23.52 8.30 77.23
C SER C 499 25.04 8.16 77.31
N ASP C 500 25.64 7.31 76.48
CA ASP C 500 27.11 7.16 76.48
C ASP C 500 27.73 8.47 76.07
N LEU C 501 27.11 9.12 75.10
CA LEU C 501 27.55 10.43 74.64
C LEU C 501 27.34 11.46 75.71
N GLY C 502 26.22 11.40 76.43
CA GLY C 502 26.05 12.24 77.60
C GLY C 502 27.19 12.13 78.62
N ARG C 503 27.61 10.90 78.92
CA ARG C 503 28.75 10.68 79.81
C ARG C 503 29.97 11.48 79.29
N GLN C 504 30.17 11.51 77.98
CA GLN C 504 31.28 12.26 77.39
C GLN C 504 31.14 13.75 77.61
N LEU C 505 29.99 14.35 77.30
CA LEU C 505 29.84 15.79 77.46
C LEU C 505 30.16 16.17 78.89
N VAL C 506 29.63 15.36 79.79
CA VAL C 506 29.90 15.46 81.22
C VAL C 506 31.40 15.44 81.57
N ALA C 507 32.15 14.50 81.00
CA ALA C 507 33.61 14.46 81.14
C ALA C 507 34.27 15.71 80.57
N GLU C 508 33.99 15.97 79.29
CA GLU C 508 34.53 17.10 78.57
C GLU C 508 34.22 18.45 79.22
N ALA C 509 33.10 18.55 79.92
CA ALA C 509 32.81 19.72 80.72
C ALA C 509 33.87 19.90 81.81
N GLY C 510 34.34 18.78 82.36
CA GLY C 510 35.36 18.78 83.40
C GLY C 510 36.62 19.34 82.82
N GLU C 511 37.21 18.62 81.86
CA GLU C 511 38.43 19.09 81.15
C GLU C 511 38.34 20.51 80.60
N ALA C 512 37.27 20.85 79.86
CA ALA C 512 37.09 22.21 79.33
C ALA C 512 37.37 23.33 80.37
N ALA C 513 36.87 23.16 81.61
CA ALA C 513 37.13 24.11 82.70
C ALA C 513 38.55 23.97 83.30
N TRP C 514 39.19 22.82 83.05
CA TRP C 514 40.58 22.57 83.47
C TRP C 514 41.59 23.30 82.59
N ASN C 515 41.19 23.58 81.34
CA ASN C 515 42.03 24.26 80.33
C ASN C 515 41.65 25.71 80.08
N GLY C 516 40.38 26.04 80.20
CA GLY C 516 39.95 27.43 80.15
C GLY C 516 40.01 28.13 81.50
N ARG C 517 38.83 28.33 82.07
CA ARG C 517 38.63 29.07 83.31
C ARG C 517 39.30 28.37 84.49
N THR C 524 30.80 29.72 92.04
CA THR C 524 29.74 29.26 91.14
C THR C 524 29.23 27.87 91.50
N ASP C 525 30.12 27.04 92.06
CA ASP C 525 29.80 25.63 92.36
C ASP C 525 29.33 24.91 91.11
N VAL C 526 29.72 25.46 89.95
CA VAL C 526 29.84 24.76 88.68
C VAL C 526 29.75 23.28 88.84
N TRP C 527 30.60 22.79 89.76
CA TRP C 527 30.73 21.40 90.15
C TRP C 527 29.43 20.74 90.59
N LEU C 528 28.86 21.16 91.72
CA LEU C 528 27.52 20.71 92.11
C LEU C 528 26.52 20.74 90.95
N ASN C 529 26.38 21.91 90.32
CA ASN C 529 25.43 22.14 89.23
C ASN C 529 25.64 21.20 88.07
N ALA C 530 26.92 20.96 87.76
CA ALA C 530 27.34 20.01 86.73
C ALA C 530 26.85 18.62 87.06
N SER C 531 27.08 18.18 88.28
CA SER C 531 26.52 16.92 88.73
C SER C 531 24.99 16.87 88.56
N ARG C 532 24.29 17.92 88.99
CA ARG C 532 22.82 17.94 89.03
C ARG C 532 22.24 17.92 87.62
N ALA C 533 22.74 18.83 86.79
CA ALA C 533 22.46 18.80 85.35
C ALA C 533 22.63 17.39 84.72
N ASP C 534 23.54 16.59 85.29
CA ASP C 534 23.75 15.22 84.84
C ASP C 534 22.60 14.32 85.29
N LEU C 535 22.43 14.20 86.61
CA LEU C 535 21.39 13.37 87.21
C LEU C 535 20.06 13.71 86.57
N LYS C 536 19.80 15.00 86.32
CA LYS C 536 18.56 15.40 85.61
C LYS C 536 18.44 14.76 84.22
N PHE C 537 19.49 14.88 83.42
CA PHE C 537 19.53 14.35 82.07
C PHE C 537 19.32 12.82 82.03
N ARG C 538 20.02 12.08 82.87
CA ARG C 538 19.81 10.61 83.00
C ARG C 538 18.34 10.20 83.16
N ALA C 539 17.72 10.77 84.20
CA ALA C 539 16.32 10.60 84.47
C ALA C 539 15.45 11.07 83.30
N GLU C 540 15.74 12.24 82.74
CA GLU C 540 14.96 12.82 81.63
C GLU C 540 15.03 12.01 80.34
N LEU C 541 16.12 11.28 80.16
CA LEU C 541 16.26 10.43 78.97
C LEU C 541 15.38 9.21 79.09
N LYS C 542 15.29 8.65 80.29
CA LYS C 542 14.43 7.50 80.52
C LYS C 542 12.99 7.85 80.29
N LYS C 543 12.55 9.04 80.67
CA LYS C 543 11.19 9.45 80.36
C LYS C 543 10.90 9.59 78.87
N GLU C 544 11.81 10.17 78.12
CA GLU C 544 11.60 10.30 76.68
C GLU C 544 11.73 8.98 75.91
N LEU C 545 12.44 8.03 76.51
CA LEU C 545 12.71 6.71 75.94
C LEU C 545 12.19 5.56 76.79
N PRO C 546 10.87 5.57 77.09
CA PRO C 546 10.39 4.72 78.18
C PRO C 546 10.38 3.25 77.83
N MET C 547 10.65 2.90 76.59
CA MET C 547 10.69 1.50 76.19
C MET C 547 12.07 0.89 76.38
N ALA C 548 13.05 1.69 76.83
CA ALA C 548 14.41 1.21 77.07
C ALA C 548 14.58 0.89 78.54
N THR C 549 15.02 -0.33 78.84
CA THR C 549 15.35 -0.74 80.23
C THR C 549 16.66 -1.51 80.25
#